data_7FII
#
_entry.id   7FII
#
_cell.length_a   1.00
_cell.length_b   1.00
_cell.length_c   1.00
_cell.angle_alpha   90.00
_cell.angle_beta   90.00
_cell.angle_gamma   90.00
#
_symmetry.space_group_name_H-M   'P 1'
#
loop_
_entity.id
_entity.type
_entity.pdbx_description
1 polymer 'Engineered Guanine nucleotide-binding protein G(s) subunit alpha'
2 polymer 'Guanine nucleotide-binding protein G(I)/G(S)/G(T) subunit beta-1'
3 polymer 'Guanine nucleotide-binding protein G(I)/G(S)/G(O) subunit gamma-2'
4 polymer 'Lutropin-choriogonadotropic hormone receptor'
5 polymer 'Glycoprotein hormones alpha chain'
6 polymer 'Choriogonadotropin subunit beta 3'
#
loop_
_entity_poly.entity_id
_entity_poly.type
_entity_poly.pdbx_seq_one_letter_code
_entity_poly.pdbx_strand_id
1 'polypeptide(L)'
;MGCTLSAEDKAAVERSKMIEKQLQKDKQVYRATHRLLLLGADNSGKSTIVKQMRIYHVNGYSEEECKQYKAVVYSNTIQS
IIAIIRAMGRLKIDFGDSARADDARQLFVLAGAAEEGFMTAELAGVIKRLWKDSGVQACFNRSREYQLNDSAAYYLNDLD
RIAQPNYIPTQQDVLRTRVKTSGIFETKFQVDKVNFHMFDVGAQRDERRKWIQCFNDVTAIIFVVDSSDYNRLQEALNDF
KSIWNNRWLRTISVILFLNKQDLLAEKVLAGKSKIEDYFPEFARYTTPEDATPEPGEDPRVTRAKYFIRDEFLRISTASG
DGRHYCYPHFTCSVDTENARRIFNDCRDIIQRMHLRQYELL
;
A
2 'polypeptide(L)'
;HHHHHHGSLLQSELDQLRQEAEQLKNQIRDARKACADATLSQITNNIDPVGRIQMRTRRTLRGHLAKIYAMHWGTDSRLL
VSASQDGKLIIWDSYTTNKVHAIPLRSSWVMTCAYAPSGNYVACGGLDNICSIYNLKTREGNVRVSRELAGHTGYLSCCR
FLDDNQIVTSSGDTTCALWDIETGQQTTTFTGHTGDVMSLSLAPDTRLFVSGACDASAKLWDVREGMCRQTFTGHESDIN
AICFFPNGNAFATGSDDATCRLFDLRADQELMTYSHDNIICGITSVSFSKSGRLLLAGYDDFNCNVWDALKADRAGVLAG
HDNRVSCLGVTDDGMAVATGSWDSFLKIWN
;
B
3 'polypeptide(L)' MASNNTASIAQARKLVEQLKMEANIDRIKVSKAAADLMAYCEAHAKEDPLLTPVPASENPFREKKFFCAIL G
4 'polypeptide(L)'
;DYKDDDDVENLYFQGASALCPEPCNCVPDGALRCPGPTAGLTRLSLAYLPVKVIPSQAFRGLNEVIKIEISQIDSLERIE
ANAFDNLLNLSEILIQNTKNLRYIEPGAFINLPRLKYLSICNTGIRKFPDVTKVFSSESNFILEICDNLHITTIPGNAFQ
GMNNESVTLKLYGNGFEEVQSHAFNGTTLTSLELKENVHLEKMHNGAFRGATGPKTLDISSTKLQALPSYGLESIQRLIA
TSSYSLKKLPSRETFVNLLEATLTYPSHCCAFRNLPTKEQNFSHSISENFSKQCESTVRKVNNKTLYSSMLAESELSGWD
YEYGFCLPKTPRCAPEPDAFNPCEDIMGYDFLRVLIWLINILAIMGNMTVLFVLLTSRYKLTVPRFLMCNLSFADFCMGL
YLLLIASVDSQTKGQYYNHAIDWQTGSGCSTAGFFTVFASELSVYTLTVITLERWHTITYAIHLDQKLRLRHAILIMLGG
WLFSSLIAMLPLVGVSNYMKVSICFPMDVETTLSQVYILTILILNVVAFFIICACYIKIYFAVRNPELMATNKDTKIAKK
MAILIFTDFTCMAPISFFAISAAFKVPLITVTNSKVLLVLFYPINSCANPFLYAIFTKTFQRDFFLLLSKFGCCKRRAEL
YRRKDFSAYTSNCKNGFTGSNKPSQSTLKLSTLHCQGTALLDKTRYTECHHHHHHHH
;
R
5 'polypeptide(L)'
;MDYYRKYAAIFLVTLSVFLHVLHSAPDVQDCPECTLQENPFFSQPGAPILQCMGCCFSRAYPTPLRSKKTMLVQKNVTSE
STCCVAKSYNRVTVMGGFKVENHTACHCSTCYYHKS
;
X
6 'polypeptide(L)'
;MEMFQGLLLLLLLSMGGTWASKEPLRPRCRPINATLAVEKEGCPVCITVNTTICAGYCPTMTRVLQGVLPALPQVVCNYR
DVRFESIRLPGCPRGVNPVVSYAVALSCQCALCRRSTTDCGGPKDHPLTCDDPRFQDSSSSKAPPPSLPSPSRLPGPSDT
PILPQ
;
Y
#
# COMPACT_ATOMS: atom_id res chain seq x y z
N CYS A 3 -24.52 15.17 16.03
CA CYS A 3 -25.21 16.07 15.05
C CYS A 3 -26.47 16.65 15.66
N THR A 4 -27.08 17.61 14.95
CA THR A 4 -28.29 18.28 15.39
C THR A 4 -29.46 17.80 14.53
N LEU A 5 -30.55 17.41 15.18
CA LEU A 5 -31.74 16.94 14.48
C LEU A 5 -32.96 17.17 15.36
N SER A 6 -34.13 17.14 14.73
CA SER A 6 -35.37 17.34 15.44
C SER A 6 -35.76 16.08 16.22
N ALA A 7 -36.73 16.23 17.12
CA ALA A 7 -37.19 15.10 17.92
C ALA A 7 -37.74 13.99 17.04
N GLU A 8 -38.62 14.34 16.10
CA GLU A 8 -39.12 13.34 15.16
C GLU A 8 -37.99 12.80 14.29
N ASP A 9 -37.11 13.69 13.83
CA ASP A 9 -35.95 13.25 13.05
C ASP A 9 -35.05 12.35 13.88
N LYS A 10 -34.85 12.69 15.16
CA LYS A 10 -34.03 11.84 16.02
C LYS A 10 -34.65 10.46 16.20
N ALA A 11 -35.97 10.40 16.40
CA ALA A 11 -36.64 9.11 16.55
C ALA A 11 -36.52 8.29 15.27
N ALA A 12 -36.71 8.94 14.12
CA ALA A 12 -36.57 8.23 12.84
C ALA A 12 -35.15 7.71 12.65
N VAL A 13 -34.14 8.51 13.01
CA VAL A 13 -32.76 8.07 12.88
C VAL A 13 -32.49 6.89 13.81
N GLU A 14 -33.02 6.94 15.03
CA GLU A 14 -32.84 5.83 15.95
C GLU A 14 -33.48 4.56 15.42
N ARG A 15 -34.69 4.67 14.86
CA ARG A 15 -35.35 3.50 14.27
C ARG A 15 -34.54 2.96 13.10
N SER A 16 -34.03 3.84 12.25
CA SER A 16 -33.22 3.40 11.11
C SER A 16 -31.95 2.70 11.58
N LYS A 17 -31.32 3.22 12.63
CA LYS A 17 -30.12 2.59 13.16
C LYS A 17 -30.44 1.22 13.74
N MET A 18 -31.57 1.09 14.44
CA MET A 18 -31.97 -0.21 14.97
C MET A 18 -32.21 -1.20 13.83
N ILE A 19 -32.88 -0.76 12.78
CA ILE A 19 -33.13 -1.63 11.63
C ILE A 19 -31.81 -2.03 10.97
N GLU A 20 -30.87 -1.09 10.87
CA GLU A 20 -29.57 -1.39 10.29
C GLU A 20 -28.83 -2.43 11.11
N LYS A 21 -28.86 -2.28 12.44
CA LYS A 21 -28.22 -3.26 13.31
C LYS A 21 -28.86 -4.64 13.16
N GLN A 22 -30.20 -4.68 13.11
CA GLN A 22 -30.90 -5.95 12.98
C GLN A 22 -30.55 -6.63 11.65
N LEU A 23 -30.53 -5.87 10.56
CA LEU A 23 -30.23 -6.47 9.27
C LEU A 23 -28.75 -6.86 9.16
N GLN A 24 -27.86 -6.14 9.83
CA GLN A 24 -26.47 -6.56 9.88
C GLN A 24 -26.32 -7.87 10.64
N LYS A 25 -27.02 -8.00 11.77
CA LYS A 25 -27.01 -9.26 12.51
C LYS A 25 -27.55 -10.40 11.66
N ASP A 26 -28.64 -10.16 10.93
CA ASP A 26 -29.17 -11.19 10.04
C ASP A 26 -28.17 -11.55 8.95
N LYS A 27 -27.51 -10.54 8.37
CA LYS A 27 -26.53 -10.80 7.33
C LYS A 27 -25.38 -11.65 7.85
N GLN A 28 -24.94 -11.38 9.08
CA GLN A 28 -23.83 -12.16 9.65
C GLN A 28 -24.12 -13.66 9.55
N VAL A 29 -25.34 -14.07 9.93
CA VAL A 29 -25.71 -15.47 9.80
C VAL A 29 -25.91 -15.85 8.34
N TYR A 30 -26.49 -14.96 7.54
CA TYR A 30 -26.82 -15.28 6.16
C TYR A 30 -25.57 -15.64 5.35
N ARG A 31 -24.50 -14.86 5.51
CA ARG A 31 -23.29 -15.12 4.75
C ARG A 31 -22.68 -16.48 5.08
N ALA A 32 -22.91 -16.97 6.29
CA ALA A 32 -22.36 -18.26 6.70
C ALA A 32 -23.16 -19.44 6.16
N THR A 33 -24.30 -19.20 5.54
CA THR A 33 -25.16 -20.26 5.02
C THR A 33 -24.90 -20.44 3.53
N HIS A 34 -24.69 -21.70 3.12
CA HIS A 34 -24.45 -22.04 1.73
C HIS A 34 -25.77 -22.47 1.08
N ARG A 35 -26.13 -21.81 -0.01
CA ARG A 35 -27.38 -22.09 -0.71
C ARG A 35 -27.12 -23.15 -1.77
N LEU A 36 -27.89 -24.24 -1.72
CA LEU A 36 -27.79 -25.33 -2.68
C LEU A 36 -29.18 -25.67 -3.18
N LEU A 37 -29.28 -25.98 -4.48
CA LEU A 37 -30.54 -26.30 -5.13
C LEU A 37 -30.52 -27.75 -5.61
N LEU A 38 -31.64 -28.45 -5.40
CA LEU A 38 -31.78 -29.85 -5.75
C LEU A 38 -32.74 -30.00 -6.91
N LEU A 39 -32.32 -30.75 -7.93
CA LEU A 39 -33.15 -31.06 -9.09
C LEU A 39 -33.24 -32.57 -9.27
N GLY A 40 -34.43 -33.04 -9.60
CA GLY A 40 -34.63 -34.46 -9.81
C GLY A 40 -36.03 -34.74 -10.32
N ALA A 41 -36.15 -35.87 -11.02
CA ALA A 41 -37.43 -36.29 -11.54
C ALA A 41 -38.30 -36.88 -10.44
N ASP A 42 -39.57 -37.10 -10.76
CA ASP A 42 -40.48 -37.70 -9.78
C ASP A 42 -40.02 -39.10 -9.38
N ASN A 43 -39.57 -39.90 -10.34
CA ASN A 43 -39.07 -41.23 -10.06
C ASN A 43 -37.58 -41.26 -9.79
N SER A 44 -36.91 -40.10 -9.78
CA SER A 44 -35.47 -40.04 -9.56
C SER A 44 -35.08 -40.42 -8.14
N GLY A 45 -36.03 -40.52 -7.22
CA GLY A 45 -35.73 -40.86 -5.85
C GLY A 45 -35.28 -39.72 -4.98
N LYS A 46 -35.53 -38.47 -5.38
CA LYS A 46 -35.13 -37.33 -4.57
C LYS A 46 -35.78 -37.39 -3.18
N SER A 47 -36.98 -37.94 -3.09
CA SER A 47 -37.63 -38.07 -1.78
C SER A 47 -36.80 -38.93 -0.84
N THR A 48 -36.30 -40.07 -1.35
CA THR A 48 -35.44 -40.92 -0.54
C THR A 48 -34.16 -40.21 -0.16
N ILE A 49 -33.58 -39.44 -1.10
CA ILE A 49 -32.34 -38.73 -0.82
C ILE A 49 -32.54 -37.73 0.32
N VAL A 50 -33.62 -36.95 0.26
CA VAL A 50 -33.89 -35.99 1.33
C VAL A 50 -34.25 -36.69 2.63
N LYS A 51 -34.90 -37.86 2.56
CA LYS A 51 -35.25 -38.59 3.77
C LYS A 51 -34.01 -39.03 4.54
N GLN A 52 -32.97 -39.47 3.82
CA GLN A 52 -31.76 -39.93 4.49
C GLN A 52 -31.12 -38.81 5.30
N MET A 53 -31.02 -37.61 4.72
CA MET A 53 -30.45 -36.48 5.43
C MET A 53 -31.42 -35.88 6.45
N ARG A 54 -32.71 -36.21 6.36
CA ARG A 54 -33.68 -35.68 7.30
C ARG A 54 -33.42 -36.15 8.73
N ILE A 55 -32.81 -37.34 8.90
CA ILE A 55 -32.51 -37.84 10.23
C ILE A 55 -31.40 -37.03 10.91
N TYR A 56 -30.68 -36.20 10.14
CA TYR A 56 -29.59 -35.40 10.70
C TYR A 56 -29.87 -33.93 10.49
N HIS A 57 -31.09 -33.49 10.81
CA HIS A 57 -31.46 -32.09 10.64
C HIS A 57 -30.54 -31.19 11.45
N VAL A 58 -30.64 -29.89 11.18
CA VAL A 58 -29.77 -28.89 11.81
C VAL A 58 -30.34 -28.61 13.21
N ASN A 59 -29.83 -29.31 14.22
CA ASN A 59 -30.18 -29.12 15.62
C ASN A 59 -31.68 -29.32 15.87
N GLY A 60 -32.40 -29.91 14.93
CA GLY A 60 -33.84 -30.10 15.11
C GLY A 60 -34.63 -28.84 14.89
N TYR A 61 -34.33 -27.80 15.68
CA TYR A 61 -35.03 -26.53 15.57
C TYR A 61 -34.15 -25.42 16.10
N SER A 62 -34.50 -24.19 15.75
CA SER A 62 -33.77 -23.00 16.18
C SER A 62 -34.73 -22.03 16.83
N GLU A 63 -34.17 -21.07 17.57
CA GLU A 63 -35.00 -20.09 18.26
C GLU A 63 -35.87 -19.31 17.28
N GLU A 64 -35.25 -18.73 16.25
CA GLU A 64 -36.04 -18.04 15.23
C GLU A 64 -36.95 -19.02 14.49
N GLU A 65 -36.44 -20.20 14.15
CA GLU A 65 -37.26 -21.20 13.49
C GLU A 65 -38.40 -21.65 14.39
N CYS A 66 -38.14 -21.83 15.68
CA CYS A 66 -39.18 -22.22 16.62
C CYS A 66 -40.26 -21.14 16.71
N LYS A 67 -39.85 -19.87 16.79
CA LYS A 67 -40.83 -18.79 16.84
C LYS A 67 -41.66 -18.74 15.57
N GLN A 68 -41.02 -18.90 14.42
CA GLN A 68 -41.76 -18.90 13.15
C GLN A 68 -42.75 -20.06 13.09
N TYR A 69 -42.33 -21.25 13.55
CA TYR A 69 -43.23 -22.40 13.55
C TYR A 69 -44.40 -22.17 14.49
N LYS A 70 -44.15 -21.59 15.66
CA LYS A 70 -45.24 -21.31 16.59
C LYS A 70 -46.22 -20.31 16.00
N ALA A 71 -45.71 -19.26 15.36
CA ALA A 71 -46.59 -18.28 14.73
C ALA A 71 -47.40 -18.91 13.61
N VAL A 72 -46.78 -19.77 12.81
CA VAL A 72 -47.49 -20.44 11.73
C VAL A 72 -48.58 -21.34 12.28
N VAL A 73 -48.27 -22.07 13.37
CA VAL A 73 -49.27 -22.95 13.97
C VAL A 73 -50.43 -22.14 14.51
N TYR A 74 -50.15 -21.02 15.17
CA TYR A 74 -51.23 -20.18 15.69
C TYR A 74 -52.09 -19.63 14.56
N SER A 75 -51.45 -19.17 13.47
CA SER A 75 -52.21 -18.66 12.33
C SER A 75 -53.07 -19.75 11.72
N ASN A 76 -52.53 -20.97 11.59
CA ASN A 76 -53.30 -22.07 11.03
C ASN A 76 -54.48 -22.42 11.91
N THR A 77 -54.28 -22.43 13.23
CA THR A 77 -55.39 -22.71 14.14
C THR A 77 -56.47 -21.64 14.03
N ILE A 78 -56.06 -20.37 13.96
CA ILE A 78 -57.04 -19.29 13.83
C ILE A 78 -57.81 -19.43 12.52
N GLN A 79 -57.10 -19.73 11.43
CA GLN A 79 -57.76 -19.90 10.14
C GLN A 79 -58.74 -21.07 10.16
N SER A 80 -58.34 -22.18 10.80
CA SER A 80 -59.24 -23.32 10.90
C SER A 80 -60.48 -22.99 11.71
N ILE A 81 -60.31 -22.27 12.81
CA ILE A 81 -61.46 -21.88 13.62
C ILE A 81 -62.39 -20.96 12.82
N ILE A 82 -61.82 -20.01 12.09
CA ILE A 82 -62.63 -19.09 11.29
C ILE A 82 -63.38 -19.87 10.21
N ALA A 83 -62.71 -20.81 9.55
CA ALA A 83 -63.36 -21.60 8.52
C ALA A 83 -64.49 -22.44 9.10
N ILE A 84 -64.28 -23.04 10.27
CA ILE A 84 -65.32 -23.84 10.90
C ILE A 84 -66.51 -22.97 11.25
N ILE A 85 -66.26 -21.77 11.79
CA ILE A 85 -67.36 -20.87 12.13
C ILE A 85 -68.12 -20.46 10.89
N ARG A 86 -67.40 -20.15 9.81
CA ARG A 86 -68.07 -19.74 8.57
C ARG A 86 -68.91 -20.89 8.01
N ALA A 87 -68.38 -22.11 8.03
CA ALA A 87 -69.14 -23.26 7.55
C ALA A 87 -70.39 -23.48 8.39
N MET A 88 -70.26 -23.36 9.71
CA MET A 88 -71.42 -23.53 10.58
C MET A 88 -72.47 -22.47 10.30
N GLY A 89 -72.05 -21.22 10.10
CA GLY A 89 -73.00 -20.14 9.87
C GLY A 89 -73.60 -20.11 8.49
N ARG A 90 -72.92 -20.70 7.50
CA ARG A 90 -73.40 -20.70 6.12
C ARG A 90 -74.01 -22.03 5.70
N LEU A 91 -74.02 -23.02 6.58
CA LEU A 91 -74.60 -24.32 6.24
C LEU A 91 -76.11 -24.19 6.05
N LYS A 92 -76.73 -25.29 5.63
CA LYS A 92 -78.18 -25.28 5.44
C LYS A 92 -78.90 -24.99 6.74
N ILE A 93 -78.45 -25.58 7.85
CA ILE A 93 -79.02 -25.35 9.17
C ILE A 93 -78.02 -24.53 9.98
N ASP A 94 -78.50 -23.43 10.56
CA ASP A 94 -77.63 -22.56 11.34
C ASP A 94 -77.32 -23.18 12.70
N PHE A 95 -76.47 -24.22 12.69
CA PHE A 95 -76.10 -24.90 13.92
C PHE A 95 -75.22 -23.99 14.77
N GLY A 96 -75.78 -23.48 15.87
CA GLY A 96 -75.04 -22.60 16.76
C GLY A 96 -74.32 -23.36 17.85
N ASP A 97 -73.60 -22.61 18.68
CA ASP A 97 -72.88 -23.20 19.79
C ASP A 97 -73.85 -23.70 20.85
N SER A 98 -73.38 -24.65 21.65
CA SER A 98 -74.22 -25.22 22.70
C SER A 98 -74.66 -24.16 23.70
N ALA A 99 -73.84 -23.14 23.92
CA ALA A 99 -74.16 -22.06 24.84
C ALA A 99 -73.79 -20.72 24.19
N ARG A 100 -74.50 -19.67 24.59
CA ARG A 100 -74.21 -18.35 24.07
C ARG A 100 -72.80 -17.91 24.43
N ALA A 101 -72.27 -18.39 25.55
CA ALA A 101 -70.90 -18.06 25.93
C ALA A 101 -69.90 -18.58 24.90
N ASP A 102 -70.13 -19.79 24.39
CA ASP A 102 -69.26 -20.33 23.36
C ASP A 102 -69.30 -19.49 22.10
N ASP A 103 -70.50 -19.04 21.70
CA ASP A 103 -70.61 -18.18 20.52
C ASP A 103 -69.90 -16.86 20.74
N ALA A 104 -70.03 -16.27 21.93
CA ALA A 104 -69.34 -15.02 22.21
C ALA A 104 -67.82 -15.21 22.18
N ARG A 105 -67.34 -16.32 22.74
CA ARG A 105 -65.91 -16.60 22.71
C ARG A 105 -65.41 -16.78 21.28
N GLN A 106 -66.19 -17.48 20.45
CA GLN A 106 -65.81 -17.65 19.05
C GLN A 106 -65.77 -16.32 18.32
N LEU A 107 -66.76 -15.46 18.58
CA LEU A 107 -66.76 -14.14 17.95
C LEU A 107 -65.56 -13.32 18.39
N PHE A 108 -65.22 -13.37 19.68
CA PHE A 108 -64.05 -12.65 20.16
C PHE A 108 -62.77 -13.18 19.53
N VAL A 109 -62.66 -14.50 19.40
CA VAL A 109 -61.48 -15.08 18.77
C VAL A 109 -61.38 -14.64 17.31
N LEU A 110 -62.51 -14.63 16.60
CA LEU A 110 -62.50 -14.14 15.22
C LEU A 110 -62.06 -12.68 15.17
N ALA A 111 -62.57 -11.86 16.08
CA ALA A 111 -62.11 -10.47 16.17
C ALA A 111 -60.64 -10.40 16.56
N GLY A 112 -60.20 -11.28 17.46
CA GLY A 112 -58.81 -11.33 17.88
C GLY A 112 -57.87 -12.03 16.93
N ALA A 113 -58.39 -12.55 15.81
CA ALA A 113 -57.54 -13.22 14.84
C ALA A 113 -56.55 -12.28 14.18
N ALA A 114 -56.74 -10.97 14.33
CA ALA A 114 -55.85 -9.97 13.74
C ALA A 114 -54.54 -9.81 14.51
N GLU A 115 -54.23 -10.73 15.43
CA GLU A 115 -52.99 -10.64 16.19
C GLU A 115 -51.79 -10.74 15.25
N GLU A 116 -50.63 -10.34 15.78
CA GLU A 116 -49.39 -10.32 15.00
C GLU A 116 -48.68 -11.66 14.97
N GLY A 117 -49.38 -12.75 15.30
CA GLY A 117 -48.78 -14.07 15.26
C GLY A 117 -48.93 -14.84 16.55
N PHE A 118 -49.21 -14.12 17.65
CA PHE A 118 -49.35 -14.73 18.96
C PHE A 118 -50.83 -14.94 19.27
N MET A 119 -51.18 -16.16 19.65
CA MET A 119 -52.55 -16.51 19.98
C MET A 119 -52.70 -16.60 21.49
N THR A 120 -53.65 -15.86 22.05
CA THR A 120 -53.86 -15.87 23.49
C THR A 120 -54.39 -17.24 23.94
N ALA A 121 -54.06 -17.59 25.19
CA ALA A 121 -54.51 -18.86 25.73
C ALA A 121 -56.03 -18.92 25.82
N GLU A 122 -56.68 -17.78 26.03
CA GLU A 122 -58.13 -17.76 26.10
C GLU A 122 -58.75 -18.20 24.79
N LEU A 123 -58.21 -17.73 23.66
CA LEU A 123 -58.73 -18.15 22.37
C LEU A 123 -58.56 -19.64 22.15
N ALA A 124 -57.39 -20.18 22.53
CA ALA A 124 -57.18 -21.62 22.38
C ALA A 124 -58.14 -22.41 23.24
N GLY A 125 -58.37 -21.96 24.48
CA GLY A 125 -59.33 -22.65 25.34
C GLY A 125 -60.74 -22.60 24.78
N VAL A 126 -61.14 -21.44 24.25
CA VAL A 126 -62.46 -21.32 23.66
C VAL A 126 -62.60 -22.24 22.46
N ILE A 127 -61.57 -22.31 21.62
CA ILE A 127 -61.62 -23.19 20.46
C ILE A 127 -61.72 -24.65 20.89
N LYS A 128 -60.94 -25.03 21.90
CA LYS A 128 -61.00 -26.40 22.40
C LYS A 128 -62.38 -26.73 22.95
N ARG A 129 -62.97 -25.81 23.71
CA ARG A 129 -64.30 -26.05 24.25
C ARG A 129 -65.33 -26.18 23.13
N LEU A 130 -65.23 -25.33 22.11
CA LEU A 130 -66.16 -25.41 20.99
C LEU A 130 -66.02 -26.73 20.25
N TRP A 131 -64.78 -27.19 20.05
CA TRP A 131 -64.56 -28.45 19.35
C TRP A 131 -65.18 -29.62 20.10
N LYS A 132 -65.22 -29.56 21.43
CA LYS A 132 -65.81 -30.65 22.20
C LYS A 132 -67.31 -30.80 21.97
N ASP A 133 -67.98 -29.73 21.52
CA ASP A 133 -69.41 -29.81 21.26
C ASP A 133 -69.70 -30.77 20.11
N SER A 134 -70.74 -31.57 20.28
CA SER A 134 -71.12 -32.51 19.23
C SER A 134 -71.55 -31.80 17.96
N GLY A 135 -72.29 -30.70 18.10
CA GLY A 135 -72.75 -29.97 16.92
C GLY A 135 -71.60 -29.40 16.10
N VAL A 136 -70.58 -28.86 16.77
CA VAL A 136 -69.44 -28.31 16.06
C VAL A 136 -68.72 -29.41 15.29
N GLN A 137 -68.50 -30.56 15.93
CA GLN A 137 -67.84 -31.67 15.25
C GLN A 137 -68.65 -32.15 14.06
N ALA A 138 -69.98 -32.25 14.23
CA ALA A 138 -70.82 -32.68 13.12
C ALA A 138 -70.76 -31.69 11.96
N CYS A 139 -70.79 -30.39 12.26
CA CYS A 139 -70.70 -29.39 11.21
C CYS A 139 -69.35 -29.46 10.50
N PHE A 140 -68.27 -29.65 11.26
CA PHE A 140 -66.95 -29.76 10.64
C PHE A 140 -66.88 -30.99 9.73
N ASN A 141 -67.42 -32.12 10.20
CA ASN A 141 -67.41 -33.32 9.37
C ASN A 141 -68.23 -33.12 8.10
N ARG A 142 -69.39 -32.48 8.21
CA ARG A 142 -70.23 -32.24 7.04
C ARG A 142 -69.63 -31.22 6.09
N SER A 143 -68.73 -30.36 6.59
CA SER A 143 -68.09 -29.34 5.77
C SER A 143 -66.61 -29.63 5.54
N ARG A 144 -66.25 -30.92 5.46
CA ARG A 144 -64.86 -31.29 5.23
C ARG A 144 -64.37 -30.87 3.86
N GLU A 145 -65.28 -30.59 2.92
CA GLU A 145 -64.91 -30.18 1.57
C GLU A 145 -64.75 -28.67 1.44
N TYR A 146 -64.89 -27.92 2.52
CA TYR A 146 -64.77 -26.47 2.48
C TYR A 146 -63.29 -26.09 2.45
N GLN A 147 -62.99 -24.80 2.63
CA GLN A 147 -61.64 -24.30 2.61
C GLN A 147 -60.90 -24.50 3.94
N LEU A 148 -61.46 -25.30 4.85
CA LEU A 148 -60.80 -25.55 6.12
C LEU A 148 -59.52 -26.34 5.91
N ASN A 149 -58.51 -26.04 6.71
CA ASN A 149 -57.23 -26.74 6.60
C ASN A 149 -57.39 -28.21 6.91
N ASP A 150 -56.63 -29.04 6.18
CA ASP A 150 -56.71 -30.48 6.39
C ASP A 150 -56.27 -30.87 7.79
N SER A 151 -55.39 -30.08 8.42
CA SER A 151 -54.90 -30.35 9.76
C SER A 151 -55.77 -29.71 10.84
N ALA A 152 -57.02 -29.34 10.50
CA ALA A 152 -57.90 -28.73 11.50
C ALA A 152 -58.17 -29.69 12.65
N ALA A 153 -58.44 -30.96 12.33
CA ALA A 153 -58.70 -31.94 13.38
C ALA A 153 -57.47 -32.12 14.27
N TYR A 154 -56.28 -32.19 13.66
CA TYR A 154 -55.06 -32.33 14.45
C TYR A 154 -54.85 -31.11 15.34
N TYR A 155 -55.08 -29.92 14.80
CA TYR A 155 -54.93 -28.70 15.61
C TYR A 155 -55.90 -28.69 16.78
N LEU A 156 -57.16 -29.07 16.53
CA LEU A 156 -58.14 -29.11 17.60
C LEU A 156 -57.75 -30.13 18.67
N ASN A 157 -57.30 -31.32 18.24
CA ASN A 157 -56.88 -32.33 19.20
C ASN A 157 -55.66 -31.87 19.99
N ASP A 158 -54.71 -31.21 19.32
CA ASP A 158 -53.49 -30.74 19.95
C ASP A 158 -53.61 -29.32 20.49
N LEU A 159 -54.80 -28.73 20.44
CA LEU A 159 -54.98 -27.37 20.94
C LEU A 159 -54.63 -27.26 22.41
N ASP A 160 -54.83 -28.34 23.17
CA ASP A 160 -54.49 -28.32 24.59
C ASP A 160 -53.00 -28.10 24.79
N ARG A 161 -52.17 -28.79 24.00
CA ARG A 161 -50.73 -28.60 24.10
C ARG A 161 -50.29 -27.27 23.52
N ILE A 162 -50.94 -26.80 22.46
CA ILE A 162 -50.57 -25.53 21.86
C ILE A 162 -50.82 -24.38 22.83
N ALA A 163 -51.91 -24.45 23.59
CA ALA A 163 -52.22 -23.40 24.55
C ALA A 163 -51.17 -23.26 25.66
N GLN A 164 -50.38 -24.31 25.91
CA GLN A 164 -49.36 -24.22 26.93
C GLN A 164 -48.20 -23.34 26.48
N PRO A 165 -47.61 -22.58 27.40
CA PRO A 165 -46.50 -21.70 27.02
C PRO A 165 -45.27 -22.50 26.62
N ASN A 166 -44.46 -21.88 25.75
CA ASN A 166 -43.21 -22.50 25.30
C ASN A 166 -43.46 -23.83 24.62
N TYR A 167 -44.54 -23.92 23.85
CA TYR A 167 -44.85 -25.14 23.12
C TYR A 167 -43.79 -25.40 22.05
N ILE A 168 -43.41 -26.65 21.90
CA ILE A 168 -42.39 -27.07 20.94
C ILE A 168 -43.02 -28.09 19.99
N PRO A 169 -43.57 -27.64 18.86
CA PRO A 169 -44.15 -28.58 17.91
C PRO A 169 -43.09 -29.50 17.31
N THR A 170 -43.53 -30.71 16.99
CA THR A 170 -42.63 -31.69 16.38
C THR A 170 -42.31 -31.29 14.94
N GLN A 171 -41.18 -31.81 14.45
CA GLN A 171 -40.78 -31.51 13.08
C GLN A 171 -41.81 -32.02 12.08
N GLN A 172 -42.34 -33.23 12.31
CA GLN A 172 -43.37 -33.76 11.43
C GLN A 172 -44.63 -32.89 11.47
N ASP A 173 -45.01 -32.44 12.66
CA ASP A 173 -46.17 -31.56 12.78
C ASP A 173 -45.95 -30.25 12.03
N VAL A 174 -44.75 -29.67 12.15
CA VAL A 174 -44.45 -28.43 11.44
C VAL A 174 -44.52 -28.65 9.93
N LEU A 175 -43.94 -29.76 9.46
CA LEU A 175 -43.98 -30.06 8.03
C LEU A 175 -45.41 -30.23 7.55
N ARG A 176 -46.24 -30.94 8.32
CA ARG A 176 -47.64 -31.11 7.94
C ARG A 176 -48.37 -29.77 7.90
N THR A 177 -48.11 -28.91 8.88
CA THR A 177 -48.74 -27.58 8.87
C THR A 177 -48.30 -26.78 7.65
N ARG A 178 -47.03 -26.88 7.26
CA ARG A 178 -46.51 -26.21 6.08
C ARG A 178 -46.59 -27.08 4.84
N VAL A 179 -47.16 -28.27 4.93
CA VAL A 179 -47.27 -29.18 3.79
C VAL A 179 -48.46 -28.73 2.96
N LYS A 180 -48.18 -28.13 1.81
CA LYS A 180 -49.23 -27.67 0.90
C LYS A 180 -48.63 -27.60 -0.50
N THR A 181 -49.34 -26.94 -1.42
CA THR A 181 -48.85 -26.77 -2.78
C THR A 181 -47.92 -25.55 -2.86
N SER A 182 -46.93 -25.54 -1.97
CA SER A 182 -45.99 -24.42 -1.90
C SER A 182 -44.99 -24.48 -3.06
N GLY A 183 -44.42 -25.66 -3.31
CA GLY A 183 -43.42 -25.84 -4.33
C GLY A 183 -42.00 -25.87 -3.81
N ILE A 184 -41.79 -25.39 -2.58
CA ILE A 184 -40.48 -25.38 -1.95
C ILE A 184 -40.54 -26.22 -0.69
N PHE A 185 -39.62 -27.17 -0.56
CA PHE A 185 -39.51 -28.03 0.63
C PHE A 185 -38.16 -27.72 1.28
N GLU A 186 -38.15 -26.72 2.15
CA GLU A 186 -36.92 -26.29 2.79
C GLU A 186 -36.46 -27.34 3.81
N THR A 187 -35.15 -27.46 3.96
CA THR A 187 -34.57 -28.37 4.93
C THR A 187 -33.19 -27.84 5.34
N LYS A 188 -32.82 -28.12 6.59
CA LYS A 188 -31.57 -27.64 7.16
C LYS A 188 -30.78 -28.81 7.73
N PHE A 189 -29.47 -28.81 7.48
CA PHE A 189 -28.59 -29.82 8.04
C PHE A 189 -27.20 -29.21 8.19
N GLN A 190 -26.47 -29.68 9.19
CA GLN A 190 -25.14 -29.17 9.52
C GLN A 190 -24.10 -30.24 9.25
N VAL A 191 -23.07 -29.91 8.47
CA VAL A 191 -21.96 -30.79 8.18
C VAL A 191 -20.68 -30.05 8.56
N ASP A 192 -19.91 -30.64 9.46
CA ASP A 192 -18.67 -30.03 9.95
C ASP A 192 -18.93 -28.63 10.50
N LYS A 193 -20.05 -28.49 11.21
CA LYS A 193 -20.42 -27.20 11.81
C LYS A 193 -20.53 -26.11 10.75
N VAL A 194 -21.11 -26.46 9.60
CA VAL A 194 -21.29 -25.53 8.49
C VAL A 194 -22.77 -25.52 8.12
N ASN A 195 -23.33 -24.31 7.98
CA ASN A 195 -24.74 -24.15 7.63
C ASN A 195 -24.94 -24.53 6.16
N PHE A 196 -25.84 -25.47 5.91
CA PHE A 196 -26.13 -25.95 4.56
C PHE A 196 -27.62 -25.91 4.32
N HIS A 197 -28.03 -25.26 3.23
CA HIS A 197 -29.41 -25.24 2.81
C HIS A 197 -29.59 -26.13 1.57
N MET A 198 -30.81 -26.66 1.43
CA MET A 198 -31.16 -27.46 0.26
C MET A 198 -32.57 -27.09 -0.17
N PHE A 199 -32.76 -26.88 -1.46
CA PHE A 199 -34.01 -26.38 -2.02
C PHE A 199 -34.65 -27.47 -2.88
N ASP A 200 -35.67 -28.12 -2.34
CA ASP A 200 -36.42 -29.09 -3.12
C ASP A 200 -37.53 -28.38 -3.89
N VAL A 201 -37.46 -28.43 -5.22
CA VAL A 201 -38.35 -27.69 -6.08
C VAL A 201 -39.19 -28.68 -6.89
N GLY A 202 -40.50 -28.44 -6.91
CA GLY A 202 -41.40 -29.32 -7.64
C GLY A 202 -42.84 -28.92 -7.40
N ALA A 203 -43.75 -29.83 -7.75
CA ALA A 203 -45.18 -29.61 -7.59
C ALA A 203 -45.62 -28.31 -8.28
N GLN A 204 -45.08 -28.09 -9.47
CA GLN A 204 -45.40 -26.89 -10.24
C GLN A 204 -45.19 -27.21 -11.72
N ARG A 205 -45.44 -26.21 -12.56
CA ARG A 205 -45.28 -26.39 -14.00
C ARG A 205 -43.82 -26.66 -14.34
N ASP A 206 -43.59 -27.56 -15.30
CA ASP A 206 -42.25 -27.93 -15.73
C ASP A 206 -41.72 -26.95 -16.77
N GLU A 207 -41.53 -25.70 -16.32
CA GLU A 207 -41.02 -24.62 -17.15
C GLU A 207 -39.80 -24.03 -16.43
N ARG A 208 -38.63 -24.62 -16.70
CA ARG A 208 -37.40 -24.15 -16.05
C ARG A 208 -36.91 -22.83 -16.62
N ARG A 209 -37.51 -22.34 -17.71
CA ARG A 209 -37.06 -21.11 -18.34
C ARG A 209 -37.62 -19.88 -17.64
N LYS A 210 -38.42 -20.08 -16.59
CA LYS A 210 -39.09 -18.97 -15.91
C LYS A 210 -38.60 -18.74 -14.49
N TRP A 211 -38.09 -19.75 -13.79
CA TRP A 211 -37.66 -19.61 -12.40
C TRP A 211 -36.19 -19.93 -12.16
N ILE A 212 -35.53 -20.63 -13.08
CA ILE A 212 -34.09 -20.87 -12.92
C ILE A 212 -33.31 -19.57 -13.01
N GLN A 213 -33.92 -18.53 -13.55
CA GLN A 213 -33.23 -17.25 -13.76
C GLN A 213 -32.71 -16.68 -12.43
N CYS A 214 -33.54 -16.71 -11.39
CA CYS A 214 -33.17 -16.09 -10.12
C CYS A 214 -32.19 -16.95 -9.32
N PHE A 215 -32.02 -18.21 -9.67
CA PHE A 215 -31.17 -19.13 -8.91
C PHE A 215 -29.71 -19.09 -9.36
N ASN A 216 -29.29 -18.02 -10.05
CA ASN A 216 -27.90 -17.92 -10.47
C ASN A 216 -26.93 -17.78 -9.31
N ASP A 217 -27.40 -17.36 -8.13
CA ASP A 217 -26.54 -17.19 -6.98
C ASP A 217 -26.33 -18.47 -6.19
N VAL A 218 -27.02 -19.56 -6.55
CA VAL A 218 -26.86 -20.81 -5.82
C VAL A 218 -25.42 -21.31 -5.97
N THR A 219 -24.85 -21.77 -4.86
CA THR A 219 -23.46 -22.23 -4.87
C THR A 219 -23.30 -23.44 -5.80
N ALA A 220 -24.23 -24.39 -5.72
CA ALA A 220 -24.16 -25.59 -6.54
C ALA A 220 -25.56 -26.17 -6.68
N ILE A 221 -25.77 -26.90 -7.78
CA ILE A 221 -27.05 -27.50 -8.10
C ILE A 221 -26.88 -29.02 -8.04
N ILE A 222 -27.70 -29.68 -7.22
CA ILE A 222 -27.66 -31.13 -7.14
C ILE A 222 -28.64 -31.72 -8.12
N PHE A 223 -28.17 -32.64 -8.96
CA PHE A 223 -29.00 -33.35 -9.92
C PHE A 223 -29.01 -34.82 -9.56
N VAL A 224 -30.21 -35.38 -9.41
CA VAL A 224 -30.40 -36.77 -9.01
C VAL A 224 -31.26 -37.47 -10.06
N VAL A 225 -30.80 -38.63 -10.50
CA VAL A 225 -31.50 -39.44 -11.50
C VAL A 225 -31.44 -40.89 -11.08
N ASP A 226 -32.55 -41.60 -11.27
CA ASP A 226 -32.62 -43.02 -10.94
C ASP A 226 -31.96 -43.84 -12.04
N SER A 227 -30.85 -44.50 -11.71
CA SER A 227 -30.12 -45.28 -12.70
C SER A 227 -30.87 -46.55 -13.09
N SER A 228 -31.88 -46.95 -12.31
CA SER A 228 -32.58 -48.20 -12.60
C SER A 228 -33.41 -48.11 -13.87
N ASP A 229 -34.00 -46.95 -14.15
CA ASP A 229 -34.90 -46.79 -15.29
C ASP A 229 -34.07 -46.47 -16.53
N TYR A 230 -33.95 -47.44 -17.43
CA TYR A 230 -33.21 -47.21 -18.66
C TYR A 230 -33.93 -46.25 -19.59
N ASN A 231 -35.26 -46.36 -19.68
CA ASN A 231 -36.02 -45.50 -20.58
C ASN A 231 -36.01 -44.05 -20.13
N ARG A 232 -36.01 -43.79 -18.82
CA ARG A 232 -36.04 -42.42 -18.33
C ARG A 232 -34.73 -41.67 -18.61
N LEU A 233 -33.70 -42.38 -19.04
CA LEU A 233 -32.41 -41.72 -19.28
C LEU A 233 -32.53 -40.62 -20.33
N GLN A 234 -33.23 -40.91 -21.43
CA GLN A 234 -33.34 -39.91 -22.50
C GLN A 234 -33.89 -38.59 -21.99
N GLU A 235 -34.97 -38.65 -21.21
CA GLU A 235 -35.50 -37.42 -20.62
C GLU A 235 -34.50 -36.80 -19.66
N ALA A 236 -33.82 -37.62 -18.86
CA ALA A 236 -32.81 -37.11 -17.95
C ALA A 236 -31.67 -36.46 -18.71
N LEU A 237 -31.21 -37.11 -19.79
CA LEU A 237 -30.14 -36.53 -20.61
C LEU A 237 -30.57 -35.20 -21.20
N ASN A 238 -31.79 -35.12 -21.72
CA ASN A 238 -32.27 -33.88 -22.30
C ASN A 238 -32.35 -32.78 -21.25
N ASP A 239 -32.85 -33.11 -20.06
CA ASP A 239 -32.94 -32.11 -18.99
C ASP A 239 -31.56 -31.63 -18.58
N PHE A 240 -30.60 -32.55 -18.46
CA PHE A 240 -29.25 -32.17 -18.09
C PHE A 240 -28.63 -31.25 -19.14
N LYS A 241 -28.83 -31.59 -20.42
CA LYS A 241 -28.32 -30.75 -21.49
C LYS A 241 -28.95 -29.37 -21.44
N SER A 242 -30.27 -29.30 -21.21
CA SER A 242 -30.95 -28.02 -21.18
C SER A 242 -30.45 -27.15 -20.03
N ILE A 243 -30.31 -27.73 -18.83
CA ILE A 243 -29.86 -26.94 -17.69
C ILE A 243 -28.39 -26.53 -17.86
N TRP A 244 -27.56 -27.42 -18.41
CA TRP A 244 -26.16 -27.09 -18.59
C TRP A 244 -25.98 -25.91 -19.54
N ASN A 245 -26.77 -25.86 -20.61
CA ASN A 245 -26.67 -24.79 -21.59
C ASN A 245 -27.44 -23.55 -21.17
N ASN A 246 -28.14 -23.58 -20.04
CA ASN A 246 -28.91 -22.44 -19.58
C ASN A 246 -28.00 -21.22 -19.44
N ARG A 247 -28.44 -20.09 -19.99
CA ARG A 247 -27.62 -18.89 -19.95
C ARG A 247 -27.37 -18.42 -18.53
N TRP A 248 -28.42 -18.42 -17.70
CA TRP A 248 -28.28 -17.95 -16.33
C TRP A 248 -27.49 -18.97 -15.48
N LEU A 249 -27.71 -20.26 -15.72
CA LEU A 249 -27.06 -21.30 -14.93
C LEU A 249 -25.79 -21.84 -15.59
N ARG A 250 -25.25 -21.14 -16.59
CA ARG A 250 -24.07 -21.62 -17.30
C ARG A 250 -22.78 -21.32 -16.53
N THR A 251 -22.92 -20.85 -15.29
CA THR A 251 -21.75 -20.53 -14.47
C THR A 251 -21.74 -21.24 -13.12
N ILE A 252 -22.65 -22.15 -12.86
CA ILE A 252 -22.74 -22.86 -11.59
C ILE A 252 -22.47 -24.34 -11.83
N SER A 253 -21.59 -24.92 -11.04
CA SER A 253 -21.28 -26.33 -11.16
C SER A 253 -22.43 -27.19 -10.64
N VAL A 254 -22.40 -28.47 -10.98
CA VAL A 254 -23.46 -29.40 -10.62
C VAL A 254 -22.83 -30.66 -10.01
N ILE A 255 -23.62 -31.34 -9.19
CA ILE A 255 -23.23 -32.61 -8.57
C ILE A 255 -24.26 -33.65 -8.95
N LEU A 256 -23.79 -34.80 -9.43
CA LEU A 256 -24.66 -35.86 -9.93
C LEU A 256 -24.67 -37.01 -8.95
N PHE A 257 -25.87 -37.50 -8.62
CA PHE A 257 -26.06 -38.66 -7.76
C PHE A 257 -26.78 -39.73 -8.55
N LEU A 258 -26.22 -40.94 -8.58
CA LEU A 258 -26.80 -42.06 -9.31
C LEU A 258 -27.51 -42.97 -8.30
N ASN A 259 -28.76 -42.61 -8.00
CA ASN A 259 -29.52 -43.34 -7.01
C ASN A 259 -29.99 -44.68 -7.55
N LYS A 260 -30.46 -45.53 -6.64
CA LYS A 260 -31.00 -46.85 -7.00
C LYS A 260 -29.90 -47.77 -7.52
N GLN A 261 -28.73 -47.72 -6.89
CA GLN A 261 -27.64 -48.60 -7.29
C GLN A 261 -28.00 -50.07 -7.03
N ASP A 262 -28.59 -50.36 -5.87
CA ASP A 262 -28.99 -51.73 -5.58
C ASP A 262 -30.06 -52.21 -6.54
N LEU A 263 -31.03 -51.34 -6.87
CA LEU A 263 -32.06 -51.72 -7.82
C LEU A 263 -31.48 -51.99 -9.20
N LEU A 264 -30.52 -51.15 -9.63
CA LEU A 264 -29.87 -51.40 -10.92
C LEU A 264 -29.11 -52.72 -10.90
N ALA A 265 -28.39 -53.01 -9.81
CA ALA A 265 -27.67 -54.26 -9.71
C ALA A 265 -28.62 -55.45 -9.78
N GLU A 266 -29.75 -55.36 -9.09
CA GLU A 266 -30.73 -56.44 -9.14
C GLU A 266 -31.30 -56.60 -10.55
N LYS A 267 -31.61 -55.49 -11.22
CA LYS A 267 -32.21 -55.57 -12.55
C LYS A 267 -31.26 -56.21 -13.54
N VAL A 268 -29.98 -55.81 -13.52
CA VAL A 268 -29.01 -56.38 -14.45
C VAL A 268 -28.65 -57.81 -14.11
N LEU A 269 -28.96 -58.27 -12.89
CA LEU A 269 -28.68 -59.66 -12.53
C LEU A 269 -29.56 -60.65 -13.29
N ALA A 270 -30.70 -60.19 -13.81
CA ALA A 270 -31.57 -61.09 -14.57
C ALA A 270 -31.00 -61.40 -15.95
N GLY A 271 -30.04 -60.62 -16.43
CA GLY A 271 -29.46 -60.86 -17.73
C GLY A 271 -30.23 -60.30 -18.90
N LYS A 272 -31.29 -59.52 -18.64
CA LYS A 272 -32.08 -58.96 -19.74
C LYS A 272 -31.23 -58.02 -20.60
N SER A 273 -30.42 -57.17 -19.96
CA SER A 273 -29.55 -56.24 -20.67
C SER A 273 -30.36 -55.36 -21.62
N LYS A 274 -31.30 -54.61 -21.05
CA LYS A 274 -32.14 -53.71 -21.83
C LYS A 274 -31.45 -52.39 -22.16
N ILE A 275 -30.30 -52.10 -21.53
CA ILE A 275 -29.60 -50.85 -21.81
C ILE A 275 -29.07 -50.84 -23.24
N GLU A 276 -28.70 -52.02 -23.79
CA GLU A 276 -28.14 -52.07 -25.13
C GLU A 276 -29.14 -51.55 -26.16
N ASP A 277 -30.42 -51.94 -26.03
CA ASP A 277 -31.42 -51.45 -26.97
C ASP A 277 -31.58 -49.95 -26.89
N TYR A 278 -31.62 -49.41 -25.66
CA TYR A 278 -31.75 -47.96 -25.50
C TYR A 278 -30.46 -47.24 -25.92
N PHE A 279 -29.30 -47.81 -25.57
CA PHE A 279 -28.00 -47.22 -25.89
C PHE A 279 -27.19 -48.24 -26.67
N PRO A 280 -27.25 -48.20 -28.01
CA PRO A 280 -26.47 -49.17 -28.80
C PRO A 280 -24.97 -49.07 -28.57
N GLU A 281 -24.46 -47.90 -28.17
CA GLU A 281 -23.03 -47.75 -27.95
C GLU A 281 -22.53 -48.48 -26.71
N PHE A 282 -23.44 -48.99 -25.87
CA PHE A 282 -23.01 -49.70 -24.67
C PHE A 282 -22.21 -50.96 -25.02
N ALA A 283 -22.54 -51.62 -26.12
CA ALA A 283 -21.81 -52.83 -26.51
C ALA A 283 -20.34 -52.52 -26.78
N ARG A 284 -20.07 -51.41 -27.47
CA ARG A 284 -18.70 -51.04 -27.79
C ARG A 284 -17.98 -50.37 -26.63
N TYR A 285 -18.69 -50.03 -25.55
CA TYR A 285 -18.05 -49.39 -24.41
C TYR A 285 -17.14 -50.37 -23.67
N THR A 286 -16.14 -49.82 -22.99
CA THR A 286 -15.19 -50.62 -22.24
C THR A 286 -15.01 -50.01 -20.84
N THR A 287 -14.66 -50.86 -19.89
CA THR A 287 -14.47 -50.40 -18.52
C THR A 287 -13.22 -49.53 -18.44
N PRO A 288 -13.32 -48.32 -17.88
CA PRO A 288 -12.13 -47.47 -17.76
C PRO A 288 -11.05 -48.10 -16.91
N GLU A 289 -9.80 -47.81 -17.25
CA GLU A 289 -8.67 -48.35 -16.49
C GLU A 289 -8.61 -47.81 -15.07
N ASP A 290 -9.26 -46.68 -14.80
CA ASP A 290 -9.25 -46.08 -13.47
C ASP A 290 -10.40 -46.57 -12.60
N ALA A 291 -11.22 -47.49 -13.09
CA ALA A 291 -12.34 -47.98 -12.31
C ALA A 291 -11.85 -48.77 -11.10
N THR A 292 -12.53 -48.57 -9.97
CA THR A 292 -12.20 -49.25 -8.72
C THR A 292 -13.48 -49.82 -8.13
N PRO A 293 -14.06 -50.82 -8.78
CA PRO A 293 -15.31 -51.41 -8.26
C PRO A 293 -15.08 -52.10 -6.93
N GLU A 294 -16.11 -52.09 -6.10
CA GLU A 294 -16.04 -52.74 -4.81
C GLU A 294 -16.00 -54.26 -4.97
N PRO A 295 -15.39 -54.98 -4.03
CA PRO A 295 -15.33 -56.43 -4.15
C PRO A 295 -16.71 -57.05 -4.16
N GLY A 296 -16.86 -58.11 -4.94
CA GLY A 296 -18.13 -58.82 -5.04
C GLY A 296 -19.13 -58.22 -5.99
N GLU A 297 -18.80 -57.11 -6.65
CA GLU A 297 -19.74 -56.48 -7.57
C GLU A 297 -19.67 -57.14 -8.93
N ASP A 298 -20.84 -57.37 -9.52
CA ASP A 298 -20.90 -57.98 -10.84
C ASP A 298 -20.26 -57.06 -11.87
N PRO A 299 -19.44 -57.60 -12.78
CA PRO A 299 -18.79 -56.72 -13.76
C PRO A 299 -19.77 -55.96 -14.64
N ARG A 300 -20.92 -56.56 -14.97
CA ARG A 300 -21.87 -55.90 -15.85
C ARG A 300 -22.42 -54.63 -15.22
N VAL A 301 -22.77 -54.67 -13.93
CA VAL A 301 -23.33 -53.51 -13.26
C VAL A 301 -22.30 -52.38 -13.21
N THR A 302 -21.06 -52.72 -12.85
CA THR A 302 -20.01 -51.70 -12.79
C THR A 302 -19.76 -51.12 -14.17
N ARG A 303 -19.74 -51.96 -15.20
CA ARG A 303 -19.53 -51.46 -16.56
C ARG A 303 -20.64 -50.51 -16.98
N ALA A 304 -21.89 -50.87 -16.68
CA ALA A 304 -23.01 -50.00 -17.03
C ALA A 304 -22.93 -48.68 -16.28
N LYS A 305 -22.61 -48.73 -14.99
CA LYS A 305 -22.52 -47.49 -14.20
C LYS A 305 -21.40 -46.59 -14.73
N TYR A 306 -20.25 -47.19 -15.06
CA TYR A 306 -19.15 -46.39 -15.57
C TYR A 306 -19.45 -45.83 -16.96
N PHE A 307 -20.16 -46.59 -17.80
CA PHE A 307 -20.58 -46.06 -19.08
C PHE A 307 -21.53 -44.88 -18.92
N ILE A 308 -22.46 -44.98 -17.97
CA ILE A 308 -23.38 -43.87 -17.72
C ILE A 308 -22.61 -42.65 -17.24
N ARG A 309 -21.65 -42.86 -16.33
CA ARG A 309 -20.84 -41.75 -15.83
C ARG A 309 -20.02 -41.11 -16.95
N ASP A 310 -19.44 -41.93 -17.82
CA ASP A 310 -18.67 -41.41 -18.93
C ASP A 310 -19.54 -40.60 -19.88
N GLU A 311 -20.75 -41.08 -20.16
CA GLU A 311 -21.67 -40.33 -21.00
C GLU A 311 -22.03 -39.00 -20.36
N PHE A 312 -22.31 -39.01 -19.05
CA PHE A 312 -22.65 -37.77 -18.35
C PHE A 312 -21.49 -36.79 -18.41
N LEU A 313 -20.26 -37.27 -18.22
CA LEU A 313 -19.10 -36.40 -18.32
C LEU A 313 -18.94 -35.84 -19.73
N ARG A 314 -19.12 -36.69 -20.74
CA ARG A 314 -18.95 -36.25 -22.13
C ARG A 314 -19.95 -35.18 -22.49
N ILE A 315 -21.22 -35.35 -22.10
CA ILE A 315 -22.21 -34.33 -22.41
C ILE A 315 -21.92 -33.04 -21.65
N SER A 316 -21.40 -33.16 -20.43
CA SER A 316 -21.08 -31.97 -19.65
C SER A 316 -19.89 -31.22 -20.22
N THR A 317 -18.93 -31.94 -20.80
CA THR A 317 -17.73 -31.33 -21.35
C THR A 317 -17.95 -30.73 -22.73
N ALA A 318 -19.20 -30.56 -23.17
CA ALA A 318 -19.45 -29.98 -24.47
C ALA A 318 -18.92 -28.56 -24.57
N SER A 319 -19.14 -27.75 -23.53
CA SER A 319 -18.67 -26.38 -23.51
C SER A 319 -18.59 -25.90 -22.06
N GLY A 320 -17.78 -24.87 -21.85
CA GLY A 320 -17.65 -24.29 -20.52
C GLY A 320 -17.14 -25.25 -19.48
N ASP A 321 -16.23 -26.15 -19.86
CA ASP A 321 -15.69 -27.11 -18.90
C ASP A 321 -14.89 -26.41 -17.81
N GLY A 322 -14.06 -25.43 -18.20
CA GLY A 322 -13.21 -24.77 -17.21
C GLY A 322 -14.00 -23.96 -16.21
N ARG A 323 -15.04 -23.26 -16.67
CA ARG A 323 -15.79 -22.37 -15.79
C ARG A 323 -16.46 -23.16 -14.67
N HIS A 324 -17.04 -24.32 -14.98
CA HIS A 324 -17.73 -25.13 -13.98
C HIS A 324 -17.53 -26.60 -14.33
N TYR A 325 -17.43 -27.43 -13.29
CA TYR A 325 -17.13 -28.84 -13.45
C TYR A 325 -18.34 -29.70 -13.08
N CYS A 326 -18.15 -31.01 -13.09
CA CYS A 326 -19.18 -31.97 -12.71
C CYS A 326 -18.58 -32.98 -11.76
N TYR A 327 -19.35 -33.35 -10.73
CA TYR A 327 -18.89 -34.24 -9.67
C TYR A 327 -19.90 -35.37 -9.49
N PRO A 328 -19.83 -36.39 -10.34
CA PRO A 328 -20.75 -37.52 -10.21
C PRO A 328 -20.36 -38.46 -9.08
N HIS A 329 -21.37 -39.02 -8.43
CA HIS A 329 -21.18 -39.95 -7.33
C HIS A 329 -22.24 -41.03 -7.39
N PHE A 330 -21.85 -42.25 -7.03
CA PHE A 330 -22.82 -43.34 -6.91
C PHE A 330 -23.71 -43.10 -5.69
N THR A 331 -25.02 -43.11 -5.91
CA THR A 331 -25.99 -42.76 -4.88
C THR A 331 -26.69 -44.02 -4.39
N CYS A 332 -26.75 -44.19 -3.07
CA CYS A 332 -27.47 -45.28 -2.45
C CYS A 332 -28.03 -44.79 -1.13
N SER A 333 -29.36 -44.84 -0.99
CA SER A 333 -30.02 -44.35 0.22
C SER A 333 -30.01 -45.40 1.31
N VAL A 334 -28.83 -45.93 1.63
CA VAL A 334 -28.68 -46.93 2.68
C VAL A 334 -27.52 -46.54 3.59
N ASP A 335 -26.78 -45.50 3.22
CA ASP A 335 -25.61 -45.07 3.97
C ASP A 335 -25.67 -43.56 4.20
N THR A 336 -25.00 -43.11 5.26
CA THR A 336 -24.95 -41.70 5.61
C THR A 336 -23.74 -40.99 5.03
N GLU A 337 -22.94 -41.66 4.19
CA GLU A 337 -21.75 -41.05 3.62
C GLU A 337 -22.07 -39.97 2.61
N ASN A 338 -23.34 -39.81 2.21
CA ASN A 338 -23.68 -38.77 1.25
C ASN A 338 -23.34 -37.39 1.76
N ALA A 339 -23.52 -37.14 3.05
CA ALA A 339 -23.19 -35.83 3.61
C ALA A 339 -21.71 -35.54 3.45
N ARG A 340 -20.84 -36.51 3.73
CA ARG A 340 -19.41 -36.30 3.56
C ARG A 340 -19.07 -36.03 2.10
N ARG A 341 -19.68 -36.78 1.18
CA ARG A 341 -19.40 -36.61 -0.24
C ARG A 341 -19.80 -35.22 -0.72
N ILE A 342 -21.00 -34.76 -0.32
CA ILE A 342 -21.44 -33.45 -0.75
C ILE A 342 -20.61 -32.35 -0.11
N PHE A 343 -20.20 -32.53 1.15
CA PHE A 343 -19.32 -31.55 1.78
C PHE A 343 -17.99 -31.47 1.05
N ASN A 344 -17.42 -32.61 0.68
CA ASN A 344 -16.16 -32.61 -0.06
C ASN A 344 -16.32 -31.95 -1.42
N ASP A 345 -17.42 -32.24 -2.11
CA ASP A 345 -17.66 -31.61 -3.41
C ASP A 345 -17.79 -30.10 -3.28
N CYS A 346 -18.52 -29.64 -2.25
CA CYS A 346 -18.66 -28.21 -2.04
C CYS A 346 -17.31 -27.56 -1.72
N ARG A 347 -16.49 -28.23 -0.90
CA ARG A 347 -15.17 -27.70 -0.60
C ARG A 347 -14.33 -27.61 -1.87
N ASP A 348 -14.38 -28.64 -2.71
CA ASP A 348 -13.59 -28.63 -3.94
C ASP A 348 -14.03 -27.52 -4.87
N ILE A 349 -15.35 -27.34 -5.04
CA ILE A 349 -15.82 -26.30 -5.95
C ILE A 349 -15.51 -24.92 -5.40
N ILE A 350 -15.61 -24.75 -4.07
CA ILE A 350 -15.26 -23.46 -3.47
C ILE A 350 -13.78 -23.15 -3.69
N GLN A 351 -12.92 -24.16 -3.50
CA GLN A 351 -11.49 -23.95 -3.73
C GLN A 351 -11.22 -23.61 -5.19
N ARG A 352 -11.87 -24.31 -6.11
CA ARG A 352 -11.68 -24.02 -7.53
C ARG A 352 -12.12 -22.60 -7.87
N MET A 353 -13.26 -22.18 -7.33
CA MET A 353 -13.73 -20.82 -7.58
C MET A 353 -12.76 -19.80 -7.01
N HIS A 354 -12.24 -20.03 -5.80
CA HIS A 354 -11.29 -19.11 -5.20
C HIS A 354 -10.01 -19.02 -6.03
N LEU A 355 -9.52 -20.16 -6.51
CA LEU A 355 -8.32 -20.16 -7.33
C LEU A 355 -8.52 -19.47 -8.67
N ARG A 356 -9.75 -19.46 -9.18
CA ARG A 356 -10.01 -18.84 -10.48
C ARG A 356 -9.70 -17.35 -10.45
N GLN A 357 -10.08 -16.67 -9.36
CA GLN A 357 -9.89 -15.23 -9.25
C GLN A 357 -8.49 -14.85 -8.77
N TYR A 358 -7.68 -15.82 -8.36
CA TYR A 358 -6.31 -15.56 -7.91
C TYR A 358 -5.29 -15.77 -9.01
N GLU A 359 -5.72 -16.08 -10.23
CA GLU A 359 -4.85 -16.24 -11.39
C GLU A 359 -3.97 -17.48 -11.30
N LEU A 360 -4.36 -18.46 -10.49
CA LEU A 360 -3.66 -19.73 -10.41
C LEU A 360 -4.24 -20.78 -11.35
N LEU A 361 -5.29 -20.45 -12.09
CA LEU A 361 -5.91 -21.39 -13.02
C LEU A 361 -6.55 -20.65 -14.19
N GLU B 13 -64.01 -34.92 -34.93
CA GLU B 13 -62.90 -34.32 -35.71
C GLU B 13 -62.80 -32.82 -35.44
N LEU B 14 -61.57 -32.34 -35.27
CA LEU B 14 -61.31 -30.93 -35.00
C LEU B 14 -61.00 -30.14 -36.26
N ASP B 15 -61.08 -30.77 -37.43
CA ASP B 15 -60.78 -30.06 -38.67
C ASP B 15 -61.73 -28.89 -38.89
N GLN B 16 -63.03 -29.10 -38.64
CA GLN B 16 -64.00 -28.02 -38.82
C GLN B 16 -63.72 -26.88 -37.85
N LEU B 17 -63.42 -27.21 -36.59
CA LEU B 17 -63.13 -26.16 -35.61
C LEU B 17 -61.87 -25.39 -35.99
N ARG B 18 -60.83 -26.10 -36.44
CA ARG B 18 -59.61 -25.43 -36.87
C ARG B 18 -59.87 -24.51 -38.06
N GLN B 19 -60.65 -24.98 -39.03
CA GLN B 19 -60.96 -24.16 -40.20
C GLN B 19 -61.74 -22.91 -39.79
N GLU B 20 -62.72 -23.08 -38.88
CA GLU B 20 -63.49 -21.93 -38.42
C GLU B 20 -62.60 -20.92 -37.69
N ALA B 21 -61.71 -21.41 -36.84
CA ALA B 21 -60.80 -20.52 -36.12
C ALA B 21 -59.88 -19.79 -37.09
N GLU B 22 -59.35 -20.50 -38.09
CA GLU B 22 -58.50 -19.85 -39.08
C GLU B 22 -59.26 -18.78 -39.86
N GLN B 23 -60.50 -19.08 -40.25
CA GLN B 23 -61.30 -18.10 -40.97
C GLN B 23 -61.57 -16.88 -40.11
N LEU B 24 -61.90 -17.09 -38.83
CA LEU B 24 -62.14 -15.96 -37.94
C LEU B 24 -60.89 -15.11 -37.77
N LYS B 25 -59.73 -15.76 -37.60
CA LYS B 25 -58.48 -15.01 -37.47
C LYS B 25 -58.17 -14.23 -38.73
N ASN B 26 -58.39 -14.83 -39.90
CA ASN B 26 -58.14 -14.12 -41.15
C ASN B 26 -59.07 -12.92 -41.28
N GLN B 27 -60.35 -13.09 -40.93
CA GLN B 27 -61.28 -11.97 -41.00
C GLN B 27 -60.88 -10.85 -40.05
N ILE B 28 -60.46 -11.21 -38.83
CA ILE B 28 -60.04 -10.20 -37.87
C ILE B 28 -58.80 -9.45 -38.38
N ARG B 29 -57.84 -10.18 -38.94
CA ARG B 29 -56.65 -9.54 -39.48
C ARG B 29 -56.99 -8.61 -40.63
N ASP B 30 -57.89 -9.05 -41.52
CA ASP B 30 -58.30 -8.20 -42.64
C ASP B 30 -58.99 -6.95 -42.15
N ALA B 31 -59.87 -7.08 -41.15
CA ALA B 31 -60.55 -5.90 -40.61
C ALA B 31 -59.55 -4.95 -39.97
N ARG B 32 -58.59 -5.48 -39.22
CA ARG B 32 -57.58 -4.62 -38.59
C ARG B 32 -56.75 -3.90 -39.65
N LYS B 33 -56.36 -4.61 -40.71
CA LYS B 33 -55.59 -3.97 -41.77
C LYS B 33 -56.40 -2.88 -42.46
N ALA B 34 -57.68 -3.15 -42.73
CA ALA B 34 -58.52 -2.15 -43.38
C ALA B 34 -58.69 -0.92 -42.49
N CYS B 35 -58.88 -1.12 -41.19
CA CYS B 35 -59.06 0.00 -40.28
C CYS B 35 -57.78 0.77 -40.03
N ALA B 36 -56.62 0.20 -40.37
CA ALA B 36 -55.33 0.86 -40.14
C ALA B 36 -54.84 1.48 -41.44
N ASP B 37 -54.38 2.73 -41.35
CA ASP B 37 -53.91 3.48 -42.51
C ASP B 37 -52.41 3.74 -42.47
N ALA B 38 -51.91 4.33 -41.38
CA ALA B 38 -50.50 4.64 -41.26
C ALA B 38 -50.11 4.66 -39.79
N THR B 39 -48.81 4.50 -39.54
CA THR B 39 -48.31 4.52 -38.18
C THR B 39 -48.30 5.93 -37.63
N LEU B 40 -48.28 6.03 -36.29
CA LEU B 40 -48.29 7.33 -35.63
C LEU B 40 -47.00 8.11 -35.90
N SER B 41 -45.93 7.45 -36.33
CA SER B 41 -44.68 8.14 -36.56
C SER B 41 -44.84 9.21 -37.65
N GLN B 42 -45.53 8.86 -38.74
CA GLN B 42 -45.78 9.84 -39.79
C GLN B 42 -46.62 11.01 -39.28
N ILE B 43 -47.65 10.71 -38.48
CA ILE B 43 -48.47 11.77 -37.92
C ILE B 43 -47.68 12.60 -36.92
N THR B 44 -46.81 11.96 -36.14
CA THR B 44 -46.01 12.65 -35.13
C THR B 44 -44.81 13.38 -35.73
N ASN B 45 -44.56 13.21 -37.03
CA ASN B 45 -43.43 13.88 -37.66
C ASN B 45 -43.57 15.41 -37.63
N ASN B 46 -44.78 15.92 -37.42
CA ASN B 46 -45.01 17.35 -37.36
C ASN B 46 -44.70 17.95 -36.01
N ILE B 47 -44.34 17.13 -35.01
CA ILE B 47 -44.01 17.60 -33.67
C ILE B 47 -42.51 17.44 -33.47
N ASP B 48 -41.87 18.50 -33.00
CA ASP B 48 -40.42 18.47 -32.81
C ASP B 48 -40.07 17.44 -31.73
N PRO B 49 -39.15 16.53 -32.01
CA PRO B 49 -38.77 15.55 -30.98
C PRO B 49 -38.13 16.21 -29.77
N VAL B 50 -38.35 15.58 -28.61
CA VAL B 50 -37.77 16.11 -27.37
C VAL B 50 -36.26 16.00 -27.43
N GLY B 51 -35.58 16.95 -26.78
CA GLY B 51 -34.14 16.98 -26.75
C GLY B 51 -33.57 16.06 -25.68
N ARG B 52 -32.24 16.11 -25.56
CA ARG B 52 -31.55 15.28 -24.59
C ARG B 52 -31.95 15.68 -23.17
N ILE B 53 -32.15 14.68 -22.31
CA ILE B 53 -32.54 14.87 -20.93
C ILE B 53 -31.38 14.45 -20.04
N GLN B 54 -30.95 15.36 -19.17
CA GLN B 54 -29.86 15.09 -18.24
C GLN B 54 -30.42 14.68 -16.88
N MET B 55 -29.93 13.55 -16.37
CA MET B 55 -30.37 13.02 -15.09
C MET B 55 -29.16 12.87 -14.17
N ARG B 56 -29.30 13.34 -12.94
CA ARG B 56 -28.24 13.26 -11.94
C ARG B 56 -28.79 12.59 -10.68
N THR B 57 -27.99 11.69 -10.11
CA THR B 57 -28.42 10.98 -8.92
C THR B 57 -28.59 11.96 -7.75
N ARG B 58 -29.67 11.78 -7.01
CA ARG B 58 -29.99 12.60 -5.84
C ARG B 58 -29.94 11.82 -4.54
N ARG B 59 -30.40 10.57 -4.54
CA ARG B 59 -30.38 9.72 -3.36
C ARG B 59 -29.81 8.36 -3.75
N THR B 60 -29.07 7.75 -2.83
CA THR B 60 -28.48 6.43 -3.06
C THR B 60 -28.37 5.74 -1.72
N LEU B 61 -29.22 4.75 -1.48
CA LEU B 61 -29.26 4.04 -0.21
C LEU B 61 -28.54 2.71 -0.35
N ARG B 62 -27.49 2.52 0.44
CA ARG B 62 -26.70 1.29 0.44
C ARG B 62 -27.11 0.34 1.55
N GLY B 63 -28.19 0.64 2.28
CA GLY B 63 -28.61 -0.21 3.37
C GLY B 63 -29.13 -1.57 2.94
N HIS B 64 -29.60 -1.68 1.70
CA HIS B 64 -30.09 -2.95 1.20
C HIS B 64 -28.97 -3.98 1.19
N LEU B 65 -29.26 -5.18 1.68
CA LEU B 65 -28.23 -6.19 1.89
C LEU B 65 -28.05 -7.10 0.68
N ALA B 66 -29.12 -7.81 0.29
CA ALA B 66 -29.01 -8.81 -0.76
C ALA B 66 -29.53 -8.26 -2.09
N LYS B 67 -29.63 -9.11 -3.10
CA LYS B 67 -30.08 -8.70 -4.41
C LYS B 67 -31.53 -8.21 -4.36
N ILE B 68 -31.84 -7.20 -5.16
CA ILE B 68 -33.18 -6.65 -5.25
C ILE B 68 -33.93 -7.37 -6.37
N TYR B 69 -35.12 -7.87 -6.07
CA TYR B 69 -35.94 -8.60 -7.02
C TYR B 69 -37.10 -7.79 -7.57
N ALA B 70 -37.77 -6.98 -6.75
CA ALA B 70 -38.89 -6.17 -7.19
C ALA B 70 -38.95 -4.90 -6.37
N MET B 71 -39.64 -3.90 -6.91
CA MET B 71 -39.82 -2.63 -6.23
C MET B 71 -41.10 -1.98 -6.74
N HIS B 72 -41.78 -1.27 -5.86
CA HIS B 72 -43.03 -0.59 -6.20
C HIS B 72 -43.02 0.81 -5.60
N TRP B 73 -43.54 1.77 -6.36
CA TRP B 73 -43.63 3.13 -5.89
C TRP B 73 -44.89 3.35 -5.06
N GLY B 74 -44.93 4.47 -4.35
CA GLY B 74 -46.06 4.82 -3.53
C GLY B 74 -47.02 5.77 -4.23
N THR B 75 -48.28 5.73 -3.79
CA THR B 75 -49.28 6.61 -4.37
C THR B 75 -49.00 8.08 -4.07
N ASP B 76 -48.48 8.37 -2.88
CA ASP B 76 -48.17 9.73 -2.49
C ASP B 76 -46.77 10.18 -2.94
N SER B 77 -46.03 9.31 -3.62
CA SER B 77 -44.69 9.64 -4.09
C SER B 77 -43.78 10.05 -2.93
N ARG B 78 -43.94 9.38 -1.80
CA ARG B 78 -43.14 9.63 -0.61
C ARG B 78 -42.38 8.41 -0.12
N LEU B 79 -42.99 7.23 -0.17
CA LEU B 79 -42.38 6.00 0.29
C LEU B 79 -42.38 4.98 -0.84
N LEU B 80 -41.28 4.23 -0.95
CA LEU B 80 -41.14 3.18 -1.95
C LEU B 80 -40.81 1.88 -1.25
N VAL B 81 -41.41 0.79 -1.71
CA VAL B 81 -41.25 -0.53 -1.12
C VAL B 81 -40.28 -1.35 -1.95
N SER B 82 -39.33 -2.00 -1.29
CA SER B 82 -38.33 -2.82 -1.94
C SER B 82 -38.33 -4.20 -1.31
N ALA B 83 -38.03 -5.22 -2.12
CA ALA B 83 -38.00 -6.60 -1.67
C ALA B 83 -36.72 -7.25 -2.16
N SER B 84 -36.30 -8.29 -1.45
CA SER B 84 -35.07 -9.00 -1.74
C SER B 84 -35.31 -10.50 -1.74
N GLN B 85 -34.49 -11.22 -2.50
CA GLN B 85 -34.56 -12.68 -2.54
C GLN B 85 -34.05 -13.32 -1.26
N ASP B 86 -33.34 -12.58 -0.41
CA ASP B 86 -32.86 -13.15 0.85
C ASP B 86 -34.01 -13.37 1.83
N GLY B 87 -35.04 -12.52 1.77
CA GLY B 87 -36.19 -12.63 2.66
C GLY B 87 -36.48 -11.39 3.47
N LYS B 88 -35.75 -10.29 3.28
CA LYS B 88 -35.98 -9.06 4.03
C LYS B 88 -36.79 -8.08 3.20
N LEU B 89 -37.91 -7.63 3.76
CA LEU B 89 -38.79 -6.65 3.11
C LEU B 89 -38.70 -5.36 3.90
N ILE B 90 -38.07 -4.34 3.31
CA ILE B 90 -37.83 -3.08 3.98
C ILE B 90 -38.31 -1.94 3.08
N ILE B 91 -38.92 -0.93 3.69
CA ILE B 91 -39.49 0.21 2.98
C ILE B 91 -38.64 1.43 3.26
N TRP B 92 -38.36 2.21 2.21
CA TRP B 92 -37.53 3.41 2.30
C TRP B 92 -38.38 4.65 2.08
N ASP B 93 -37.84 5.79 2.52
CA ASP B 93 -38.45 7.09 2.29
C ASP B 93 -37.56 7.90 1.36
N SER B 94 -38.15 8.38 0.25
CA SER B 94 -37.37 9.10 -0.75
C SER B 94 -36.82 10.40 -0.18
N TYR B 95 -37.62 11.13 0.59
CA TYR B 95 -37.20 12.43 1.08
C TYR B 95 -35.98 12.32 2.00
N THR B 96 -35.98 11.34 2.89
CA THR B 96 -34.90 11.17 3.86
C THR B 96 -33.97 10.00 3.55
N THR B 97 -34.34 9.12 2.63
CA THR B 97 -33.52 7.96 2.29
C THR B 97 -33.22 7.12 3.52
N ASN B 98 -34.20 7.02 4.42
CA ASN B 98 -34.08 6.26 5.65
C ASN B 98 -35.19 5.23 5.74
N LYS B 99 -34.84 4.01 6.16
CA LYS B 99 -35.81 2.95 6.29
C LYS B 99 -36.78 3.25 7.43
N VAL B 100 -38.02 2.83 7.25
CA VAL B 100 -39.07 3.03 8.25
C VAL B 100 -39.28 1.78 9.09
N HIS B 101 -39.42 0.62 8.45
CA HIS B 101 -39.64 -0.63 9.15
C HIS B 101 -39.08 -1.77 8.33
N ALA B 102 -38.81 -2.88 9.00
CA ALA B 102 -38.31 -4.10 8.37
C ALA B 102 -39.32 -5.22 8.58
N ILE B 103 -39.67 -5.91 7.50
CA ILE B 103 -40.68 -6.96 7.54
C ILE B 103 -40.06 -8.29 7.16
N PRO B 104 -39.80 -9.19 8.10
CA PRO B 104 -39.31 -10.53 7.73
C PRO B 104 -40.41 -11.34 7.05
N LEU B 105 -39.98 -12.27 6.20
CA LEU B 105 -40.90 -13.10 5.44
C LEU B 105 -40.51 -14.56 5.59
N ARG B 106 -41.53 -15.42 5.62
CA ARG B 106 -41.30 -16.86 5.72
C ARG B 106 -40.66 -17.45 4.47
N SER B 107 -40.84 -16.79 3.32
CA SER B 107 -40.24 -17.23 2.06
C SER B 107 -39.17 -16.22 1.65
N SER B 108 -37.95 -16.70 1.46
CA SER B 108 -36.85 -15.81 1.14
C SER B 108 -37.05 -15.15 -0.22
N TRP B 109 -37.53 -15.91 -1.20
CA TRP B 109 -37.64 -15.40 -2.56
C TRP B 109 -38.88 -14.53 -2.72
N VAL B 110 -38.72 -13.43 -3.44
CA VAL B 110 -39.81 -12.50 -3.74
C VAL B 110 -39.71 -12.09 -5.20
N MET B 111 -40.85 -12.04 -5.88
CA MET B 111 -40.91 -11.66 -7.28
C MET B 111 -41.95 -10.59 -7.58
N THR B 112 -42.64 -10.06 -6.56
CA THR B 112 -43.66 -9.07 -6.78
C THR B 112 -43.75 -8.16 -5.55
N CYS B 113 -44.31 -6.98 -5.76
CA CYS B 113 -44.51 -6.02 -4.68
C CYS B 113 -45.72 -5.16 -5.02
N ALA B 114 -46.32 -4.58 -3.98
CA ALA B 114 -47.50 -3.75 -4.14
C ALA B 114 -47.53 -2.71 -3.04
N TYR B 115 -48.29 -1.64 -3.29
CA TYR B 115 -48.45 -0.56 -2.32
C TYR B 115 -49.84 0.01 -2.49
N ALA B 116 -50.68 -0.12 -1.46
CA ALA B 116 -52.06 0.29 -1.55
C ALA B 116 -52.17 1.80 -1.67
N PRO B 117 -53.26 2.30 -2.26
CA PRO B 117 -53.39 3.75 -2.41
C PRO B 117 -53.31 4.50 -1.09
N SER B 118 -53.85 3.93 -0.01
CA SER B 118 -53.74 4.52 1.31
C SER B 118 -52.45 4.16 2.02
N GLY B 119 -51.69 3.19 1.50
CA GLY B 119 -50.44 2.80 2.11
C GLY B 119 -50.57 1.96 3.35
N ASN B 120 -51.78 1.52 3.70
CA ASN B 120 -51.97 0.74 4.92
C ASN B 120 -51.47 -0.68 4.74
N TYR B 121 -51.66 -1.27 3.57
CA TYR B 121 -51.35 -2.66 3.31
C TYR B 121 -50.26 -2.79 2.26
N VAL B 122 -49.35 -3.73 2.49
CA VAL B 122 -48.29 -4.05 1.54
C VAL B 122 -48.25 -5.57 1.37
N ALA B 123 -48.16 -6.02 0.13
CA ALA B 123 -48.17 -7.45 -0.19
C ALA B 123 -47.01 -7.77 -1.13
N CYS B 124 -46.45 -8.96 -0.96
CA CYS B 124 -45.36 -9.43 -1.81
C CYS B 124 -45.43 -10.94 -1.93
N GLY B 125 -44.82 -11.45 -3.00
CA GLY B 125 -44.78 -12.88 -3.23
C GLY B 125 -43.61 -13.24 -4.11
N GLY B 126 -43.26 -14.53 -4.07
CA GLY B 126 -42.13 -15.01 -4.83
C GLY B 126 -42.37 -16.37 -5.45
N LEU B 127 -41.33 -17.20 -5.50
CA LEU B 127 -41.46 -18.53 -6.10
C LEU B 127 -42.47 -19.38 -5.34
N ASP B 128 -42.47 -19.30 -4.02
CA ASP B 128 -43.43 -20.04 -3.22
C ASP B 128 -44.85 -19.59 -3.57
N ASN B 129 -45.76 -20.57 -3.65
CA ASN B 129 -47.14 -20.30 -4.04
C ASN B 129 -47.95 -19.61 -2.96
N ILE B 130 -47.47 -19.61 -1.72
CA ILE B 130 -48.21 -18.99 -0.61
C ILE B 130 -47.92 -17.50 -0.62
N CYS B 131 -48.94 -16.70 -0.93
CA CYS B 131 -48.82 -15.26 -0.90
C CYS B 131 -49.13 -14.74 0.50
N SER B 132 -48.49 -13.62 0.85
CA SER B 132 -48.63 -13.02 2.17
C SER B 132 -49.04 -11.56 2.04
N ILE B 133 -49.79 -11.08 3.01
CA ILE B 133 -50.26 -9.71 3.07
C ILE B 133 -49.78 -9.10 4.38
N TYR B 134 -49.17 -7.92 4.30
CA TYR B 134 -48.60 -7.23 5.45
C TYR B 134 -49.23 -5.86 5.60
N ASN B 135 -49.37 -5.40 6.84
CA ASN B 135 -49.94 -4.10 7.15
C ASN B 135 -48.90 -3.20 7.79
N LEU B 136 -48.95 -1.92 7.45
CA LEU B 136 -48.04 -0.93 8.00
C LEU B 136 -48.65 -0.15 9.17
N LYS B 137 -49.91 -0.39 9.48
CA LYS B 137 -50.62 0.30 10.57
C LYS B 137 -51.05 -0.69 11.64
N THR B 138 -50.18 -1.64 11.97
CA THR B 138 -50.50 -2.64 12.98
C THR B 138 -50.71 -1.99 14.34
N ARG B 139 -51.65 -2.54 15.12
CA ARG B 139 -51.92 -2.00 16.44
C ARG B 139 -50.71 -2.13 17.34
N GLU B 140 -50.01 -3.26 17.28
CA GLU B 140 -48.82 -3.48 18.09
C GLU B 140 -47.55 -2.91 17.48
N GLY B 141 -47.65 -2.32 16.30
CA GLY B 141 -46.49 -1.73 15.64
C GLY B 141 -45.72 -2.69 14.74
N ASN B 142 -45.35 -3.85 15.26
CA ASN B 142 -44.61 -4.83 14.48
C ASN B 142 -45.47 -5.36 13.34
N VAL B 143 -44.89 -5.44 12.15
CA VAL B 143 -45.61 -5.96 11.00
C VAL B 143 -45.77 -7.47 11.12
N ARG B 144 -46.92 -7.97 10.66
CA ARG B 144 -47.20 -9.40 10.71
C ARG B 144 -48.17 -9.74 9.58
N VAL B 145 -48.22 -11.03 9.24
CA VAL B 145 -49.08 -11.49 8.16
C VAL B 145 -50.53 -11.34 8.59
N SER B 146 -51.30 -10.55 7.83
CA SER B 146 -52.71 -10.37 8.13
C SER B 146 -53.52 -11.61 7.75
N ARG B 147 -53.21 -12.23 6.63
CA ARG B 147 -53.91 -13.42 6.16
C ARG B 147 -53.04 -14.12 5.13
N GLU B 148 -53.52 -15.27 4.65
CA GLU B 148 -52.82 -16.06 3.66
C GLU B 148 -53.72 -16.29 2.46
N LEU B 149 -53.16 -16.19 1.26
CA LEU B 149 -53.86 -16.39 0.00
C LEU B 149 -53.28 -17.57 -0.75
N ALA B 150 -52.98 -18.65 -0.04
CA ALA B 150 -52.38 -19.83 -0.64
C ALA B 150 -53.41 -20.57 -1.49
N GLY B 151 -53.00 -21.73 -2.01
CA GLY B 151 -53.85 -22.55 -2.85
C GLY B 151 -53.51 -22.49 -4.32
N HIS B 152 -52.69 -21.53 -4.74
CA HIS B 152 -52.30 -21.42 -6.15
C HIS B 152 -51.42 -22.60 -6.54
N THR B 153 -51.61 -23.09 -7.76
CA THR B 153 -50.82 -24.19 -8.29
C THR B 153 -49.55 -23.75 -8.98
N GLY B 154 -49.31 -22.44 -9.07
CA GLY B 154 -48.11 -21.92 -9.70
C GLY B 154 -47.47 -20.84 -8.86
N TYR B 155 -46.21 -20.56 -9.18
CA TYR B 155 -45.46 -19.55 -8.45
C TYR B 155 -46.03 -18.16 -8.72
N LEU B 156 -46.00 -17.31 -7.70
CA LEU B 156 -46.45 -15.94 -7.85
C LEU B 156 -45.52 -15.19 -8.79
N SER B 157 -46.10 -14.36 -9.66
CA SER B 157 -45.35 -13.60 -10.65
C SER B 157 -45.41 -12.10 -10.41
N CYS B 158 -46.60 -11.53 -10.29
CA CYS B 158 -46.75 -10.10 -10.08
C CYS B 158 -47.99 -9.83 -9.27
N CYS B 159 -48.04 -8.66 -8.65
CA CYS B 159 -49.18 -8.24 -7.84
C CYS B 159 -49.37 -6.73 -8.00
N ARG B 160 -50.60 -6.29 -7.75
CA ARG B 160 -50.93 -4.87 -7.85
C ARG B 160 -52.19 -4.61 -7.05
N PHE B 161 -52.12 -3.69 -6.09
CA PHE B 161 -53.27 -3.35 -5.26
C PHE B 161 -54.21 -2.45 -6.06
N LEU B 162 -55.24 -3.07 -6.66
CA LEU B 162 -56.26 -2.28 -7.34
C LEU B 162 -57.00 -1.37 -6.37
N ASP B 163 -57.30 -1.87 -5.18
CA ASP B 163 -57.95 -1.09 -4.14
C ASP B 163 -57.55 -1.67 -2.79
N ASP B 164 -58.17 -1.16 -1.73
CA ASP B 164 -57.86 -1.62 -0.38
C ASP B 164 -58.62 -2.90 0.00
N ASN B 165 -59.52 -3.37 -0.86
CA ASN B 165 -60.34 -4.54 -0.56
C ASN B 165 -60.11 -5.71 -1.49
N GLN B 166 -59.74 -5.47 -2.75
CA GLN B 166 -59.56 -6.53 -3.73
C GLN B 166 -58.14 -6.50 -4.27
N ILE B 167 -57.58 -7.68 -4.50
CA ILE B 167 -56.22 -7.83 -5.02
C ILE B 167 -56.25 -8.82 -6.18
N VAL B 168 -55.59 -8.44 -7.28
CA VAL B 168 -55.45 -9.30 -8.46
C VAL B 168 -53.99 -9.72 -8.55
N THR B 169 -53.76 -11.02 -8.68
CA THR B 169 -52.42 -11.59 -8.66
C THR B 169 -52.25 -12.55 -9.82
N SER B 170 -50.99 -12.76 -10.20
CA SER B 170 -50.62 -13.66 -11.29
C SER B 170 -50.01 -14.93 -10.72
N SER B 171 -50.40 -16.07 -11.27
CA SER B 171 -49.89 -17.37 -10.86
C SER B 171 -49.09 -17.99 -11.99
N GLY B 172 -48.12 -18.82 -11.62
CA GLY B 172 -47.25 -19.44 -12.60
C GLY B 172 -47.93 -20.50 -13.45
N ASP B 173 -49.06 -21.02 -13.00
CA ASP B 173 -49.77 -22.07 -13.73
C ASP B 173 -50.74 -21.50 -14.76
N THR B 174 -50.23 -20.57 -15.58
CA THR B 174 -51.02 -19.98 -16.68
C THR B 174 -52.42 -19.57 -16.22
N THR B 175 -52.53 -19.10 -14.98
CA THR B 175 -53.82 -18.74 -14.41
C THR B 175 -53.70 -17.43 -13.65
N CYS B 176 -54.72 -16.59 -13.80
CA CYS B 176 -54.84 -15.34 -13.06
C CYS B 176 -56.15 -15.34 -12.28
N ALA B 177 -56.09 -14.92 -11.02
CA ALA B 177 -57.24 -14.96 -10.13
C ALA B 177 -57.34 -13.65 -9.36
N LEU B 178 -58.56 -13.33 -8.94
CA LEU B 178 -58.86 -12.16 -8.13
C LEU B 178 -59.25 -12.60 -6.74
N TRP B 179 -58.56 -12.06 -5.73
CA TRP B 179 -58.78 -12.45 -4.34
C TRP B 179 -59.29 -11.26 -3.54
N ASP B 180 -60.06 -11.57 -2.50
CA ASP B 180 -60.60 -10.58 -1.58
C ASP B 180 -59.96 -10.77 -0.21
N ILE B 181 -59.50 -9.66 0.38
CA ILE B 181 -58.83 -9.75 1.68
C ILE B 181 -59.77 -10.28 2.74
N GLU B 182 -61.00 -9.76 2.77
CA GLU B 182 -61.95 -10.20 3.79
C GLU B 182 -62.28 -11.68 3.64
N THR B 183 -62.51 -12.14 2.41
CA THR B 183 -62.88 -13.53 2.17
C THR B 183 -61.68 -14.46 2.05
N GLY B 184 -60.56 -13.96 1.51
CA GLY B 184 -59.39 -14.80 1.34
C GLY B 184 -59.60 -15.94 0.37
N GLN B 185 -60.35 -15.69 -0.71
CA GLN B 185 -60.63 -16.72 -1.72
C GLN B 185 -60.64 -16.08 -3.09
N GLN B 186 -60.41 -16.90 -4.11
CA GLN B 186 -60.36 -16.43 -5.50
C GLN B 186 -61.78 -16.11 -5.95
N THR B 187 -62.18 -14.84 -5.82
CA THR B 187 -63.52 -14.44 -6.24
C THR B 187 -63.71 -14.61 -7.73
N THR B 188 -62.71 -14.25 -8.53
CA THR B 188 -62.76 -14.35 -9.98
C THR B 188 -61.53 -15.12 -10.47
N THR B 189 -61.73 -15.97 -11.48
CA THR B 189 -60.68 -16.79 -12.04
C THR B 189 -60.53 -16.48 -13.52
N PHE B 190 -59.29 -16.37 -13.99
CA PHE B 190 -59.02 -16.11 -15.39
C PHE B 190 -58.17 -17.22 -15.99
N THR B 191 -58.54 -18.47 -15.69
CA THR B 191 -57.77 -19.62 -16.16
C THR B 191 -57.85 -19.81 -17.67
N GLY B 192 -58.76 -19.13 -18.36
CA GLY B 192 -58.89 -19.27 -19.79
C GLY B 192 -57.78 -18.56 -20.54
N HIS B 193 -56.55 -19.01 -20.35
CA HIS B 193 -55.39 -18.40 -21.00
C HIS B 193 -54.34 -19.48 -21.24
N THR B 194 -53.49 -19.22 -22.24
CA THR B 194 -52.42 -20.15 -22.62
C THR B 194 -51.08 -19.52 -22.29
N GLY B 195 -50.26 -20.23 -21.53
CA GLY B 195 -48.96 -19.73 -21.12
C GLY B 195 -49.01 -18.99 -19.79
N ASP B 196 -47.83 -18.82 -19.20
CA ASP B 196 -47.72 -18.16 -17.91
C ASP B 196 -47.92 -16.66 -18.06
N VAL B 197 -48.14 -16.00 -16.93
CA VAL B 197 -48.33 -14.55 -16.86
C VAL B 197 -47.19 -13.96 -16.05
N MET B 198 -46.51 -12.98 -16.64
CA MET B 198 -45.32 -12.37 -16.04
C MET B 198 -45.64 -11.14 -15.21
N SER B 199 -46.26 -10.13 -15.82
CA SER B 199 -46.50 -8.86 -15.16
C SER B 199 -47.93 -8.40 -15.41
N LEU B 200 -48.44 -7.59 -14.49
CA LEU B 200 -49.76 -7.00 -14.58
C LEU B 200 -49.65 -5.49 -14.45
N SER B 201 -50.57 -4.78 -15.09
CA SER B 201 -50.61 -3.33 -15.04
C SER B 201 -52.05 -2.87 -14.88
N LEU B 202 -52.22 -1.75 -14.16
CA LEU B 202 -53.52 -1.15 -13.92
C LEU B 202 -53.55 0.22 -14.61
N ALA B 203 -54.55 0.43 -15.46
CA ALA B 203 -54.71 1.68 -16.17
C ALA B 203 -55.43 2.68 -15.28
N PRO B 204 -55.65 3.90 -15.77
CA PRO B 204 -56.38 4.89 -14.95
C PRO B 204 -57.76 4.42 -14.55
N ASP B 205 -58.45 3.68 -15.41
CA ASP B 205 -59.77 3.13 -15.10
C ASP B 205 -59.58 1.74 -14.51
N THR B 206 -59.96 1.57 -13.25
CA THR B 206 -59.82 0.29 -12.57
C THR B 206 -60.75 -0.78 -13.12
N ARG B 207 -61.73 -0.40 -13.96
CA ARG B 207 -62.67 -1.39 -14.48
C ARG B 207 -61.97 -2.44 -15.33
N LEU B 208 -61.01 -2.02 -16.16
CA LEU B 208 -60.31 -2.91 -17.06
C LEU B 208 -58.81 -2.84 -16.78
N PHE B 209 -58.16 -4.00 -16.84
CA PHE B 209 -56.72 -4.10 -16.64
C PHE B 209 -56.12 -5.01 -17.69
N VAL B 210 -54.83 -4.83 -17.95
CA VAL B 210 -54.10 -5.57 -18.97
C VAL B 210 -53.05 -6.43 -18.30
N SER B 211 -52.99 -7.70 -18.70
CA SER B 211 -52.05 -8.66 -18.14
C SER B 211 -51.02 -9.04 -19.19
N GLY B 212 -49.75 -8.99 -18.81
CA GLY B 212 -48.68 -9.38 -19.71
C GLY B 212 -48.32 -10.84 -19.61
N ALA B 213 -48.61 -11.60 -20.66
CA ALA B 213 -48.37 -13.04 -20.66
C ALA B 213 -46.90 -13.33 -20.96
N CYS B 214 -46.48 -14.54 -20.56
CA CYS B 214 -45.12 -14.98 -20.86
C CYS B 214 -44.89 -15.19 -22.35
N ASP B 215 -45.94 -15.50 -23.10
CA ASP B 215 -45.83 -15.69 -24.54
C ASP B 215 -45.97 -14.34 -25.25
N ALA B 216 -46.11 -14.37 -26.57
CA ALA B 216 -46.23 -13.15 -27.37
C ALA B 216 -47.66 -12.63 -27.43
N SER B 217 -48.62 -13.31 -26.83
CA SER B 217 -50.02 -12.92 -26.87
C SER B 217 -50.37 -12.14 -25.61
N ALA B 218 -50.92 -10.95 -25.79
CA ALA B 218 -51.35 -10.10 -24.69
C ALA B 218 -52.86 -10.05 -24.64
N LYS B 219 -53.43 -10.30 -23.46
CA LYS B 219 -54.86 -10.39 -23.27
C LYS B 219 -55.32 -9.35 -22.24
N LEU B 220 -56.45 -8.71 -22.52
CA LEU B 220 -57.06 -7.75 -21.62
C LEU B 220 -58.24 -8.39 -20.92
N TRP B 221 -58.29 -8.24 -19.60
CA TRP B 221 -59.32 -8.87 -18.78
C TRP B 221 -60.08 -7.81 -17.99
N ASP B 222 -61.32 -8.15 -17.64
CA ASP B 222 -62.19 -7.28 -16.85
C ASP B 222 -62.49 -7.95 -15.52
N VAL B 223 -62.67 -7.11 -14.48
CA VAL B 223 -62.93 -7.62 -13.15
C VAL B 223 -64.25 -8.40 -13.12
N ARG B 224 -65.28 -7.85 -13.76
CA ARG B 224 -66.60 -8.48 -13.78
C ARG B 224 -66.80 -9.40 -14.96
N GLU B 225 -66.24 -9.06 -16.13
CA GLU B 225 -66.44 -9.89 -17.32
C GLU B 225 -65.87 -11.29 -17.12
N GLY B 226 -64.67 -11.38 -16.57
CA GLY B 226 -64.06 -12.68 -16.33
C GLY B 226 -63.52 -13.37 -17.56
N MET B 227 -63.47 -12.68 -18.70
CA MET B 227 -62.99 -13.28 -19.94
C MET B 227 -62.15 -12.26 -20.69
N CYS B 228 -61.28 -12.76 -21.55
CA CYS B 228 -60.42 -11.89 -22.35
C CYS B 228 -61.25 -11.08 -23.33
N ARG B 229 -60.77 -9.88 -23.63
CA ARG B 229 -61.45 -8.96 -24.54
C ARG B 229 -60.74 -8.82 -25.87
N GLN B 230 -59.43 -8.54 -25.85
CA GLN B 230 -58.65 -8.37 -27.07
C GLN B 230 -57.35 -9.16 -26.94
N THR B 231 -56.87 -9.67 -28.07
CA THR B 231 -55.65 -10.45 -28.14
C THR B 231 -54.72 -9.82 -29.17
N PHE B 232 -53.49 -9.51 -28.75
CA PHE B 232 -52.47 -8.92 -29.60
C PHE B 232 -51.25 -9.81 -29.61
N THR B 233 -50.72 -10.10 -30.80
CA THR B 233 -49.56 -10.96 -30.97
C THR B 233 -48.46 -10.25 -31.75
N GLY B 234 -48.28 -8.95 -31.47
CA GLY B 234 -47.24 -8.19 -32.15
C GLY B 234 -45.84 -8.52 -31.69
N HIS B 235 -45.68 -9.06 -30.49
CA HIS B 235 -44.37 -9.40 -29.98
C HIS B 235 -43.82 -10.64 -30.69
N GLU B 236 -42.49 -10.74 -30.72
CA GLU B 236 -41.81 -11.86 -31.35
C GLU B 236 -41.11 -12.77 -30.36
N SER B 237 -41.06 -12.41 -29.08
CA SER B 237 -40.43 -13.22 -28.05
C SER B 237 -41.27 -13.13 -26.78
N ASP B 238 -40.73 -13.69 -25.69
CA ASP B 238 -41.45 -13.66 -24.43
C ASP B 238 -41.56 -12.24 -23.89
N ILE B 239 -42.71 -11.93 -23.31
CA ILE B 239 -42.98 -10.61 -22.74
C ILE B 239 -42.77 -10.70 -21.24
N ASN B 240 -41.92 -9.82 -20.70
CA ASN B 240 -41.58 -9.82 -19.29
C ASN B 240 -42.10 -8.61 -18.52
N ALA B 241 -42.48 -7.54 -19.21
CA ALA B 241 -42.97 -6.34 -18.54
C ALA B 241 -44.06 -5.71 -19.39
N ILE B 242 -44.92 -4.94 -18.73
CA ILE B 242 -46.01 -4.25 -19.39
C ILE B 242 -46.38 -3.03 -18.56
N CYS B 243 -46.71 -1.94 -19.26
CA CYS B 243 -47.13 -0.70 -18.61
C CYS B 243 -48.32 -0.13 -19.36
N PHE B 244 -49.13 0.65 -18.66
CA PHE B 244 -50.35 1.22 -19.20
C PHE B 244 -50.22 2.73 -19.36
N PHE B 245 -50.76 3.25 -20.46
CA PHE B 245 -50.73 4.68 -20.69
C PHE B 245 -51.55 5.39 -19.62
N PRO B 246 -51.08 6.54 -19.12
CA PRO B 246 -51.85 7.24 -18.07
C PRO B 246 -53.27 7.55 -18.49
N ASN B 247 -53.50 7.90 -19.75
CA ASN B 247 -54.86 8.15 -20.23
C ASN B 247 -55.70 6.89 -20.25
N GLY B 248 -55.07 5.72 -20.24
CA GLY B 248 -55.79 4.46 -20.23
C GLY B 248 -56.26 3.98 -21.60
N ASN B 249 -55.96 4.71 -22.67
CA ASN B 249 -56.37 4.32 -24.01
C ASN B 249 -55.33 3.50 -24.75
N ALA B 250 -54.18 3.24 -24.13
CA ALA B 250 -53.11 2.49 -24.77
C ALA B 250 -52.21 1.90 -23.70
N PHE B 251 -51.39 0.94 -24.11
CA PHE B 251 -50.43 0.32 -23.21
C PHE B 251 -49.23 -0.17 -24.02
N ALA B 252 -48.11 -0.33 -23.32
CA ALA B 252 -46.86 -0.77 -23.95
C ALA B 252 -46.32 -1.96 -23.18
N THR B 253 -45.68 -2.88 -23.91
CA THR B 253 -45.12 -4.09 -23.34
C THR B 253 -43.71 -4.31 -23.89
N GLY B 254 -42.87 -4.90 -23.06
CA GLY B 254 -41.51 -5.24 -23.45
C GLY B 254 -41.40 -6.72 -23.81
N SER B 255 -40.38 -7.04 -24.59
CA SER B 255 -40.15 -8.40 -25.05
C SER B 255 -38.67 -8.75 -24.90
N ASP B 256 -38.40 -10.05 -24.79
CA ASP B 256 -37.02 -10.52 -24.68
C ASP B 256 -36.21 -10.30 -25.94
N ASP B 257 -36.86 -9.96 -27.06
CA ASP B 257 -36.18 -9.69 -28.32
C ASP B 257 -35.82 -8.23 -28.49
N ALA B 258 -36.04 -7.41 -27.46
CA ALA B 258 -35.73 -5.98 -27.49
C ALA B 258 -36.63 -5.22 -28.46
N THR B 259 -37.73 -5.83 -28.90
CA THR B 259 -38.67 -5.19 -29.82
C THR B 259 -39.88 -4.72 -29.03
N CYS B 260 -39.72 -3.56 -28.41
CA CYS B 260 -40.84 -2.96 -27.66
C CYS B 260 -41.93 -2.52 -28.62
N ARG B 261 -43.18 -2.75 -28.22
CA ARG B 261 -44.34 -2.42 -29.04
C ARG B 261 -45.37 -1.68 -28.20
N LEU B 262 -46.13 -0.81 -28.86
CA LEU B 262 -47.20 -0.06 -28.24
C LEU B 262 -48.53 -0.47 -28.84
N PHE B 263 -49.51 -0.76 -27.99
CA PHE B 263 -50.83 -1.20 -28.41
C PHE B 263 -51.88 -0.24 -27.90
N ASP B 264 -52.93 -0.05 -28.70
CA ASP B 264 -54.03 0.85 -28.37
C ASP B 264 -55.32 0.05 -28.25
N LEU B 265 -56.13 0.39 -27.25
CA LEU B 265 -57.39 -0.31 -27.03
C LEU B 265 -58.37 -0.11 -28.18
N ARG B 266 -58.20 0.97 -28.96
CA ARG B 266 -59.08 1.24 -30.10
C ARG B 266 -58.53 0.69 -31.40
N ALA B 267 -57.24 0.94 -31.69
CA ALA B 267 -56.66 0.41 -32.91
C ALA B 267 -56.53 -1.11 -32.85
N ASP B 268 -56.25 -1.67 -31.67
CA ASP B 268 -56.11 -3.11 -31.50
C ASP B 268 -55.02 -3.66 -32.41
N GLN B 269 -53.92 -2.91 -32.56
CA GLN B 269 -52.81 -3.34 -33.39
C GLN B 269 -51.56 -2.59 -32.94
N GLU B 270 -50.40 -3.13 -33.34
CA GLU B 270 -49.14 -2.50 -33.01
C GLU B 270 -49.04 -1.13 -33.67
N LEU B 271 -48.43 -0.19 -32.95
CA LEU B 271 -48.29 1.19 -33.43
C LEU B 271 -46.85 1.55 -33.76
N MET B 272 -45.93 1.36 -32.81
CA MET B 272 -44.53 1.68 -33.01
C MET B 272 -43.66 0.53 -32.53
N THR B 273 -42.47 0.43 -33.11
CA THR B 273 -41.45 -0.53 -32.68
C THR B 273 -40.22 0.25 -32.26
N TYR B 274 -39.83 0.08 -31.00
CA TYR B 274 -38.67 0.77 -30.42
C TYR B 274 -37.54 -0.25 -30.27
N SER B 275 -36.63 -0.29 -31.24
CA SER B 275 -35.50 -1.20 -31.21
C SER B 275 -34.35 -0.60 -32.00
N HIS B 276 -33.15 -1.11 -31.74
CA HIS B 276 -31.96 -0.65 -32.41
C HIS B 276 -31.11 -1.85 -32.80
N ASP B 277 -30.30 -1.67 -33.85
CA ASP B 277 -29.45 -2.76 -34.31
C ASP B 277 -28.38 -3.13 -33.29
N ASN B 278 -27.92 -2.15 -32.51
CA ASN B 278 -26.89 -2.37 -31.51
C ASN B 278 -27.44 -2.88 -30.19
N ILE B 279 -28.76 -2.96 -30.05
CA ILE B 279 -29.40 -3.42 -28.82
C ILE B 279 -29.73 -4.89 -29.00
N ILE B 280 -28.95 -5.76 -28.36
CA ILE B 280 -29.15 -7.20 -28.44
C ILE B 280 -29.94 -7.71 -27.23
N CYS B 281 -29.63 -7.22 -26.04
CA CYS B 281 -30.33 -7.65 -24.84
C CYS B 281 -31.79 -7.20 -24.88
N GLY B 282 -32.67 -8.03 -24.33
CA GLY B 282 -34.08 -7.74 -24.31
C GLY B 282 -34.42 -6.68 -23.28
N ILE B 283 -35.72 -6.48 -23.11
CA ILE B 283 -36.27 -5.49 -22.18
C ILE B 283 -36.95 -6.23 -21.04
N THR B 284 -36.58 -5.88 -19.81
CA THR B 284 -37.15 -6.51 -18.62
C THR B 284 -38.06 -5.59 -17.82
N SER B 285 -37.98 -4.28 -18.04
CA SER B 285 -38.83 -3.32 -17.33
C SER B 285 -39.35 -2.29 -18.32
N VAL B 286 -40.51 -1.73 -17.99
CA VAL B 286 -41.15 -0.70 -18.82
C VAL B 286 -41.93 0.23 -17.93
N SER B 287 -41.86 1.53 -18.22
CA SER B 287 -42.57 2.54 -17.46
C SER B 287 -42.73 3.78 -18.31
N PHE B 288 -43.85 4.47 -18.14
CA PHE B 288 -44.15 5.69 -18.89
C PHE B 288 -44.05 6.90 -17.98
N SER B 289 -43.99 8.08 -18.60
CA SER B 289 -43.89 9.33 -17.87
C SER B 289 -45.29 9.75 -17.42
N LYS B 290 -45.39 10.93 -16.78
CA LYS B 290 -46.69 11.39 -16.30
C LYS B 290 -47.65 11.59 -17.46
N SER B 291 -47.20 12.23 -18.54
CA SER B 291 -48.01 12.43 -19.73
C SER B 291 -47.80 11.35 -20.78
N GLY B 292 -46.84 10.45 -20.59
CA GLY B 292 -46.55 9.42 -21.55
C GLY B 292 -45.68 9.86 -22.71
N ARG B 293 -45.24 11.12 -22.74
CA ARG B 293 -44.39 11.58 -23.83
C ARG B 293 -43.05 10.86 -23.86
N LEU B 294 -42.53 10.50 -22.68
CA LEU B 294 -41.27 9.79 -22.56
C LEU B 294 -41.50 8.47 -21.85
N LEU B 295 -40.89 7.40 -22.38
CA LEU B 295 -41.02 6.06 -21.83
C LEU B 295 -39.66 5.60 -21.32
N LEU B 296 -39.65 5.06 -20.11
CA LEU B 296 -38.44 4.57 -19.46
C LEU B 296 -38.50 3.05 -19.38
N ALA B 297 -37.48 2.38 -19.91
CA ALA B 297 -37.41 0.93 -19.91
C ALA B 297 -35.99 0.50 -19.57
N GLY B 298 -35.88 -0.69 -18.99
CA GLY B 298 -34.60 -1.27 -18.62
C GLY B 298 -34.33 -2.54 -19.40
N TYR B 299 -33.08 -2.70 -19.85
CA TYR B 299 -32.68 -3.85 -20.62
C TYR B 299 -31.89 -4.82 -19.74
N ASP B 300 -31.54 -5.98 -20.33
CA ASP B 300 -30.79 -6.98 -19.59
C ASP B 300 -29.38 -6.54 -19.25
N ASP B 301 -28.87 -5.49 -19.88
CA ASP B 301 -27.53 -4.99 -19.60
C ASP B 301 -27.57 -4.14 -18.33
N PHE B 302 -26.43 -3.53 -17.99
CA PHE B 302 -26.31 -2.71 -16.79
C PHE B 302 -26.60 -1.23 -17.05
N ASN B 303 -26.97 -0.87 -18.29
CA ASN B 303 -27.22 0.52 -18.65
C ASN B 303 -28.69 0.68 -19.02
N CYS B 304 -29.32 1.70 -18.45
CA CYS B 304 -30.72 2.00 -18.72
C CYS B 304 -30.83 3.11 -19.76
N ASN B 305 -31.90 3.07 -20.54
CA ASN B 305 -32.13 4.02 -21.62
C ASN B 305 -33.53 4.59 -21.50
N VAL B 306 -33.71 5.77 -22.07
CA VAL B 306 -35.00 6.48 -22.08
C VAL B 306 -35.47 6.57 -23.52
N TRP B 307 -36.71 6.16 -23.77
CA TRP B 307 -37.29 6.12 -25.10
C TRP B 307 -38.41 7.15 -25.22
N ASP B 308 -38.51 7.76 -26.40
CA ASP B 308 -39.54 8.73 -26.69
C ASP B 308 -40.66 8.05 -27.47
N ALA B 309 -41.87 8.04 -26.90
CA ALA B 309 -42.99 7.37 -27.54
C ALA B 309 -43.39 8.10 -28.82
N LEU B 310 -43.48 9.43 -28.77
CA LEU B 310 -43.93 10.19 -29.93
C LEU B 310 -42.84 10.24 -31.00
N LYS B 311 -41.59 10.45 -30.60
CA LYS B 311 -40.49 10.57 -31.54
C LYS B 311 -39.85 9.23 -31.90
N ALA B 312 -40.01 8.21 -31.06
CA ALA B 312 -39.41 6.91 -31.30
C ALA B 312 -37.90 7.03 -31.52
N ASP B 313 -37.28 7.89 -30.73
CA ASP B 313 -35.85 8.13 -30.80
C ASP B 313 -35.25 8.14 -29.41
N ARG B 314 -33.97 7.78 -29.32
CA ARG B 314 -33.29 7.73 -28.04
C ARG B 314 -33.20 9.13 -27.44
N ALA B 315 -33.38 9.21 -26.12
CA ALA B 315 -33.31 10.48 -25.39
C ALA B 315 -32.01 10.62 -24.60
N GLY B 316 -31.58 9.55 -23.95
CA GLY B 316 -30.33 9.59 -23.19
C GLY B 316 -29.89 8.19 -22.81
N VAL B 317 -28.67 8.12 -22.30
CA VAL B 317 -28.07 6.85 -21.87
C VAL B 317 -27.71 6.98 -20.40
N LEU B 318 -28.15 6.02 -19.59
CA LEU B 318 -27.88 5.98 -18.16
C LEU B 318 -27.18 4.68 -17.83
N ALA B 319 -26.05 4.78 -17.13
CA ALA B 319 -25.24 3.62 -16.75
C ALA B 319 -24.83 3.72 -15.29
N GLY B 320 -25.79 4.05 -14.44
CA GLY B 320 -25.54 4.19 -13.01
C GLY B 320 -25.61 2.90 -12.23
N HIS B 321 -25.83 1.76 -12.88
CA HIS B 321 -25.91 0.47 -12.23
C HIS B 321 -24.87 -0.46 -12.83
N ASP B 322 -24.24 -1.26 -11.97
CA ASP B 322 -23.20 -2.20 -12.40
C ASP B 322 -23.74 -3.59 -12.70
N ASN B 323 -25.06 -3.79 -12.64
CA ASN B 323 -25.66 -5.09 -12.89
C ASN B 323 -26.99 -4.87 -13.60
N ARG B 324 -27.65 -5.99 -13.93
CA ARG B 324 -28.93 -5.94 -14.64
C ARG B 324 -29.97 -5.19 -13.82
N VAL B 325 -30.81 -4.43 -14.52
CA VAL B 325 -31.89 -3.70 -13.87
C VAL B 325 -33.05 -4.66 -13.60
N SER B 326 -33.26 -4.98 -12.33
CA SER B 326 -34.32 -5.93 -11.97
C SER B 326 -35.70 -5.39 -12.34
N CYS B 327 -35.96 -4.12 -12.01
CA CYS B 327 -37.25 -3.53 -12.30
C CYS B 327 -37.10 -2.01 -12.28
N LEU B 328 -38.10 -1.34 -12.88
CA LEU B 328 -38.11 0.11 -12.94
C LEU B 328 -39.53 0.60 -12.64
N GLY B 329 -39.62 1.76 -11.99
CA GLY B 329 -40.90 2.33 -11.66
C GLY B 329 -40.86 3.84 -11.80
N VAL B 330 -42.03 4.41 -12.07
CA VAL B 330 -42.20 5.85 -12.24
C VAL B 330 -43.35 6.31 -11.35
N THR B 331 -43.13 7.40 -10.62
CA THR B 331 -44.17 7.94 -9.76
C THR B 331 -45.35 8.47 -10.58
N ASP B 332 -46.51 8.48 -9.94
CA ASP B 332 -47.72 8.95 -10.63
C ASP B 332 -47.57 10.39 -11.06
N ASP B 333 -47.00 11.24 -10.21
CA ASP B 333 -46.80 12.65 -10.52
C ASP B 333 -45.50 12.91 -11.27
N GLY B 334 -44.67 11.88 -11.48
CA GLY B 334 -43.43 12.06 -12.19
C GLY B 334 -42.38 12.83 -11.43
N MET B 335 -42.47 12.87 -10.10
CA MET B 335 -41.49 13.61 -9.31
C MET B 335 -40.09 13.02 -9.48
N ALA B 336 -39.98 11.70 -9.45
CA ALA B 336 -38.69 11.03 -9.58
C ALA B 336 -38.91 9.62 -10.11
N VAL B 337 -37.82 9.03 -10.62
CA VAL B 337 -37.83 7.69 -11.17
C VAL B 337 -36.70 6.91 -10.54
N ALA B 338 -36.98 5.70 -10.07
CA ALA B 338 -36.01 4.85 -9.42
C ALA B 338 -35.91 3.52 -10.16
N THR B 339 -34.68 3.03 -10.33
CA THR B 339 -34.41 1.77 -11.00
C THR B 339 -33.72 0.83 -10.03
N GLY B 340 -34.22 -0.40 -9.95
CA GLY B 340 -33.63 -1.41 -9.07
C GLY B 340 -32.82 -2.43 -9.84
N SER B 341 -31.56 -2.61 -9.44
CA SER B 341 -30.65 -3.53 -10.08
C SER B 341 -30.51 -4.80 -9.25
N TRP B 342 -29.86 -5.81 -9.84
CA TRP B 342 -29.64 -7.07 -9.15
C TRP B 342 -28.64 -6.94 -8.00
N ASP B 343 -27.92 -5.83 -7.91
CA ASP B 343 -26.98 -5.62 -6.82
C ASP B 343 -27.74 -5.18 -5.57
N SER B 344 -27.00 -4.76 -4.54
CA SER B 344 -27.58 -4.33 -3.28
C SER B 344 -27.72 -2.82 -3.18
N PHE B 345 -27.51 -2.09 -4.27
CA PHE B 345 -27.58 -0.63 -4.29
C PHE B 345 -28.75 -0.19 -5.16
N LEU B 346 -29.55 0.73 -4.65
CA LEU B 346 -30.69 1.29 -5.36
C LEU B 346 -30.36 2.73 -5.75
N LYS B 347 -30.59 3.06 -7.02
CA LYS B 347 -30.27 4.38 -7.56
C LYS B 347 -31.56 5.17 -7.79
N ILE B 348 -31.54 6.43 -7.38
CA ILE B 348 -32.66 7.35 -7.56
C ILE B 348 -32.25 8.41 -8.56
N TRP B 349 -33.09 8.62 -9.58
CA TRP B 349 -32.81 9.57 -10.65
C TRP B 349 -33.92 10.62 -10.69
N ASN B 350 -33.53 11.84 -11.03
CA ASN B 350 -34.49 12.94 -11.11
C ASN B 350 -34.05 13.96 -12.16
N THR C 6 -62.52 -35.94 -25.34
CA THR C 6 -61.31 -36.05 -24.47
C THR C 6 -60.80 -34.67 -24.09
N ALA C 7 -59.64 -34.63 -23.44
CA ALA C 7 -59.06 -33.35 -23.03
C ALA C 7 -58.74 -32.48 -24.24
N SER C 8 -58.19 -33.08 -25.30
CA SER C 8 -57.86 -32.32 -26.49
C SER C 8 -59.12 -31.72 -27.12
N ILE C 9 -60.20 -32.49 -27.18
CA ILE C 9 -61.45 -31.97 -27.76
C ILE C 9 -61.97 -30.81 -26.93
N ALA C 10 -61.95 -30.93 -25.60
CA ALA C 10 -62.42 -29.85 -24.75
C ALA C 10 -61.55 -28.60 -24.92
N GLN C 11 -60.23 -28.78 -25.00
CA GLN C 11 -59.35 -27.64 -25.20
C GLN C 11 -59.61 -26.96 -26.53
N ALA C 12 -59.81 -27.74 -27.59
CA ALA C 12 -60.11 -27.17 -28.90
C ALA C 12 -61.43 -26.41 -28.87
N ARG C 13 -62.45 -26.98 -28.22
CA ARG C 13 -63.74 -26.29 -28.12
C ARG C 13 -63.60 -24.98 -27.36
N LYS C 14 -62.85 -25.00 -26.25
CA LYS C 14 -62.65 -23.77 -25.48
C LYS C 14 -61.91 -22.72 -26.30
N LEU C 15 -60.89 -23.14 -27.04
CA LEU C 15 -60.16 -22.20 -27.89
C LEU C 15 -61.06 -21.61 -28.96
N VAL C 16 -61.90 -22.45 -29.58
CA VAL C 16 -62.81 -21.95 -30.61
C VAL C 16 -63.79 -20.96 -30.01
N GLU C 17 -64.33 -21.27 -28.83
CA GLU C 17 -65.26 -20.35 -28.18
C GLU C 17 -64.59 -19.02 -27.85
N GLN C 18 -63.36 -19.08 -27.34
CA GLN C 18 -62.64 -17.85 -27.02
C GLN C 18 -62.38 -17.02 -28.28
N LEU C 19 -61.99 -17.68 -29.37
CA LEU C 19 -61.76 -16.96 -30.62
C LEU C 19 -63.05 -16.32 -31.13
N LYS C 20 -64.16 -17.04 -31.05
CA LYS C 20 -65.43 -16.49 -31.48
C LYS C 20 -65.82 -15.28 -30.63
N MET C 21 -65.63 -15.38 -29.32
CA MET C 21 -65.95 -14.25 -28.44
C MET C 21 -65.08 -13.04 -28.76
N GLU C 22 -63.79 -13.27 -29.01
CA GLU C 22 -62.90 -12.17 -29.34
C GLU C 22 -63.17 -11.59 -30.72
N ALA C 23 -63.77 -12.37 -31.62
CA ALA C 23 -64.06 -11.89 -32.97
C ALA C 23 -65.30 -11.02 -33.02
N ASN C 24 -66.07 -10.93 -31.94
CA ASN C 24 -67.27 -10.10 -31.90
C ASN C 24 -67.00 -8.69 -31.40
N ILE C 25 -65.75 -8.34 -31.12
CA ILE C 25 -65.43 -7.00 -30.64
C ILE C 25 -65.54 -6.00 -31.78
N ASP C 26 -65.68 -4.73 -31.41
CA ASP C 26 -65.81 -3.65 -32.38
C ASP C 26 -64.44 -3.05 -32.69
N ARG C 27 -64.40 -2.21 -33.71
CA ARG C 27 -63.18 -1.54 -34.14
C ARG C 27 -63.45 -0.06 -34.32
N ILE C 28 -62.39 0.75 -34.14
CA ILE C 28 -62.47 2.19 -34.25
C ILE C 28 -61.37 2.67 -35.19
N LYS C 29 -61.58 3.85 -35.74
CA LYS C 29 -60.61 4.43 -36.68
C LYS C 29 -59.31 4.75 -35.96
N VAL C 30 -58.19 4.42 -36.60
CA VAL C 30 -56.88 4.71 -36.02
C VAL C 30 -56.63 6.22 -35.99
N SER C 31 -57.17 6.96 -36.96
CA SER C 31 -56.93 8.40 -37.01
C SER C 31 -57.52 9.09 -35.78
N LYS C 32 -58.72 8.70 -35.37
CA LYS C 32 -59.34 9.30 -34.19
C LYS C 32 -58.50 9.05 -32.94
N ALA C 33 -58.03 7.82 -32.76
CA ALA C 33 -57.18 7.50 -31.62
C ALA C 33 -55.88 8.29 -31.68
N ALA C 34 -55.30 8.44 -32.86
CA ALA C 34 -54.08 9.22 -33.01
C ALA C 34 -54.31 10.67 -32.60
N ALA C 35 -55.41 11.26 -33.07
CA ALA C 35 -55.70 12.65 -32.72
C ALA C 35 -55.93 12.79 -31.22
N ASP C 36 -56.66 11.86 -30.61
CA ASP C 36 -56.91 11.92 -29.18
C ASP C 36 -55.61 11.81 -28.39
N LEU C 37 -54.74 10.88 -28.77
CA LEU C 37 -53.47 10.72 -28.07
C LEU C 37 -52.59 11.95 -28.23
N MET C 38 -52.54 12.53 -29.43
CA MET C 38 -51.75 13.74 -29.64
C MET C 38 -52.28 14.89 -28.80
N ALA C 39 -53.61 15.06 -28.75
CA ALA C 39 -54.19 16.12 -27.94
C ALA C 39 -53.89 15.92 -26.46
N TYR C 40 -54.01 14.68 -25.98
CA TYR C 40 -53.70 14.40 -24.58
C TYR C 40 -52.25 14.69 -24.26
N CYS C 41 -51.33 14.27 -25.13
CA CYS C 41 -49.91 14.52 -24.91
C CYS C 41 -49.62 16.02 -24.89
N GLU C 42 -50.21 16.76 -25.83
CA GLU C 42 -50.01 18.21 -25.86
C GLU C 42 -50.55 18.87 -24.60
N ALA C 43 -51.73 18.45 -24.14
CA ALA C 43 -52.31 19.04 -22.95
C ALA C 43 -51.48 18.74 -21.71
N HIS C 44 -50.98 17.50 -21.60
CA HIS C 44 -50.21 17.09 -20.43
C HIS C 44 -48.71 17.32 -20.57
N ALA C 45 -48.27 17.89 -21.70
CA ALA C 45 -46.84 18.14 -21.88
C ALA C 45 -46.32 19.16 -20.88
N LYS C 46 -47.09 20.21 -20.59
CA LYS C 46 -46.63 21.26 -19.68
C LYS C 46 -46.41 20.75 -18.27
N GLU C 47 -47.03 19.62 -17.90
CA GLU C 47 -46.92 19.07 -16.55
C GLU C 47 -45.96 17.88 -16.49
N ASP C 48 -44.88 17.93 -17.26
CA ASP C 48 -43.89 16.86 -17.31
C ASP C 48 -42.55 17.38 -16.81
N PRO C 49 -42.19 17.18 -15.54
CA PRO C 49 -40.87 17.64 -15.07
C PRO C 49 -39.72 17.02 -15.83
N LEU C 50 -39.84 15.75 -16.24
CA LEU C 50 -38.76 15.12 -16.98
C LEU C 50 -38.54 15.80 -18.32
N LEU C 51 -39.62 16.12 -19.04
CA LEU C 51 -39.49 16.75 -20.35
C LEU C 51 -39.04 18.21 -20.23
N THR C 52 -39.59 18.95 -19.26
CA THR C 52 -39.26 20.36 -19.08
C THR C 52 -38.36 20.51 -17.87
N PRO C 53 -37.09 20.90 -18.04
CA PRO C 53 -36.23 21.10 -16.89
C PRO C 53 -36.74 22.22 -15.99
N VAL C 54 -36.50 22.06 -14.69
CA VAL C 54 -36.96 23.02 -13.69
C VAL C 54 -35.78 23.41 -12.81
N PRO C 55 -35.82 24.60 -12.22
CA PRO C 55 -34.71 25.02 -11.36
C PRO C 55 -34.59 24.13 -10.13
N ALA C 56 -33.35 24.01 -9.65
CA ALA C 56 -33.10 23.18 -8.47
C ALA C 56 -33.82 23.71 -7.24
N SER C 57 -34.07 25.03 -7.19
CA SER C 57 -34.78 25.59 -6.05
C SER C 57 -36.19 25.02 -5.94
N GLU C 58 -36.89 24.91 -7.07
CA GLU C 58 -38.24 24.36 -7.08
C GLU C 58 -38.25 22.84 -7.11
N ASN C 59 -37.12 22.20 -7.40
CA ASN C 59 -37.06 20.75 -7.44
C ASN C 59 -36.99 20.19 -6.02
N PRO C 60 -37.90 19.30 -5.63
CA PRO C 60 -37.88 18.74 -4.28
C PRO C 60 -36.91 17.58 -4.09
N PHE C 61 -36.04 17.31 -5.06
CA PHE C 61 -35.06 16.23 -4.98
C PHE C 61 -33.65 16.77 -5.18
N ARG C 62 -33.35 17.90 -4.55
CA ARG C 62 -32.03 18.52 -4.66
C ARG C 62 -31.01 17.75 -3.84
N GLU D 22 62.16 39.29 40.87
CA GLU D 22 63.25 38.71 41.69
C GLU D 22 64.62 39.13 41.16
N PRO D 23 65.65 39.00 41.99
CA PRO D 23 66.99 39.38 41.55
C PRO D 23 67.44 38.57 40.34
N CYS D 24 68.18 39.23 39.45
CA CYS D 24 68.69 38.60 38.24
C CYS D 24 70.15 39.00 38.05
N ASN D 25 70.89 38.14 37.36
CA ASN D 25 72.30 38.37 37.07
C ASN D 25 72.53 38.75 35.61
N CYS D 26 71.51 39.29 34.96
CA CYS D 26 71.64 39.68 33.56
C CYS D 26 72.64 40.83 33.41
N VAL D 27 73.41 40.79 32.33
CA VAL D 27 74.40 41.84 32.09
C VAL D 27 73.77 43.22 31.98
N PRO D 28 72.67 43.42 31.26
CA PRO D 28 72.06 44.75 31.20
C PRO D 28 71.54 45.18 32.56
N ASP D 29 71.52 46.50 32.76
CA ASP D 29 71.06 47.05 34.03
C ASP D 29 69.61 46.66 34.30
N GLY D 30 68.76 46.78 33.29
CA GLY D 30 67.36 46.39 33.44
C GLY D 30 66.65 47.15 34.55
N ALA D 31 66.83 48.46 34.61
CA ALA D 31 66.23 49.30 35.64
C ALA D 31 65.53 50.49 35.00
N LEU D 32 64.71 51.16 35.80
CA LEU D 32 63.94 52.32 35.34
C LEU D 32 63.06 51.96 34.15
N ARG D 33 62.51 50.75 34.17
CA ARG D 33 61.62 50.27 33.11
C ARG D 33 62.30 50.38 31.74
N CYS D 34 63.57 50.03 31.68
CA CYS D 34 64.35 50.09 30.46
C CYS D 34 65.08 48.77 30.24
N PRO D 35 65.37 48.43 28.98
CA PRO D 35 66.06 47.15 28.72
C PRO D 35 67.57 47.21 28.91
N GLY D 36 68.16 48.41 28.92
CA GLY D 36 69.59 48.54 29.07
C GLY D 36 70.33 47.89 27.92
N PRO D 37 69.88 48.16 26.69
CA PRO D 37 70.53 47.55 25.52
C PRO D 37 71.99 47.93 25.37
N THR D 38 72.42 49.06 25.93
CA THR D 38 73.81 49.51 25.81
C THR D 38 74.68 48.68 26.75
N ALA D 39 74.92 47.43 26.32
CA ALA D 39 75.74 46.50 27.09
C ALA D 39 76.45 45.57 26.12
N GLY D 40 77.76 45.44 26.29
CA GLY D 40 78.55 44.58 25.42
C GLY D 40 78.36 43.12 25.77
N LEU D 41 77.78 42.35 24.85
CA LEU D 41 77.57 40.92 25.07
C LEU D 41 77.57 40.21 23.73
N THR D 42 78.17 39.02 23.69
CA THR D 42 78.22 38.26 22.45
C THR D 42 76.82 37.84 22.00
N ARG D 43 75.98 37.42 22.94
CA ARG D 43 74.61 37.00 22.65
C ARG D 43 73.69 37.69 23.65
N LEU D 44 72.98 38.72 23.18
CA LEU D 44 72.07 39.46 24.05
C LEU D 44 70.91 38.56 24.49
N SER D 45 70.57 38.66 25.78
CA SER D 45 69.48 37.89 26.35
C SER D 45 68.65 38.80 27.25
N LEU D 46 67.37 38.46 27.38
CA LEU D 46 66.44 39.22 28.22
C LEU D 46 65.58 38.29 29.06
N ALA D 47 66.19 37.21 29.54
CA ALA D 47 65.46 36.25 30.38
C ALA D 47 65.16 36.87 31.73
N TYR D 48 63.89 36.81 32.15
CA TYR D 48 63.46 37.37 33.43
C TYR D 48 63.80 38.86 33.54
N LEU D 49 63.89 39.54 32.41
CA LEU D 49 64.22 40.95 32.40
C LEU D 49 62.98 41.78 32.70
N PRO D 50 63.00 42.62 33.74
CA PRO D 50 61.82 43.45 34.06
C PRO D 50 61.81 44.75 33.27
N VAL D 51 61.67 44.62 31.94
CA VAL D 51 61.66 45.76 31.04
C VAL D 51 60.32 45.76 30.31
N LYS D 52 59.65 46.92 30.31
CA LYS D 52 58.35 47.07 29.67
C LYS D 52 58.40 47.92 28.41
N VAL D 53 59.29 48.90 28.33
CA VAL D 53 59.41 49.77 27.18
C VAL D 53 60.84 49.67 26.65
N ILE D 54 60.98 49.41 25.36
CA ILE D 54 62.27 49.30 24.70
C ILE D 54 62.57 50.62 24.01
N PRO D 55 63.59 51.37 24.42
CA PRO D 55 63.87 52.65 23.76
C PRO D 55 64.19 52.46 22.29
N SER D 56 63.75 53.43 21.48
CA SER D 56 63.98 53.37 20.04
C SER D 56 65.45 53.61 19.74
N GLN D 57 66.02 52.77 18.87
CA GLN D 57 67.41 52.89 18.46
C GLN D 57 68.36 52.80 19.66
N ALA D 58 67.98 52.01 20.67
CA ALA D 58 68.82 51.83 21.85
C ALA D 58 69.91 50.79 21.66
N PHE D 59 69.88 50.03 20.57
CA PHE D 59 70.87 49.00 20.31
C PHE D 59 72.10 49.55 19.59
N ARG D 60 72.13 50.83 19.27
CA ARG D 60 73.28 51.41 18.58
C ARG D 60 74.49 51.45 19.49
N GLY D 61 75.67 51.53 18.87
CA GLY D 61 76.92 51.58 19.60
C GLY D 61 77.48 50.23 19.99
N LEU D 62 76.86 49.13 19.58
CA LEU D 62 77.33 47.79 19.88
C LEU D 62 77.52 47.01 18.59
N ASN D 63 78.62 46.27 18.51
CA ASN D 63 78.93 45.47 17.32
C ASN D 63 79.38 44.06 17.65
N GLU D 64 79.69 43.74 18.90
CA GLU D 64 80.12 42.39 19.27
C GLU D 64 78.96 41.40 19.35
N VAL D 65 77.72 41.87 19.34
CA VAL D 65 76.57 40.98 19.43
C VAL D 65 76.34 40.33 18.08
N ILE D 66 76.23 39.00 18.08
CA ILE D 66 75.99 38.23 16.87
C ILE D 66 74.54 37.81 16.75
N LYS D 67 73.91 37.46 17.86
CA LYS D 67 72.50 37.06 17.89
C LYS D 67 71.78 37.79 19.01
N ILE D 68 70.51 38.08 18.78
CA ILE D 68 69.65 38.77 19.73
C ILE D 68 68.48 37.86 20.07
N GLU D 69 68.27 37.63 21.36
CA GLU D 69 67.19 36.78 21.85
C GLU D 69 66.38 37.55 22.87
N ILE D 70 65.05 37.52 22.71
CA ILE D 70 64.12 38.18 23.62
C ILE D 70 63.14 37.11 24.08
N SER D 71 63.41 36.51 25.23
CA SER D 71 62.57 35.45 25.77
C SER D 71 62.42 35.64 27.27
N GLN D 72 61.35 35.06 27.82
CA GLN D 72 61.07 35.12 29.25
C GLN D 72 60.99 36.57 29.73
N ILE D 73 60.30 37.40 28.98
CA ILE D 73 60.11 38.82 29.31
C ILE D 73 58.61 39.04 29.47
N ASP D 74 58.11 38.88 30.70
CA ASP D 74 56.69 39.08 30.95
C ASP D 74 56.31 40.56 30.99
N SER D 75 57.20 41.42 31.51
CA SER D 75 56.90 42.83 31.63
C SER D 75 56.83 43.55 30.29
N LEU D 76 57.34 42.94 29.21
CA LEU D 76 57.33 43.60 27.91
C LEU D 76 55.90 43.89 27.49
N GLU D 77 55.66 45.11 27.03
CA GLU D 77 54.34 45.55 26.59
C GLU D 77 54.34 46.13 25.18
N ARG D 78 55.40 46.85 24.80
CA ARG D 78 55.47 47.44 23.47
C ARG D 78 56.94 47.56 23.08
N ILE D 79 57.16 47.66 21.77
CA ILE D 79 58.49 47.80 21.20
C ILE D 79 58.52 49.06 20.34
N GLU D 80 59.53 49.90 20.55
CA GLU D 80 59.65 51.13 19.78
C GLU D 80 60.09 50.83 18.35
N ALA D 81 59.74 51.74 17.45
CA ALA D 81 60.12 51.58 16.05
C ALA D 81 61.62 51.77 15.87
N ASN D 82 62.15 51.14 14.82
CA ASN D 82 63.58 51.19 14.52
C ASN D 82 64.41 50.69 15.69
N ALA D 83 63.90 49.66 16.38
CA ALA D 83 64.62 49.11 17.52
C ALA D 83 65.97 48.53 17.09
N PHE D 84 65.99 47.81 15.98
CA PHE D 84 67.21 47.20 15.44
C PHE D 84 67.49 47.82 14.08
N ASP D 85 68.40 48.79 14.05
CA ASP D 85 68.77 49.48 12.82
C ASP D 85 70.27 49.36 12.60
N ASN D 86 70.65 49.13 11.34
CA ASN D 86 72.07 49.01 10.97
C ASN D 86 72.75 47.91 11.78
N LEU D 87 72.04 46.81 12.00
CA LEU D 87 72.58 45.67 12.76
C LEU D 87 73.27 44.71 11.79
N LEU D 88 74.35 45.19 11.20
CA LEU D 88 75.11 44.38 10.25
C LEU D 88 75.69 43.14 10.93
N ASN D 89 76.25 43.31 12.13
CA ASN D 89 76.82 42.16 12.85
C ASN D 89 75.75 41.13 13.18
N LEU D 90 74.57 41.57 13.60
CA LEU D 90 73.49 40.66 13.95
C LEU D 90 73.00 39.92 12.71
N SER D 91 72.70 38.64 12.88
CA SER D 91 72.21 37.81 11.78
C SER D 91 70.97 37.00 12.12
N GLU D 92 70.69 36.75 13.39
CA GLU D 92 69.51 35.99 13.81
C GLU D 92 68.81 36.73 14.93
N ILE D 93 67.49 36.84 14.84
CA ILE D 93 66.66 37.49 15.85
C ILE D 93 65.56 36.54 16.26
N LEU D 94 65.41 36.34 17.57
CA LEU D 94 64.41 35.44 18.13
C LEU D 94 63.60 36.18 19.18
N ILE D 95 62.27 36.16 19.04
CA ILE D 95 61.36 36.78 19.99
C ILE D 95 60.37 35.73 20.45
N GLN D 96 60.23 35.58 21.76
CA GLN D 96 59.33 34.59 22.33
C GLN D 96 58.90 35.04 23.72
N ASN D 97 57.82 34.43 24.21
CA ASN D 97 57.31 34.69 25.55
C ASN D 97 56.98 36.17 25.73
N THR D 98 56.02 36.63 24.93
CA THR D 98 55.51 37.99 25.01
C THR D 98 54.19 37.94 25.78
N LYS D 99 54.27 38.11 27.09
CA LYS D 99 53.07 38.00 27.93
C LYS D 99 52.09 39.12 27.65
N ASN D 100 52.58 40.36 27.52
CA ASN D 100 51.73 41.53 27.34
C ASN D 100 52.12 42.33 26.11
N LEU D 101 52.81 41.72 25.15
CA LEU D 101 53.21 42.42 23.93
C LEU D 101 51.98 42.57 23.02
N ARG D 102 51.13 43.52 23.40
CA ARG D 102 49.88 43.76 22.69
C ARG D 102 50.03 44.73 21.53
N TYR D 103 51.21 45.34 21.35
CA TYR D 103 51.42 46.29 20.26
C TYR D 103 52.89 46.29 19.90
N ILE D 104 53.17 46.30 18.59
CA ILE D 104 54.53 46.35 18.07
C ILE D 104 54.61 47.50 17.08
N GLU D 105 55.59 48.37 17.29
CA GLU D 105 55.76 49.52 16.40
C GLU D 105 56.24 49.05 15.03
N PRO D 106 55.59 49.47 13.96
CA PRO D 106 56.04 49.05 12.61
C PRO D 106 57.42 49.61 12.31
N GLY D 107 58.17 48.86 11.50
CA GLY D 107 59.51 49.26 11.14
C GLY D 107 60.56 48.97 12.17
N ALA D 108 60.28 48.08 13.12
CA ALA D 108 61.25 47.77 14.17
C ALA D 108 62.52 47.18 13.57
N PHE D 109 62.37 46.27 12.60
CA PHE D 109 63.51 45.63 11.95
C PHE D 109 63.75 46.30 10.60
N ILE D 110 64.95 46.83 10.41
CA ILE D 110 65.30 47.52 9.16
C ILE D 110 66.82 47.55 9.07
N ASN D 111 67.33 47.61 7.84
CA ASN D 111 68.77 47.66 7.58
C ASN D 111 69.47 46.43 8.19
N LEU D 112 69.10 45.26 7.69
CA LEU D 112 69.67 43.99 8.12
C LEU D 112 70.10 43.20 6.90
N PRO D 113 71.17 43.65 6.23
CA PRO D 113 71.63 42.92 5.04
C PRO D 113 72.03 41.49 5.32
N ARG D 114 72.57 41.21 6.51
CA ARG D 114 73.04 39.88 6.88
C ARG D 114 72.02 39.12 7.71
N LEU D 115 70.75 39.54 7.68
CA LEU D 115 69.72 38.85 8.43
C LEU D 115 69.51 37.45 7.88
N LYS D 116 69.44 36.47 8.77
CA LYS D 116 69.26 35.07 8.40
C LYS D 116 67.92 34.50 8.84
N TYR D 117 67.61 34.59 10.13
CA TYR D 117 66.37 34.06 10.68
C TYR D 117 65.71 35.12 11.56
N LEU D 118 64.39 35.23 11.44
CA LEU D 118 63.60 36.15 12.24
C LEU D 118 62.36 35.42 12.72
N SER D 119 62.32 35.09 14.01
CA SER D 119 61.22 34.32 14.59
C SER D 119 60.54 35.15 15.67
N ILE D 120 59.22 35.25 15.59
CA ILE D 120 58.40 35.94 16.58
C ILE D 120 57.29 34.97 17.00
N CYS D 121 57.27 34.61 18.27
CA CYS D 121 56.31 33.65 18.79
C CYS D 121 55.76 34.13 20.13
N ASN D 122 54.60 33.61 20.50
CA ASN D 122 53.94 33.93 21.77
C ASN D 122 53.78 35.45 21.92
N THR D 123 53.35 36.09 20.83
CA THR D 123 53.15 37.54 20.79
C THR D 123 51.66 37.84 20.71
N GLY D 124 51.20 38.72 21.59
CA GLY D 124 49.80 39.11 21.61
C GLY D 124 49.53 40.38 20.81
N ILE D 125 50.48 40.74 19.93
CA ILE D 125 50.33 41.94 19.14
C ILE D 125 49.16 41.78 18.17
N ARG D 126 48.27 42.76 18.15
CA ARG D 126 47.11 42.73 17.27
C ARG D 126 47.38 43.33 15.90
N LYS D 127 48.58 43.89 15.68
CA LYS D 127 48.96 44.48 14.41
C LYS D 127 50.09 43.68 13.79
N PHE D 128 50.00 43.43 12.49
CA PHE D 128 51.02 42.66 11.80
C PHE D 128 52.31 43.47 11.74
N PRO D 129 53.44 42.93 12.21
CA PRO D 129 54.70 43.69 12.17
C PRO D 129 55.25 43.75 10.75
N ASP D 130 55.58 44.96 10.31
CA ASP D 130 56.13 45.14 8.98
C ASP D 130 57.51 44.51 8.88
N VAL D 131 57.76 43.83 7.76
CA VAL D 131 59.04 43.17 7.52
C VAL D 131 59.63 43.53 6.17
N THR D 132 58.97 44.36 5.37
CA THR D 132 59.49 44.74 4.07
C THR D 132 60.72 45.63 4.16
N LYS D 133 60.94 46.27 5.31
CA LYS D 133 62.08 47.16 5.48
C LYS D 133 63.37 46.43 5.84
N VAL D 134 63.31 45.11 6.07
CA VAL D 134 64.51 44.37 6.41
C VAL D 134 65.52 44.43 5.27
N PHE D 135 65.05 44.22 4.04
CA PHE D 135 65.91 44.24 2.86
C PHE D 135 67.10 43.30 3.03
N SER D 136 66.83 42.11 3.56
CA SER D 136 67.88 41.14 3.78
C SER D 136 68.44 40.65 2.45
N SER D 137 69.76 40.47 2.40
CA SER D 137 70.46 40.00 1.21
C SER D 137 71.00 38.58 1.39
N GLU D 138 70.52 37.86 2.40
CA GLU D 138 70.98 36.50 2.63
C GLU D 138 70.47 35.57 1.54
N SER D 139 71.23 34.49 1.30
CA SER D 139 70.85 33.53 0.29
C SER D 139 69.52 32.86 0.64
N ASN D 140 69.34 32.50 1.91
CA ASN D 140 68.12 31.85 2.38
C ASN D 140 67.66 32.56 3.65
N PHE D 141 66.48 33.15 3.59
CA PHE D 141 65.89 33.85 4.73
C PHE D 141 64.67 33.08 5.23
N ILE D 142 64.63 32.81 6.53
CA ILE D 142 63.57 32.05 7.16
C ILE D 142 62.84 32.96 8.14
N LEU D 143 61.54 33.11 7.96
CA LEU D 143 60.70 33.91 8.85
C LEU D 143 59.63 33.00 9.45
N GLU D 144 59.53 33.02 10.78
CA GLU D 144 58.61 32.17 11.51
C GLU D 144 57.70 33.04 12.38
N ILE D 145 56.40 32.80 12.30
CA ILE D 145 55.41 33.48 13.12
C ILE D 145 54.48 32.43 13.73
N CYS D 146 54.27 32.52 15.03
CA CYS D 146 53.44 31.54 15.73
C CYS D 146 52.79 32.20 16.93
N ASP D 147 51.70 31.59 17.40
CA ASP D 147 50.96 32.09 18.56
C ASP D 147 50.50 33.53 18.35
N ASN D 148 50.13 33.85 17.11
CA ASN D 148 49.64 35.19 16.77
C ASN D 148 48.11 35.20 16.86
N LEU D 149 47.62 34.89 18.07
CA LEU D 149 46.18 34.85 18.29
C LEU D 149 45.55 36.21 18.07
N HIS D 150 46.19 37.27 18.55
CA HIS D 150 45.67 38.62 18.40
C HIS D 150 45.77 39.15 16.98
N ILE D 151 46.54 38.49 16.12
CA ILE D 151 46.71 38.96 14.75
C ILE D 151 45.37 38.88 14.03
N THR D 152 45.00 39.96 13.36
CA THR D 152 43.72 40.02 12.64
C THR D 152 43.86 39.48 11.22
N THR D 153 44.75 40.07 10.42
CA THR D 153 44.96 39.63 9.06
C THR D 153 46.35 40.04 8.61
N ILE D 154 46.83 39.42 7.54
CA ILE D 154 48.13 39.71 6.97
C ILE D 154 48.00 40.92 6.04
N PRO D 155 48.73 42.01 6.29
CA PRO D 155 48.64 43.16 5.40
C PRO D 155 49.13 42.84 4.00
N GLY D 156 48.51 43.50 3.01
CA GLY D 156 48.92 43.28 1.63
C GLY D 156 50.33 43.77 1.37
N ASN D 157 51.05 43.02 0.53
CA ASN D 157 52.42 43.35 0.17
C ASN D 157 53.30 43.45 1.42
N ALA D 158 53.04 42.60 2.40
CA ALA D 158 53.82 42.62 3.63
C ALA D 158 55.20 42.01 3.41
N PHE D 159 55.29 40.95 2.60
CA PHE D 159 56.53 40.26 2.33
C PHE D 159 57.21 40.75 1.06
N GLN D 160 56.66 41.78 0.41
CA GLN D 160 57.25 42.30 -0.82
C GLN D 160 58.51 43.08 -0.51
N GLY D 161 59.62 42.70 -1.15
CA GLY D 161 60.89 43.36 -0.92
C GLY D 161 61.60 43.00 0.35
N MET D 162 61.08 42.01 1.10
CA MET D 162 61.73 41.63 2.36
C MET D 162 63.13 41.07 2.11
N ASN D 163 63.29 40.23 1.09
CA ASN D 163 64.58 39.64 0.76
C ASN D 163 64.72 39.54 -0.75
N ASN D 164 65.85 40.03 -1.27
CA ASN D 164 66.09 39.96 -2.70
C ASN D 164 66.18 38.51 -3.19
N GLU D 165 66.85 37.66 -2.43
CA GLU D 165 66.99 36.25 -2.79
C GLU D 165 65.76 35.47 -2.33
N SER D 166 65.83 34.15 -2.42
CA SER D 166 64.71 33.32 -2.01
C SER D 166 64.47 33.46 -0.51
N VAL D 167 63.19 33.53 -0.12
CA VAL D 167 62.79 33.68 1.27
C VAL D 167 61.73 32.63 1.58
N THR D 168 61.88 31.96 2.71
CA THR D 168 60.95 30.94 3.16
C THR D 168 60.17 31.47 4.36
N LEU D 169 58.84 31.36 4.28
CA LEU D 169 57.94 31.81 5.33
C LEU D 169 57.25 30.61 5.96
N LYS D 170 57.31 30.53 7.29
CA LYS D 170 56.70 29.45 8.05
C LYS D 170 55.71 30.08 9.03
N LEU D 171 54.48 30.28 8.58
CA LEU D 171 53.43 30.89 9.40
C LEU D 171 52.61 29.78 10.07
N TYR D 172 53.27 29.09 11.00
CA TYR D 172 52.64 28.00 11.73
C TYR D 172 51.80 28.55 12.87
N GLY D 173 50.54 28.12 12.95
CA GLY D 173 49.66 28.59 13.99
C GLY D 173 49.34 30.08 13.90
N ASN D 174 49.24 30.61 12.69
CA ASN D 174 48.93 32.02 12.51
C ASN D 174 47.45 32.29 12.72
N GLY D 175 47.15 33.38 13.40
CA GLY D 175 45.78 33.78 13.69
C GLY D 175 45.16 34.70 12.66
N PHE D 176 45.81 34.93 11.53
CA PHE D 176 45.26 35.82 10.51
C PHE D 176 43.92 35.30 10.01
N GLU D 177 42.94 36.19 9.94
CA GLU D 177 41.62 35.81 9.47
C GLU D 177 41.57 35.63 7.96
N GLU D 178 42.31 36.43 7.21
CA GLU D 178 42.32 36.34 5.76
C GLU D 178 43.64 36.88 5.24
N VAL D 179 43.92 36.57 3.97
CA VAL D 179 45.15 36.99 3.30
C VAL D 179 44.77 38.04 2.26
N GLN D 180 45.42 39.20 2.32
CA GLN D 180 45.14 40.27 1.38
C GLN D 180 45.72 39.92 0.00
N SER D 181 45.13 40.54 -1.02
CA SER D 181 45.58 40.30 -2.39
C SER D 181 47.01 40.78 -2.58
N HIS D 182 47.77 40.06 -3.41
CA HIS D 182 49.17 40.37 -3.67
C HIS D 182 49.98 40.40 -2.40
N ALA D 183 49.70 39.46 -1.49
CA ALA D 183 50.43 39.39 -0.23
C ALA D 183 51.92 39.13 -0.47
N PHE D 184 52.23 38.21 -1.39
CA PHE D 184 53.61 37.86 -1.74
C PHE D 184 53.80 38.19 -3.22
N ASN D 185 54.46 39.32 -3.50
CA ASN D 185 54.72 39.76 -4.86
C ASN D 185 56.17 40.17 -5.00
N GLY D 186 56.74 39.91 -6.17
CA GLY D 186 58.12 40.27 -6.43
C GLY D 186 59.11 39.56 -5.52
N THR D 187 58.87 38.27 -5.25
CA THR D 187 59.77 37.50 -4.41
C THR D 187 59.64 36.02 -4.77
N THR D 188 60.73 35.29 -4.60
CA THR D 188 60.79 33.86 -4.88
C THR D 188 60.55 33.11 -3.58
N LEU D 189 59.34 32.59 -3.41
CA LEU D 189 58.98 31.86 -2.19
C LEU D 189 59.33 30.39 -2.36
N THR D 190 60.10 29.86 -1.39
CA THR D 190 60.49 28.46 -1.44
C THR D 190 59.39 27.57 -0.84
N SER D 191 59.01 27.84 0.40
CA SER D 191 57.96 27.08 1.08
C SER D 191 57.02 28.04 1.79
N LEU D 192 55.78 27.62 1.95
CA LEU D 192 54.74 28.43 2.62
C LEU D 192 53.99 27.50 3.57
N GLU D 193 54.40 27.50 4.84
CA GLU D 193 53.78 26.66 5.86
C GLU D 193 52.71 27.48 6.58
N LEU D 194 51.46 27.05 6.48
CA LEU D 194 50.32 27.71 7.11
C LEU D 194 49.54 26.73 7.97
N LYS D 195 50.25 25.82 8.64
CA LYS D 195 49.60 24.82 9.47
C LYS D 195 49.00 25.48 10.72
N GLU D 196 47.99 24.80 11.28
CA GLU D 196 47.31 25.27 12.48
C GLU D 196 46.65 26.63 12.26
N ASN D 197 46.22 26.91 11.02
CA ASN D 197 45.57 28.17 10.68
C ASN D 197 44.06 27.99 10.84
N VAL D 198 43.61 28.01 12.10
CA VAL D 198 42.19 27.83 12.38
C VAL D 198 41.37 28.97 11.80
N HIS D 199 41.86 30.21 11.94
CA HIS D 199 41.15 31.38 11.46
C HIS D 199 41.40 31.66 9.99
N LEU D 200 42.24 30.89 9.32
CA LEU D 200 42.58 31.09 7.91
C LEU D 200 41.76 30.18 7.00
N GLU D 201 40.51 29.90 7.38
CA GLU D 201 39.66 29.03 6.57
C GLU D 201 39.33 29.66 5.21
N LYS D 202 39.40 30.98 5.10
CA LYS D 202 39.11 31.69 3.87
C LYS D 202 40.31 32.52 3.45
N MET D 203 40.64 32.50 2.16
CA MET D 203 41.76 33.26 1.64
C MET D 203 41.49 33.58 0.17
N HIS D 204 41.98 34.74 -0.26
CA HIS D 204 41.80 35.17 -1.64
C HIS D 204 42.70 34.37 -2.58
N ASN D 205 42.25 34.23 -3.83
CA ASN D 205 43.01 33.51 -4.83
C ASN D 205 44.14 34.33 -5.43
N GLY D 206 44.18 35.63 -5.18
CA GLY D 206 45.20 36.50 -5.71
C GLY D 206 46.43 36.67 -4.83
N ALA D 207 46.54 35.87 -3.75
CA ALA D 207 47.69 36.00 -2.87
C ALA D 207 48.98 35.68 -3.59
N PHE D 208 48.98 34.64 -4.43
CA PHE D 208 50.15 34.22 -5.19
C PHE D 208 50.11 34.72 -6.63
N ARG D 209 49.53 35.89 -6.86
CA ARG D 209 49.45 36.44 -8.21
C ARG D 209 50.82 36.85 -8.75
N GLY D 210 51.79 37.09 -7.88
CA GLY D 210 53.12 37.49 -8.32
C GLY D 210 54.22 36.75 -7.60
N ALA D 211 53.93 35.55 -7.12
CA ALA D 211 54.90 34.72 -6.41
C ALA D 211 55.18 33.47 -7.23
N THR D 212 56.46 33.18 -7.46
CA THR D 212 56.87 31.99 -8.20
C THR D 212 56.95 30.82 -7.22
N GLY D 213 55.79 30.31 -6.87
CA GLY D 213 55.68 29.23 -5.92
C GLY D 213 54.43 29.31 -5.08
N PRO D 214 54.46 28.78 -3.85
CA PRO D 214 55.57 28.10 -3.17
C PRO D 214 55.79 26.67 -3.67
N LYS D 215 57.03 26.19 -3.60
CA LYS D 215 57.32 24.83 -4.01
C LYS D 215 56.60 23.81 -3.13
N THR D 216 56.57 24.05 -1.82
CA THR D 216 55.91 23.17 -0.87
C THR D 216 55.00 24.01 0.02
N LEU D 217 53.81 23.45 0.29
CA LEU D 217 52.82 24.13 1.12
C LEU D 217 52.31 23.16 2.19
N ASP D 218 51.99 23.70 3.36
CA ASP D 218 51.48 22.94 4.49
C ASP D 218 50.21 23.62 4.99
N ILE D 219 49.06 23.06 4.66
CA ILE D 219 47.78 23.61 5.07
C ILE D 219 47.10 22.66 6.05
N SER D 220 47.90 21.88 6.77
CA SER D 220 47.35 20.94 7.74
C SER D 220 46.61 21.68 8.84
N SER D 221 45.41 21.20 9.16
CA SER D 221 44.55 21.79 10.18
C SER D 221 44.10 23.21 9.83
N THR D 222 44.31 23.64 8.59
CA THR D 222 43.90 24.99 8.19
C THR D 222 42.39 25.11 8.00
N LYS D 223 41.70 24.01 7.69
CA LYS D 223 40.26 24.03 7.47
C LYS D 223 39.90 24.99 6.34
N LEU D 224 40.75 25.05 5.32
CA LEU D 224 40.49 25.94 4.19
C LEU D 224 39.36 25.39 3.34
N GLN D 225 38.45 26.28 2.95
CA GLN D 225 37.31 25.87 2.13
C GLN D 225 37.78 25.34 0.78
N ALA D 226 38.72 26.04 0.15
CA ALA D 226 39.24 25.63 -1.15
C ALA D 226 40.60 26.28 -1.36
N LEU D 227 41.37 25.70 -2.30
CA LEU D 227 42.69 26.22 -2.62
C LEU D 227 42.61 27.18 -3.81
N PRO D 228 43.53 28.13 -3.89
CA PRO D 228 43.50 29.08 -5.02
C PRO D 228 43.65 28.36 -6.34
N SER D 229 42.92 28.86 -7.35
CA SER D 229 42.99 28.26 -8.67
C SER D 229 44.37 28.41 -9.29
N TYR D 230 44.99 29.58 -9.12
CA TYR D 230 46.30 29.88 -9.69
C TYR D 230 47.39 29.69 -8.63
N GLY D 231 48.61 29.44 -9.11
CA GLY D 231 49.75 29.26 -8.24
C GLY D 231 50.01 27.82 -7.83
N LEU D 232 49.12 26.89 -8.14
CA LEU D 232 49.32 25.49 -7.79
C LEU D 232 50.18 24.75 -8.80
N GLU D 233 50.46 25.35 -9.95
CA GLU D 233 51.27 24.67 -10.95
C GLU D 233 52.70 24.45 -10.45
N SER D 234 53.27 25.44 -9.75
CA SER D 234 54.62 25.34 -9.25
C SER D 234 54.72 24.61 -7.93
N ILE D 235 53.61 24.19 -7.34
CA ILE D 235 53.62 23.47 -6.07
C ILE D 235 54.03 22.02 -6.32
N GLN D 236 55.05 21.57 -5.61
CA GLN D 236 55.55 20.21 -5.73
C GLN D 236 55.00 19.28 -4.67
N ARG D 237 54.87 19.75 -3.43
CA ARG D 237 54.33 18.96 -2.33
C ARG D 237 53.29 19.77 -1.57
N LEU D 238 52.28 19.07 -1.07
CA LEU D 238 51.21 19.70 -0.31
C LEU D 238 50.85 18.82 0.88
N ILE D 239 50.62 19.47 2.03
CA ILE D 239 50.24 18.79 3.26
C ILE D 239 48.87 19.31 3.67
N ALA D 240 47.91 18.41 3.83
CA ALA D 240 46.55 18.76 4.21
C ALA D 240 46.03 17.79 5.26
N THR D 241 46.87 17.46 6.24
CA THR D 241 46.47 16.53 7.29
C THR D 241 45.37 17.15 8.15
N SER D 242 44.38 16.34 8.50
CA SER D 242 43.26 16.77 9.33
C SER D 242 42.54 17.97 8.71
N SER D 243 42.43 17.97 7.39
CA SER D 243 41.75 19.04 6.65
C SER D 243 40.33 18.59 6.36
N TYR D 244 39.49 18.62 7.40
CA TYR D 244 38.10 18.22 7.25
C TYR D 244 37.36 19.17 6.32
N SER D 245 37.60 20.47 6.45
CA SER D 245 36.92 21.46 5.63
C SER D 245 37.30 21.35 4.16
N LEU D 246 38.42 20.70 3.84
CA LEU D 246 38.88 20.57 2.46
C LEU D 246 38.14 19.40 1.80
N LYS D 247 36.87 19.65 1.51
CA LYS D 247 36.02 18.65 0.86
C LYS D 247 36.18 18.63 -0.65
N LYS D 248 36.93 19.58 -1.22
CA LYS D 248 37.14 19.66 -2.66
C LYS D 248 38.62 19.86 -2.96
N LEU D 249 39.02 19.45 -4.14
CA LEU D 249 40.40 19.54 -4.60
C LEU D 249 40.45 20.20 -5.97
N PRO D 250 41.57 20.83 -6.32
CA PRO D 250 41.65 21.50 -7.62
C PRO D 250 41.78 20.51 -8.77
N SER D 251 41.93 21.03 -9.99
CA SER D 251 42.04 20.17 -11.16
C SER D 251 43.29 19.31 -11.08
N ARG D 252 43.17 18.05 -11.52
CA ARG D 252 44.31 17.14 -11.48
C ARG D 252 45.45 17.65 -12.36
N GLU D 253 45.12 18.16 -13.55
CA GLU D 253 46.14 18.67 -14.45
C GLU D 253 46.84 19.90 -13.90
N THR D 254 46.22 20.61 -12.95
CA THR D 254 46.85 21.79 -12.38
C THR D 254 48.16 21.45 -11.67
N PHE D 255 48.16 20.35 -10.92
CA PHE D 255 49.36 19.93 -10.18
C PHE D 255 50.27 19.13 -11.10
N VAL D 256 50.80 19.83 -12.11
CA VAL D 256 51.70 19.18 -13.06
C VAL D 256 53.00 18.78 -12.38
N ASN D 257 53.53 19.64 -11.52
CA ASN D 257 54.79 19.40 -10.84
C ASN D 257 54.62 18.65 -9.52
N LEU D 258 53.40 18.29 -9.15
CA LEU D 258 53.18 17.56 -7.90
C LEU D 258 53.84 16.19 -7.97
N LEU D 259 54.49 15.82 -6.88
CA LEU D 259 55.18 14.53 -6.78
C LEU D 259 54.74 13.71 -5.57
N GLU D 260 54.46 14.36 -4.45
CA GLU D 260 54.01 13.66 -3.24
C GLU D 260 53.18 14.61 -2.41
N ALA D 261 52.09 14.10 -1.84
CA ALA D 261 51.21 14.90 -1.02
C ALA D 261 50.43 13.99 -0.09
N THR D 262 49.84 14.59 0.95
CA THR D 262 49.03 13.87 1.93
C THR D 262 47.66 14.52 2.00
N LEU D 263 46.61 13.69 1.90
CA LEU D 263 45.23 14.15 1.93
C LEU D 263 44.51 13.50 3.09
N THR D 264 43.78 14.31 3.86
CA THR D 264 43.04 13.77 5.00
C THR D 264 41.96 12.80 4.55
N TYR D 265 41.23 13.13 3.49
CA TYR D 265 40.17 12.27 3.00
C TYR D 265 40.77 11.13 2.18
N PRO D 266 40.53 9.87 2.55
CA PRO D 266 41.10 8.76 1.75
C PRO D 266 40.61 8.77 0.31
N SER D 267 39.37 9.17 0.06
CA SER D 267 38.86 9.19 -1.30
C SER D 267 39.62 10.17 -2.19
N HIS D 268 39.95 11.35 -1.66
CA HIS D 268 40.67 12.34 -2.45
C HIS D 268 42.04 11.85 -2.89
N CYS D 269 42.65 10.92 -2.15
CA CYS D 269 43.95 10.40 -2.52
C CYS D 269 43.93 9.64 -3.84
N CYS D 270 42.77 9.10 -4.23
CA CYS D 270 42.68 8.37 -5.48
C CYS D 270 42.76 9.29 -6.70
N ALA D 271 42.55 10.60 -6.51
CA ALA D 271 42.62 11.52 -7.64
C ALA D 271 44.01 11.54 -8.25
N PHE D 272 45.05 11.53 -7.42
CA PHE D 272 46.42 11.55 -7.91
C PHE D 272 46.93 10.16 -8.32
N ARG D 273 46.16 9.11 -8.04
CA ARG D 273 46.60 7.77 -8.42
C ARG D 273 46.71 7.64 -9.94
N ASN D 274 45.75 8.20 -10.68
CA ASN D 274 45.78 8.15 -12.13
C ASN D 274 46.71 9.22 -12.67
N LEU D 275 46.85 9.25 -14.00
CA LEU D 275 47.70 10.20 -14.68
C LEU D 275 46.93 10.89 -15.81
N PRO D 276 47.31 12.12 -16.18
CA PRO D 276 46.65 12.87 -17.25
C PRO D 276 47.12 12.46 -18.64
N ASP D 320 65.89 8.48 -1.23
CA ASP D 320 65.86 9.58 -0.29
C ASP D 320 66.85 10.67 -0.69
N TYR D 321 67.88 10.87 0.15
CA TYR D 321 68.88 11.88 -0.15
C TYR D 321 69.71 11.55 -1.38
N GLU D 322 69.77 10.28 -1.77
CA GLU D 322 70.54 9.85 -2.93
C GLU D 322 69.76 9.98 -4.23
N TYR D 323 68.47 10.35 -4.17
CA TYR D 323 67.69 10.49 -5.39
C TYR D 323 68.25 11.58 -6.30
N GLY D 324 68.64 12.71 -5.72
CA GLY D 324 69.18 13.80 -6.52
C GLY D 324 68.15 14.28 -7.53
N PHE D 325 68.58 14.41 -8.78
CA PHE D 325 67.69 14.88 -9.84
C PHE D 325 66.57 13.88 -10.13
N CYS D 326 66.73 12.62 -9.74
CA CYS D 326 65.71 11.62 -9.99
C CYS D 326 64.45 11.94 -9.18
N LEU D 327 63.30 11.76 -9.80
CA LEU D 327 62.01 12.02 -9.19
C LEU D 327 61.09 10.83 -9.44
N PRO D 328 60.10 10.62 -8.59
CA PRO D 328 59.18 9.49 -8.80
C PRO D 328 58.44 9.60 -10.12
N LYS D 329 58.21 8.45 -10.76
CA LYS D 329 57.52 8.43 -12.03
C LYS D 329 56.04 8.79 -11.91
N THR D 330 55.42 8.46 -10.79
CA THR D 330 54.00 8.76 -10.56
C THR D 330 53.83 9.39 -9.19
N PRO D 331 52.78 10.21 -9.02
CA PRO D 331 52.55 10.83 -7.72
C PRO D 331 52.25 9.81 -6.63
N ARG D 332 52.64 10.16 -5.41
CA ARG D 332 52.41 9.32 -4.24
C ARG D 332 51.49 10.04 -3.28
N CYS D 333 50.42 9.37 -2.86
CA CYS D 333 49.43 9.94 -1.95
C CYS D 333 49.07 8.92 -0.88
N ALA D 334 48.65 9.44 0.28
CA ALA D 334 48.24 8.59 1.39
C ALA D 334 47.29 9.37 2.28
N PRO D 335 46.39 8.70 3.01
CA PRO D 335 46.17 7.26 3.06
C PRO D 335 45.41 6.74 1.84
N GLU D 336 45.57 5.45 1.55
CA GLU D 336 44.89 4.85 0.41
C GLU D 336 43.39 4.75 0.68
N PRO D 337 42.58 4.74 -0.38
CA PRO D 337 41.13 4.62 -0.17
C PRO D 337 40.76 3.32 0.51
N ASP D 338 39.72 3.37 1.31
CA ASP D 338 39.26 2.20 2.04
C ASP D 338 38.63 1.18 1.09
N ALA D 339 38.65 -0.08 1.52
CA ALA D 339 38.08 -1.14 0.70
C ALA D 339 36.59 -0.94 0.49
N PHE D 340 35.87 -0.52 1.53
CA PHE D 340 34.43 -0.30 1.43
C PHE D 340 34.08 0.89 0.55
N ASN D 341 35.05 1.72 0.17
CA ASN D 341 34.82 2.90 -0.66
C ASN D 341 35.78 2.85 -1.84
N PRO D 342 35.55 1.94 -2.80
CA PRO D 342 36.44 1.87 -3.96
C PRO D 342 36.40 3.16 -4.77
N CYS D 343 37.54 3.47 -5.40
CA CYS D 343 37.68 4.68 -6.20
C CYS D 343 36.95 4.45 -7.53
N GLU D 344 35.63 4.63 -7.49
CA GLU D 344 34.80 4.46 -8.67
C GLU D 344 33.50 5.22 -8.46
N ASP D 345 32.77 5.43 -9.55
CA ASP D 345 31.50 6.14 -9.51
C ASP D 345 30.41 5.19 -9.03
N ILE D 346 29.15 5.62 -9.13
CA ILE D 346 28.04 4.78 -8.68
C ILE D 346 27.98 3.51 -9.53
N MET D 347 28.15 3.64 -10.84
CA MET D 347 28.14 2.51 -11.76
C MET D 347 29.56 2.30 -12.26
N GLY D 348 30.07 1.08 -12.07
CA GLY D 348 31.42 0.74 -12.47
C GLY D 348 31.58 0.24 -13.89
N TYR D 349 30.50 0.22 -14.66
CA TYR D 349 30.54 -0.26 -16.04
C TYR D 349 29.78 0.70 -16.95
N ASP D 350 30.24 0.79 -18.20
CA ASP D 350 29.61 1.70 -19.14
C ASP D 350 28.16 1.30 -19.43
N PHE D 351 27.91 0.01 -19.62
CA PHE D 351 26.56 -0.44 -19.95
C PHE D 351 25.57 -0.20 -18.83
N LEU D 352 26.03 -0.18 -17.57
CA LEU D 352 25.14 0.08 -16.45
C LEU D 352 24.53 1.47 -16.49
N ARG D 353 25.16 2.41 -17.21
CA ARG D 353 24.62 3.76 -17.28
C ARG D 353 23.29 3.80 -18.04
N VAL D 354 23.02 2.78 -18.85
CA VAL D 354 21.79 2.71 -19.62
C VAL D 354 20.85 1.64 -19.08
N LEU D 355 21.40 0.50 -18.65
CA LEU D 355 20.56 -0.57 -18.11
C LEU D 355 19.84 -0.09 -16.85
N ILE D 356 20.55 0.61 -15.96
CA ILE D 356 19.92 1.10 -14.75
C ILE D 356 18.80 2.08 -15.08
N TRP D 357 19.06 3.00 -16.01
CA TRP D 357 18.03 3.96 -16.40
C TRP D 357 16.81 3.26 -16.98
N LEU D 358 17.02 2.27 -17.85
CA LEU D 358 15.90 1.56 -18.45
C LEU D 358 15.10 0.82 -17.40
N ILE D 359 15.79 0.14 -16.47
CA ILE D 359 15.09 -0.60 -15.42
C ILE D 359 14.29 0.35 -14.55
N ASN D 360 14.88 1.49 -14.17
CA ASN D 360 14.17 2.45 -13.35
C ASN D 360 12.94 3.00 -14.07
N ILE D 361 13.10 3.31 -15.37
CA ILE D 361 11.96 3.84 -16.13
C ILE D 361 10.84 2.82 -16.20
N LEU D 362 11.18 1.56 -16.49
CA LEU D 362 10.16 0.52 -16.56
C LEU D 362 9.46 0.34 -15.22
N ALA D 363 10.23 0.29 -14.13
CA ALA D 363 9.64 0.08 -12.82
C ALA D 363 8.74 1.24 -12.43
N ILE D 364 9.18 2.47 -12.66
CA ILE D 364 8.37 3.63 -12.28
C ILE D 364 7.11 3.69 -13.13
N MET D 365 7.22 3.40 -14.42
CA MET D 365 6.03 3.40 -15.28
C MET D 365 5.03 2.35 -14.82
N GLY D 366 5.51 1.14 -14.52
CA GLY D 366 4.61 0.10 -14.06
C GLY D 366 3.94 0.46 -12.74
N ASN D 367 4.72 0.99 -11.79
CA ASN D 367 4.16 1.37 -10.50
C ASN D 367 3.12 2.47 -10.67
N MET D 368 3.41 3.48 -11.50
CA MET D 368 2.46 4.56 -11.71
C MET D 368 1.17 4.03 -12.35
N THR D 369 1.31 3.15 -13.35
CA THR D 369 0.13 2.60 -14.00
C THR D 369 -0.71 1.79 -13.02
N VAL D 370 -0.07 0.96 -12.19
CA VAL D 370 -0.81 0.16 -11.24
C VAL D 370 -1.51 1.05 -10.21
N LEU D 371 -0.80 2.08 -9.72
CA LEU D 371 -1.41 2.97 -8.75
C LEU D 371 -2.60 3.71 -9.34
N PHE D 372 -2.47 4.19 -10.58
CA PHE D 372 -3.58 4.89 -11.22
C PHE D 372 -4.77 3.95 -11.41
N VAL D 373 -4.51 2.71 -11.82
CA VAL D 373 -5.59 1.75 -12.04
C VAL D 373 -6.30 1.45 -10.73
N LEU D 374 -5.55 1.22 -9.66
CA LEU D 374 -6.16 0.80 -8.40
C LEU D 374 -6.87 1.96 -7.71
N LEU D 375 -6.26 3.14 -7.71
CA LEU D 375 -6.85 4.28 -6.98
C LEU D 375 -8.11 4.81 -7.65
N THR D 376 -8.25 4.66 -8.96
CA THR D 376 -9.40 5.17 -9.69
C THR D 376 -10.52 4.15 -9.79
N SER D 377 -10.37 2.98 -9.20
CA SER D 377 -11.41 1.96 -9.26
C SER D 377 -12.63 2.41 -8.46
N ARG D 378 -13.81 2.32 -9.07
CA ARG D 378 -15.05 2.70 -8.41
C ARG D 378 -15.72 1.54 -7.68
N TYR D 379 -15.19 0.32 -7.81
CA TYR D 379 -15.79 -0.84 -7.16
C TYR D 379 -15.39 -0.88 -5.68
N LYS D 380 -16.07 -1.75 -4.94
CA LYS D 380 -15.81 -1.89 -3.52
C LYS D 380 -14.37 -2.37 -3.29
N LEU D 381 -13.71 -1.77 -2.30
CA LEU D 381 -12.35 -2.15 -1.98
C LEU D 381 -12.29 -3.56 -1.41
N THR D 382 -11.22 -4.28 -1.73
CA THR D 382 -11.01 -5.63 -1.25
C THR D 382 -9.59 -5.75 -0.70
N VAL D 383 -9.41 -6.71 0.22
CA VAL D 383 -8.09 -6.91 0.82
C VAL D 383 -7.03 -7.15 -0.24
N PRO D 384 -7.27 -8.00 -1.25
CA PRO D 384 -6.26 -8.13 -2.32
C PRO D 384 -5.99 -6.81 -3.03
N ARG D 385 -7.02 -5.99 -3.23
CA ARG D 385 -6.81 -4.69 -3.87
C ARG D 385 -5.92 -3.79 -3.03
N PHE D 386 -6.17 -3.75 -1.73
CA PHE D 386 -5.34 -2.93 -0.85
C PHE D 386 -3.91 -3.43 -0.80
N LEU D 387 -3.73 -4.76 -0.75
CA LEU D 387 -2.38 -5.31 -0.75
C LEU D 387 -1.65 -4.98 -2.05
N MET D 388 -2.34 -5.09 -3.18
CA MET D 388 -1.71 -4.73 -4.46
C MET D 388 -1.37 -3.26 -4.50
N CYS D 389 -2.25 -2.40 -3.96
CA CYS D 389 -1.95 -0.97 -3.94
C CYS D 389 -0.73 -0.68 -3.09
N ASN D 390 -0.61 -1.33 -1.93
CA ASN D 390 0.55 -1.14 -1.08
C ASN D 390 1.83 -1.62 -1.77
N LEU D 391 1.76 -2.77 -2.44
CA LEU D 391 2.93 -3.27 -3.17
C LEU D 391 3.31 -2.32 -4.29
N SER D 392 2.32 -1.76 -4.99
CA SER D 392 2.61 -0.79 -6.04
C SER D 392 3.25 0.46 -5.47
N PHE D 393 2.79 0.92 -4.31
CA PHE D 393 3.41 2.08 -3.67
C PHE D 393 4.85 1.78 -3.28
N ALA D 394 5.11 0.58 -2.75
CA ALA D 394 6.47 0.21 -2.42
C ALA D 394 7.36 0.18 -3.66
N ASP D 395 6.85 -0.38 -4.76
CA ASP D 395 7.62 -0.39 -6.00
C ASP D 395 7.86 1.02 -6.51
N PHE D 396 6.87 1.91 -6.36
CA PHE D 396 7.05 3.30 -6.76
C PHE D 396 8.14 3.97 -5.93
N CYS D 397 8.15 3.70 -4.62
CA CYS D 397 9.20 4.27 -3.78
C CYS D 397 10.57 3.75 -4.18
N MET D 398 10.68 2.45 -4.47
CA MET D 398 11.95 1.89 -4.90
C MET D 398 12.40 2.50 -6.22
N GLY D 399 11.47 2.67 -7.16
CA GLY D 399 11.82 3.28 -8.43
C GLY D 399 12.25 4.72 -8.27
N LEU D 400 11.59 5.46 -7.36
CA LEU D 400 11.99 6.83 -7.10
C LEU D 400 13.39 6.89 -6.51
N TYR D 401 13.70 5.97 -5.59
CA TYR D 401 15.05 5.94 -5.03
C TYR D 401 16.08 5.62 -6.09
N LEU D 402 15.79 4.66 -6.97
CA LEU D 402 16.71 4.33 -8.05
C LEU D 402 16.90 5.50 -9.00
N LEU D 403 15.81 6.21 -9.31
CA LEU D 403 15.91 7.38 -10.18
C LEU D 403 16.75 8.47 -9.53
N LEU D 404 16.57 8.69 -8.23
CA LEU D 404 17.39 9.68 -7.53
C LEU D 404 18.86 9.29 -7.56
N ILE D 405 19.16 8.01 -7.34
CA ILE D 405 20.55 7.56 -7.38
C ILE D 405 21.14 7.77 -8.77
N ALA D 406 20.37 7.43 -9.81
CA ALA D 406 20.86 7.60 -11.17
C ALA D 406 21.09 9.07 -11.50
N SER D 407 20.18 9.94 -11.06
CA SER D 407 20.34 11.37 -11.29
C SER D 407 21.58 11.90 -10.57
N VAL D 408 21.81 11.45 -9.34
CA VAL D 408 23.00 11.86 -8.61
C VAL D 408 24.26 11.41 -9.34
N ASP D 409 24.26 10.17 -9.83
CA ASP D 409 25.41 9.69 -10.59
C ASP D 409 25.63 10.51 -11.85
N SER D 410 24.55 10.83 -12.57
CA SER D 410 24.68 11.62 -13.79
C SER D 410 25.21 13.01 -13.51
N GLN D 411 24.75 13.63 -12.42
CA GLN D 411 25.21 14.97 -12.09
C GLN D 411 26.70 14.99 -11.80
N THR D 412 27.20 13.95 -11.12
CA THR D 412 28.62 13.83 -10.79
C THR D 412 29.31 12.82 -11.71
N LYS D 413 28.90 12.79 -12.98
CA LYS D 413 29.51 11.88 -13.95
C LYS D 413 30.88 12.40 -14.34
N GLY D 414 31.91 11.58 -14.15
CA GLY D 414 33.27 11.95 -14.45
C GLY D 414 33.97 12.72 -13.35
N GLN D 415 33.28 13.05 -12.27
CA GLN D 415 33.86 13.75 -11.13
C GLN D 415 33.36 13.14 -9.83
N TYR D 416 33.33 11.81 -9.77
CA TYR D 416 32.80 11.13 -8.59
C TYR D 416 33.64 11.46 -7.36
N TYR D 417 34.96 11.46 -7.49
CA TYR D 417 35.82 11.70 -6.34
C TYR D 417 35.62 13.10 -5.77
N ASN D 418 35.45 14.11 -6.63
CA ASN D 418 35.33 15.48 -6.15
C ASN D 418 34.10 15.66 -5.26
N HIS D 419 32.96 15.09 -5.66
CA HIS D 419 31.70 15.26 -4.94
C HIS D 419 31.36 14.07 -4.05
N ALA D 420 32.27 13.11 -3.89
CA ALA D 420 31.97 11.95 -3.06
C ALA D 420 31.73 12.35 -1.61
N ILE D 421 32.56 13.25 -1.08
CA ILE D 421 32.42 13.64 0.32
C ILE D 421 31.09 14.37 0.53
N ASP D 422 30.77 15.34 -0.34
CA ASP D 422 29.54 16.11 -0.17
C ASP D 422 28.32 15.21 -0.33
N TRP D 423 28.31 14.35 -1.34
CA TRP D 423 27.15 13.49 -1.56
C TRP D 423 26.96 12.51 -0.40
N GLN D 424 28.06 11.91 0.09
CA GLN D 424 27.95 10.92 1.14
C GLN D 424 27.72 11.54 2.52
N THR D 425 28.02 12.83 2.69
CA THR D 425 27.83 13.51 3.96
C THR D 425 26.52 14.27 4.05
N GLY D 426 25.86 14.52 2.92
CA GLY D 426 24.61 15.24 2.92
C GLY D 426 23.42 14.36 3.27
N SER D 427 22.26 15.00 3.41
CA SER D 427 21.05 14.28 3.73
C SER D 427 20.55 13.42 2.57
N GLY D 428 21.05 13.67 1.35
CA GLY D 428 20.60 12.88 0.22
C GLY D 428 20.96 11.41 0.35
N CYS D 429 22.19 11.12 0.76
CA CYS D 429 22.59 9.72 0.91
C CYS D 429 21.79 9.04 2.02
N SER D 430 21.57 9.72 3.14
CA SER D 430 20.78 9.13 4.21
C SER D 430 19.35 8.85 3.75
N THR D 431 18.75 9.80 3.02
CA THR D 431 17.40 9.58 2.51
C THR D 431 17.36 8.42 1.53
N ALA D 432 18.37 8.32 0.66
CA ALA D 432 18.41 7.21 -0.30
C ALA D 432 18.52 5.88 0.43
N GLY D 433 19.38 5.79 1.44
CA GLY D 433 19.50 4.55 2.20
C GLY D 433 18.23 4.21 2.93
N PHE D 434 17.59 5.21 3.54
CA PHE D 434 16.33 4.97 4.24
C PHE D 434 15.28 4.45 3.28
N PHE D 435 15.16 5.06 2.10
CA PHE D 435 14.19 4.60 1.11
C PHE D 435 14.52 3.18 0.66
N THR D 436 15.79 2.89 0.42
CA THR D 436 16.17 1.56 -0.03
C THR D 436 15.81 0.50 0.99
N VAL D 437 16.06 0.77 2.28
CA VAL D 437 15.71 -0.19 3.32
C VAL D 437 14.19 -0.32 3.45
N PHE D 438 13.49 0.82 3.50
CA PHE D 438 12.06 0.80 3.78
C PHE D 438 11.28 0.13 2.65
N ALA D 439 11.59 0.46 1.40
CA ALA D 439 10.86 -0.13 0.27
C ALA D 439 11.07 -1.64 0.24
N SER D 440 12.30 -2.11 0.44
CA SER D 440 12.55 -3.54 0.43
C SER D 440 11.81 -4.24 1.57
N GLU D 441 11.87 -3.66 2.78
CA GLU D 441 11.18 -4.28 3.91
C GLU D 441 9.68 -4.33 3.67
N LEU D 442 9.10 -3.24 3.17
CA LEU D 442 7.66 -3.20 2.93
C LEU D 442 7.25 -4.19 1.85
N SER D 443 8.05 -4.29 0.78
CA SER D 443 7.73 -5.25 -0.28
C SER D 443 7.79 -6.67 0.24
N VAL D 444 8.82 -7.00 1.03
CA VAL D 444 8.92 -8.35 1.59
C VAL D 444 7.74 -8.65 2.48
N TYR D 445 7.38 -7.70 3.35
CA TYR D 445 6.26 -7.91 4.25
C TYR D 445 4.96 -8.09 3.48
N THR D 446 4.74 -7.27 2.44
CA THR D 446 3.53 -7.38 1.65
C THR D 446 3.46 -8.74 0.95
N LEU D 447 4.57 -9.19 0.37
CA LEU D 447 4.56 -10.48 -0.33
C LEU D 447 4.28 -11.61 0.65
N THR D 448 4.93 -11.60 1.82
CA THR D 448 4.73 -12.70 2.75
C THR D 448 3.31 -12.69 3.35
N VAL D 449 2.76 -11.51 3.64
CA VAL D 449 1.40 -11.47 4.15
C VAL D 449 0.41 -11.89 3.08
N ILE D 450 0.66 -11.54 1.81
CA ILE D 450 -0.19 -12.00 0.72
C ILE D 450 -0.17 -13.52 0.65
N THR D 451 1.01 -14.11 0.74
CA THR D 451 1.11 -15.57 0.71
C THR D 451 0.36 -16.18 1.89
N LEU D 452 0.54 -15.61 3.09
CA LEU D 452 -0.10 -16.17 4.28
C LEU D 452 -1.62 -16.09 4.18
N GLU D 453 -2.15 -14.96 3.73
CA GLU D 453 -3.60 -14.82 3.63
C GLU D 453 -4.17 -15.70 2.52
N ARG D 454 -3.43 -15.86 1.42
CA ARG D 454 -3.87 -16.80 0.39
C ARG D 454 -3.93 -18.22 0.95
N TRP D 455 -2.90 -18.62 1.69
CA TRP D 455 -2.91 -19.95 2.30
C TRP D 455 -4.08 -20.11 3.25
N HIS D 456 -4.34 -19.11 4.09
CA HIS D 456 -5.42 -19.22 5.05
C HIS D 456 -6.77 -19.31 4.36
N THR D 457 -6.99 -18.48 3.34
CA THR D 457 -8.29 -18.46 2.65
C THR D 457 -8.48 -19.66 1.74
N ILE D 458 -7.40 -20.35 1.34
CA ILE D 458 -7.54 -21.57 0.56
C ILE D 458 -7.75 -22.78 1.47
N THR D 459 -7.01 -22.85 2.58
CA THR D 459 -7.16 -23.99 3.49
C THR D 459 -8.55 -24.02 4.12
N TYR D 460 -9.08 -22.87 4.52
CA TYR D 460 -10.38 -22.76 5.16
C TYR D 460 -11.37 -21.99 4.29
N ALA D 461 -11.40 -22.32 2.99
CA ALA D 461 -12.28 -21.61 2.07
C ALA D 461 -13.75 -21.79 2.46
N ILE D 462 -14.12 -23.01 2.87
CA ILE D 462 -15.52 -23.29 3.16
C ILE D 462 -16.02 -22.48 4.35
N HIS D 463 -15.18 -22.23 5.35
CA HIS D 463 -15.57 -21.44 6.52
C HIS D 463 -15.55 -19.96 6.17
N LEU D 464 -16.65 -19.53 5.53
CA LEU D 464 -16.78 -18.13 5.14
C LEU D 464 -16.76 -17.18 6.33
N ASP D 465 -17.15 -17.63 7.51
CA ASP D 465 -17.14 -16.77 8.69
C ASP D 465 -15.72 -16.30 9.01
N GLN D 466 -14.75 -17.22 8.94
CA GLN D 466 -13.35 -16.90 9.22
C GLN D 466 -12.65 -16.40 7.96
N LYS D 467 -13.09 -15.23 7.51
CA LYS D 467 -12.57 -14.58 6.32
C LYS D 467 -12.06 -13.19 6.69
N LEU D 468 -10.91 -12.82 6.13
CA LEU D 468 -10.33 -11.51 6.39
C LEU D 468 -11.25 -10.42 5.86
N ARG D 469 -11.36 -9.34 6.63
CA ARG D 469 -12.10 -8.15 6.24
C ARG D 469 -11.15 -6.96 6.21
N LEU D 470 -11.60 -5.88 5.57
CA LEU D 470 -10.76 -4.70 5.45
C LEU D 470 -10.39 -4.15 6.82
N ARG D 471 -11.37 -4.05 7.72
CA ARG D 471 -11.12 -3.50 9.05
C ARG D 471 -10.10 -4.32 9.83
N HIS D 472 -10.10 -5.65 9.66
CA HIS D 472 -9.13 -6.50 10.32
C HIS D 472 -7.76 -6.41 9.67
N ALA D 473 -7.72 -6.24 8.34
CA ALA D 473 -6.44 -6.16 7.64
C ALA D 473 -5.74 -4.82 7.84
N ILE D 474 -6.50 -3.75 8.10
CA ILE D 474 -5.88 -2.44 8.30
C ILE D 474 -4.96 -2.45 9.51
N LEU D 475 -5.39 -3.12 10.58
CA LEU D 475 -4.55 -3.17 11.78
C LEU D 475 -3.23 -3.88 11.50
N ILE D 476 -3.28 -5.02 10.81
CA ILE D 476 -2.07 -5.76 10.48
C ILE D 476 -1.18 -4.93 9.57
N MET D 477 -1.78 -4.26 8.58
CA MET D 477 -0.99 -3.43 7.67
C MET D 477 -0.31 -2.30 8.42
N LEU D 478 -1.03 -1.65 9.34
CA LEU D 478 -0.43 -0.57 10.12
C LEU D 478 0.70 -1.09 11.00
N GLY D 479 0.51 -2.24 11.62
CA GLY D 479 1.59 -2.82 12.42
C GLY D 479 2.82 -3.12 11.58
N GLY D 480 2.62 -3.71 10.40
CA GLY D 480 3.74 -3.96 9.52
C GLY D 480 4.43 -2.70 9.06
N TRP D 481 3.64 -1.66 8.76
CA TRP D 481 4.22 -0.38 8.36
C TRP D 481 5.06 0.22 9.48
N LEU D 482 4.56 0.16 10.71
CA LEU D 482 5.33 0.67 11.84
C LEU D 482 6.61 -0.13 12.03
N PHE D 483 6.53 -1.45 11.91
CA PHE D 483 7.72 -2.29 12.05
C PHE D 483 8.75 -1.94 10.98
N SER D 484 8.29 -1.78 9.73
CA SER D 484 9.22 -1.44 8.65
C SER D 484 9.83 -0.07 8.86
N SER D 485 9.04 0.90 9.33
CA SER D 485 9.56 2.23 9.60
C SER D 485 10.63 2.20 10.68
N LEU D 486 10.38 1.44 11.76
CA LEU D 486 11.38 1.31 12.81
C LEU D 486 12.64 0.63 12.29
N ILE D 487 12.47 -0.41 11.47
CA ILE D 487 13.62 -1.11 10.91
C ILE D 487 14.46 -0.17 10.07
N ALA D 488 13.81 0.65 9.24
CA ALA D 488 14.55 1.56 8.38
C ALA D 488 15.17 2.71 9.15
N MET D 489 14.52 3.18 10.22
CA MET D 489 15.02 4.32 10.96
C MET D 489 16.06 3.95 12.01
N LEU D 490 16.17 2.68 12.38
CA LEU D 490 17.19 2.29 13.35
C LEU D 490 18.59 2.65 12.88
N PRO D 491 19.02 2.32 11.66
CA PRO D 491 20.38 2.72 11.24
C PRO D 491 20.60 4.22 11.28
N LEU D 492 19.58 5.02 11.00
CA LEU D 492 19.74 6.48 11.09
C LEU D 492 20.02 6.91 12.53
N VAL D 493 19.53 6.16 13.51
CA VAL D 493 19.78 6.50 14.91
C VAL D 493 21.28 6.38 15.22
N GLY D 494 21.95 5.41 14.61
CA GLY D 494 23.37 5.20 14.85
C GLY D 494 23.74 3.74 14.99
N VAL D 495 22.76 2.84 14.81
CA VAL D 495 23.04 1.42 14.89
C VAL D 495 24.03 1.01 13.79
N SER D 496 23.81 1.51 12.58
CA SER D 496 24.71 1.21 11.45
C SER D 496 24.73 2.42 10.53
N ASN D 497 25.86 3.09 10.47
CA ASN D 497 25.97 4.29 9.64
C ASN D 497 25.86 3.91 8.16
N TYR D 498 25.15 4.75 7.41
CA TYR D 498 24.94 4.53 5.98
C TYR D 498 26.05 5.15 5.14
N MET D 499 27.01 5.84 5.75
CA MET D 499 28.11 6.47 5.01
C MET D 499 29.26 5.50 4.76
N LYS D 500 29.18 4.27 5.25
CA LYS D 500 30.28 3.32 5.04
C LYS D 500 30.48 3.01 3.57
N VAL D 501 29.41 2.86 2.80
CA VAL D 501 29.47 2.53 1.39
C VAL D 501 28.84 3.66 0.59
N SER D 502 29.47 3.99 -0.54
CA SER D 502 29.03 5.14 -1.32
C SER D 502 27.63 4.98 -1.90
N ILE D 503 27.11 3.74 -1.95
CA ILE D 503 25.79 3.49 -2.51
C ILE D 503 24.74 3.70 -1.43
N CYS D 504 25.14 4.20 -0.27
CA CYS D 504 24.23 4.47 0.84
C CYS D 504 23.56 3.18 1.31
N PHE D 505 24.40 2.24 1.75
CA PHE D 505 23.96 0.95 2.26
C PHE D 505 24.50 0.73 3.67
N PRO D 506 23.73 0.09 4.57
CA PRO D 506 24.26 -0.15 5.91
C PRO D 506 25.33 -1.23 5.93
N MET D 507 26.54 -0.86 5.55
CA MET D 507 27.67 -1.78 5.51
C MET D 507 28.51 -1.75 6.78
N ASP D 508 28.11 -0.98 7.79
CA ASP D 508 28.87 -0.89 9.03
C ASP D 508 28.68 -2.17 9.86
N VAL D 509 29.54 -3.17 9.63
CA VAL D 509 29.45 -4.44 10.32
C VAL D 509 30.53 -4.60 11.39
N GLU D 510 31.39 -3.60 11.56
CA GLU D 510 32.44 -3.70 12.57
C GLU D 510 31.85 -3.82 13.97
N THR D 511 30.83 -3.02 14.27
CA THR D 511 30.19 -3.09 15.57
C THR D 511 29.47 -4.43 15.75
N THR D 512 29.57 -4.99 16.94
CA THR D 512 28.91 -6.27 17.21
C THR D 512 27.40 -6.13 17.09
N LEU D 513 26.84 -5.03 17.60
CA LEU D 513 25.40 -4.82 17.52
C LEU D 513 24.93 -4.76 16.07
N SER D 514 25.67 -4.04 15.22
CA SER D 514 25.29 -3.93 13.81
C SER D 514 25.35 -5.28 13.12
N GLN D 515 26.40 -6.07 13.40
CA GLN D 515 26.49 -7.41 12.80
C GLN D 515 25.35 -8.30 13.26
N VAL D 516 25.02 -8.24 14.55
CA VAL D 516 23.91 -9.04 15.07
C VAL D 516 22.61 -8.63 14.40
N TYR D 517 22.40 -7.31 14.24
CA TYR D 517 21.18 -6.83 13.60
C TYR D 517 21.09 -7.29 12.16
N ILE D 518 22.20 -7.23 11.42
CA ILE D 518 22.20 -7.67 10.03
C ILE D 518 21.91 -9.17 9.95
N LEU D 519 22.53 -9.95 10.84
CA LEU D 519 22.27 -11.38 10.86
C LEU D 519 20.81 -11.67 11.18
N THR D 520 20.23 -10.93 12.12
CA THR D 520 18.82 -11.12 12.45
C THR D 520 17.92 -10.79 11.27
N ILE D 521 18.24 -9.71 10.55
CA ILE D 521 17.44 -9.35 9.37
C ILE D 521 17.53 -10.45 8.32
N LEU D 522 18.73 -10.96 8.07
CA LEU D 522 18.89 -12.03 7.08
C LEU D 522 18.13 -13.27 7.50
N ILE D 523 18.21 -13.63 8.79
CA ILE D 523 17.50 -14.80 9.28
C ILE D 523 15.99 -14.62 9.15
N LEU D 524 15.50 -13.41 9.42
CA LEU D 524 14.07 -13.14 9.28
C LEU D 524 13.64 -13.28 7.83
N ASN D 525 14.43 -12.76 6.90
CA ASN D 525 14.09 -12.91 5.48
C ASN D 525 14.09 -14.37 5.07
N VAL D 526 15.08 -15.13 5.51
CA VAL D 526 15.15 -16.55 5.18
C VAL D 526 13.94 -17.28 5.74
N VAL D 527 13.57 -16.97 6.99
CA VAL D 527 12.43 -17.63 7.61
C VAL D 527 11.14 -17.28 6.86
N ALA D 528 11.00 -16.02 6.44
CA ALA D 528 9.81 -15.64 5.69
C ALA D 528 9.74 -16.39 4.37
N PHE D 529 10.87 -16.52 3.67
CA PHE D 529 10.87 -17.26 2.41
C PHE D 529 10.53 -18.72 2.65
N PHE D 530 11.08 -19.32 3.70
CA PHE D 530 10.79 -20.72 4.00
C PHE D 530 9.31 -20.91 4.34
N ILE D 531 8.74 -19.97 5.10
CA ILE D 531 7.32 -20.05 5.44
C ILE D 531 6.47 -19.94 4.17
N ILE D 532 6.84 -19.03 3.27
CA ILE D 532 6.09 -18.90 2.02
C ILE D 532 6.15 -20.21 1.23
N CYS D 533 7.34 -20.81 1.13
CA CYS D 533 7.48 -22.06 0.40
C CYS D 533 6.65 -23.16 1.04
N ALA D 534 6.68 -23.25 2.37
CA ALA D 534 5.89 -24.27 3.07
C ALA D 534 4.40 -24.05 2.84
N CYS D 535 3.94 -22.80 2.88
CA CYS D 535 2.53 -22.52 2.64
C CYS D 535 2.13 -22.92 1.23
N TYR D 536 2.99 -22.62 0.24
CA TYR D 536 2.69 -23.00 -1.13
C TYR D 536 2.63 -24.51 -1.28
N ILE D 537 3.57 -25.22 -0.64
CA ILE D 537 3.57 -26.68 -0.70
C ILE D 537 2.30 -27.23 -0.07
N LYS D 538 1.89 -26.67 1.06
CA LYS D 538 0.66 -27.12 1.72
C LYS D 538 -0.55 -26.87 0.82
N ILE D 539 -0.58 -25.70 0.16
CA ILE D 539 -1.69 -25.41 -0.75
C ILE D 539 -1.74 -26.42 -1.87
N TYR D 540 -0.58 -26.73 -2.46
CA TYR D 540 -0.52 -27.69 -3.55
C TYR D 540 -1.00 -29.07 -3.08
N PHE D 541 -0.56 -29.49 -1.89
CA PHE D 541 -0.98 -30.79 -1.38
C PHE D 541 -2.48 -30.83 -1.13
N ALA D 542 -3.03 -29.76 -0.54
CA ALA D 542 -4.46 -29.74 -0.26
C ALA D 542 -5.28 -29.74 -1.54
N VAL D 543 -4.88 -28.97 -2.53
CA VAL D 543 -5.63 -28.91 -3.79
C VAL D 543 -5.62 -30.26 -4.48
N ARG D 544 -4.46 -30.91 -4.52
CA ARG D 544 -4.36 -32.22 -5.17
C ARG D 544 -5.25 -33.24 -4.48
N ASN D 545 -5.86 -34.11 -5.27
CA ASN D 545 -6.75 -35.15 -4.77
C ASN D 545 -6.34 -36.49 -5.35
N PRO D 546 -6.66 -37.59 -4.64
CA PRO D 546 -6.26 -38.91 -5.14
C PRO D 546 -7.12 -39.38 -6.31
N GLU D 547 -8.41 -39.04 -6.29
CA GLU D 547 -9.35 -39.43 -7.33
C GLU D 547 -9.87 -38.25 -8.13
N LEU D 548 -10.41 -37.23 -7.47
CA LEU D 548 -10.96 -36.05 -8.15
C LEU D 548 -9.83 -35.06 -8.43
N MET D 549 -8.98 -35.44 -9.38
CA MET D 549 -7.85 -34.64 -9.79
C MET D 549 -7.87 -34.45 -11.30
N ALA D 550 -7.55 -33.25 -11.76
CA ALA D 550 -7.48 -32.91 -13.17
C ALA D 550 -6.03 -32.68 -13.56
N THR D 551 -5.57 -33.40 -14.59
CA THR D 551 -4.18 -33.28 -14.99
C THR D 551 -3.86 -31.87 -15.48
N ASN D 552 -4.72 -31.29 -16.32
CA ASN D 552 -4.45 -29.96 -16.86
C ASN D 552 -4.46 -28.90 -15.77
N LYS D 553 -5.50 -28.90 -14.93
CA LYS D 553 -5.59 -27.92 -13.87
C LYS D 553 -4.45 -28.07 -12.88
N ASP D 554 -4.12 -29.31 -12.52
CA ASP D 554 -3.02 -29.54 -11.59
C ASP D 554 -1.70 -29.05 -12.18
N THR D 555 -1.46 -29.34 -13.46
CA THR D 555 -0.23 -28.89 -14.09
C THR D 555 -0.16 -27.37 -14.14
N LYS D 556 -1.27 -26.72 -14.48
CA LYS D 556 -1.28 -25.26 -14.52
C LYS D 556 -1.01 -24.66 -13.14
N ILE D 557 -1.64 -25.22 -12.11
CA ILE D 557 -1.42 -24.72 -10.75
C ILE D 557 0.03 -24.92 -10.34
N ALA D 558 0.59 -26.09 -10.65
CA ALA D 558 1.98 -26.36 -10.29
C ALA D 558 2.92 -25.40 -11.00
N LYS D 559 2.70 -25.16 -12.29
CA LYS D 559 3.54 -24.23 -13.03
C LYS D 559 3.44 -22.82 -12.46
N LYS D 560 2.22 -22.38 -12.14
CA LYS D 560 2.04 -21.06 -11.56
C LYS D 560 2.77 -20.94 -10.23
N MET D 561 2.64 -21.97 -9.37
CA MET D 561 3.34 -21.94 -8.09
C MET D 561 4.85 -21.92 -8.28
N ALA D 562 5.35 -22.71 -9.22
CA ALA D 562 6.79 -22.76 -9.45
C ALA D 562 7.32 -21.41 -9.91
N ILE D 563 6.63 -20.78 -10.86
CA ILE D 563 7.09 -19.47 -11.34
C ILE D 563 6.99 -18.45 -10.22
N LEU D 564 5.90 -18.47 -9.45
CA LEU D 564 5.73 -17.51 -8.36
C LEU D 564 6.83 -17.64 -7.33
N ILE D 565 7.19 -18.87 -6.96
CA ILE D 565 8.23 -19.06 -5.95
C ILE D 565 9.61 -18.73 -6.52
N PHE D 566 9.88 -19.12 -7.77
CA PHE D 566 11.20 -18.88 -8.34
C PHE D 566 11.48 -17.41 -8.61
N THR D 567 10.45 -16.64 -9.00
CA THR D 567 10.66 -15.23 -9.29
C THR D 567 11.23 -14.49 -8.09
N ASP D 568 10.98 -14.97 -6.88
CA ASP D 568 11.56 -14.42 -5.66
C ASP D 568 12.78 -15.19 -5.18
N PHE D 569 12.82 -16.50 -5.42
CA PHE D 569 14.00 -17.28 -5.04
C PHE D 569 15.23 -16.78 -5.75
N THR D 570 15.18 -16.66 -7.09
CA THR D 570 16.30 -16.11 -7.83
C THR D 570 16.23 -14.60 -7.91
N CYS D 571 15.92 -13.98 -6.80
CA CYS D 571 16.19 -12.58 -6.47
C CYS D 571 16.67 -12.44 -5.04
N MET D 572 16.28 -13.36 -4.16
CA MET D 572 16.64 -13.27 -2.74
C MET D 572 17.82 -14.17 -2.38
N ALA D 573 17.92 -15.36 -2.98
CA ALA D 573 18.98 -16.28 -2.58
C ALA D 573 20.37 -15.68 -2.78
N PRO D 574 20.70 -15.07 -3.92
CA PRO D 574 22.06 -14.52 -4.06
C PRO D 574 22.32 -13.35 -3.12
N ILE D 575 21.38 -12.41 -3.04
CA ILE D 575 21.57 -11.26 -2.15
C ILE D 575 21.66 -11.72 -0.70
N SER D 576 20.79 -12.66 -0.31
CA SER D 576 20.82 -13.17 1.05
C SER D 576 22.14 -13.85 1.36
N PHE D 577 22.64 -14.67 0.43
CA PHE D 577 23.92 -15.33 0.65
C PHE D 577 25.06 -14.33 0.76
N PHE D 578 25.05 -13.31 -0.10
CA PHE D 578 26.09 -12.28 -0.03
C PHE D 578 26.04 -11.54 1.30
N ALA D 579 24.83 -11.20 1.76
CA ALA D 579 24.70 -10.50 3.04
C ALA D 579 25.18 -11.39 4.19
N ILE D 580 24.84 -12.68 4.15
CA ILE D 580 25.28 -13.59 5.21
C ILE D 580 26.81 -13.69 5.21
N SER D 581 27.41 -13.80 4.03
CA SER D 581 28.87 -13.88 3.95
C SER D 581 29.51 -12.60 4.47
N ALA D 582 28.94 -11.44 4.13
CA ALA D 582 29.49 -10.18 4.60
C ALA D 582 29.34 -10.03 6.12
N ALA D 583 28.27 -10.58 6.69
CA ALA D 583 28.06 -10.47 8.12
C ALA D 583 29.17 -11.16 8.90
N PHE D 584 29.64 -12.32 8.42
CA PHE D 584 30.69 -13.07 9.09
C PHE D 584 32.08 -12.52 8.81
N LYS D 585 32.18 -11.32 8.23
CA LYS D 585 33.47 -10.69 7.94
C LYS D 585 34.29 -11.50 6.93
N VAL D 586 33.62 -12.09 5.95
CA VAL D 586 34.29 -12.83 4.89
C VAL D 586 33.76 -12.36 3.55
N PRO D 587 34.04 -11.13 3.12
CA PRO D 587 33.56 -10.66 1.82
C PRO D 587 33.98 -11.58 0.68
N LEU D 588 33.00 -12.22 0.03
CA LEU D 588 33.29 -13.05 -1.12
C LEU D 588 33.57 -12.23 -2.37
N ILE D 589 32.92 -11.07 -2.49
CA ILE D 589 33.09 -10.20 -3.65
C ILE D 589 33.38 -8.79 -3.17
N THR D 590 34.00 -8.00 -4.04
CA THR D 590 34.36 -6.63 -3.73
C THR D 590 33.15 -5.71 -3.89
N VAL D 591 33.32 -4.44 -3.54
CA VAL D 591 32.25 -3.47 -3.66
C VAL D 591 31.84 -3.32 -5.12
N THR D 592 32.83 -3.23 -6.02
CA THR D 592 32.51 -3.10 -7.43
C THR D 592 31.74 -4.31 -7.93
N ASN D 593 32.15 -5.51 -7.53
CA ASN D 593 31.41 -6.71 -7.92
C ASN D 593 30.00 -6.71 -7.34
N SER D 594 29.87 -6.30 -6.08
CA SER D 594 28.55 -6.25 -5.45
C SER D 594 27.64 -5.21 -6.09
N LYS D 595 28.22 -4.19 -6.74
CA LYS D 595 27.40 -3.18 -7.40
C LYS D 595 26.57 -3.80 -8.52
N VAL D 596 27.15 -4.73 -9.27
CA VAL D 596 26.41 -5.39 -10.35
C VAL D 596 25.20 -6.12 -9.78
N LEU D 597 25.40 -6.86 -8.68
CA LEU D 597 24.27 -7.57 -8.07
C LEU D 597 23.24 -6.58 -7.54
N LEU D 598 23.68 -5.49 -6.91
CA LEU D 598 22.76 -4.51 -6.37
C LEU D 598 21.96 -3.77 -7.44
N VAL D 599 22.51 -3.64 -8.64
CA VAL D 599 21.81 -2.95 -9.71
C VAL D 599 21.03 -3.90 -10.62
N LEU D 600 21.35 -5.19 -10.62
CA LEU D 600 20.67 -6.16 -11.49
C LEU D 600 19.72 -7.07 -10.75
N PHE D 601 20.06 -7.51 -9.55
CA PHE D 601 19.22 -8.43 -8.78
C PHE D 601 18.25 -7.71 -7.85
N TYR D 602 18.64 -6.55 -7.31
CA TYR D 602 17.75 -5.83 -6.40
C TYR D 602 16.44 -5.43 -7.06
N PRO D 603 16.42 -4.86 -8.28
CA PRO D 603 15.16 -4.35 -8.83
C PRO D 603 14.30 -5.40 -9.53
N ILE D 604 14.59 -6.68 -9.31
CA ILE D 604 13.79 -7.73 -9.94
C ILE D 604 12.35 -7.63 -9.47
N ASN D 605 12.14 -7.46 -8.16
CA ASN D 605 10.78 -7.36 -7.64
C ASN D 605 10.07 -6.14 -8.20
N SER D 606 10.74 -4.98 -8.21
CA SER D 606 10.10 -3.76 -8.67
C SER D 606 9.69 -3.82 -10.13
N CYS D 607 10.32 -4.70 -10.93
CA CYS D 607 10.01 -4.82 -12.34
C CYS D 607 9.19 -6.07 -12.68
N ALA D 608 9.09 -7.03 -11.77
CA ALA D 608 8.39 -8.29 -12.01
C ALA D 608 7.08 -8.41 -11.26
N ASN D 609 7.02 -7.94 -10.01
CA ASN D 609 5.79 -8.09 -9.24
C ASN D 609 4.60 -7.41 -9.89
N PRO D 610 4.67 -6.15 -10.32
CA PRO D 610 3.46 -5.53 -10.89
C PRO D 610 2.94 -6.25 -12.13
N PHE D 611 3.80 -6.50 -13.11
CA PHE D 611 3.35 -7.16 -14.33
C PHE D 611 2.80 -8.54 -14.03
N LEU D 612 3.47 -9.29 -13.15
CA LEU D 612 3.08 -10.65 -12.86
C LEU D 612 1.85 -10.76 -11.96
N TYR D 613 1.48 -9.70 -11.25
CA TYR D 613 0.36 -9.73 -10.32
C TYR D 613 -0.87 -9.01 -10.86
N ALA D 614 -0.73 -7.73 -11.22
CA ALA D 614 -1.88 -6.92 -11.63
C ALA D 614 -2.08 -6.92 -13.14
N ILE D 615 -1.00 -6.91 -13.92
CA ILE D 615 -1.14 -6.88 -15.37
C ILE D 615 -1.88 -8.12 -15.87
N PHE D 616 -1.53 -9.29 -15.34
CA PHE D 616 -2.19 -10.54 -15.72
C PHE D 616 -3.35 -10.85 -14.78
N THR D 617 -4.27 -9.89 -14.64
CA THR D 617 -5.44 -10.05 -13.79
C THR D 617 -6.67 -9.60 -14.55
N LYS D 618 -7.74 -10.41 -14.47
CA LYS D 618 -8.98 -10.08 -15.16
C LYS D 618 -9.57 -8.78 -14.62
N THR D 619 -9.58 -8.60 -13.30
CA THR D 619 -10.15 -7.40 -12.72
C THR D 619 -9.35 -6.16 -13.14
N PHE D 620 -8.02 -6.26 -13.12
CA PHE D 620 -7.20 -5.13 -13.52
C PHE D 620 -7.41 -4.79 -15.00
N GLN D 621 -7.51 -5.81 -15.85
CA GLN D 621 -7.75 -5.56 -17.26
C GLN D 621 -9.12 -4.91 -17.47
N ARG D 622 -10.14 -5.37 -16.76
CA ARG D 622 -11.46 -4.77 -16.89
C ARG D 622 -11.45 -3.33 -16.42
N ASP D 623 -10.76 -3.04 -15.31
CA ASP D 623 -10.67 -1.67 -14.83
C ASP D 623 -9.94 -0.77 -15.83
N PHE D 624 -8.85 -1.28 -16.41
CA PHE D 624 -8.13 -0.49 -17.41
C PHE D 624 -9.00 -0.23 -18.64
N PHE D 625 -9.74 -1.23 -19.09
CA PHE D 625 -10.62 -1.05 -20.24
C PHE D 625 -11.71 -0.02 -19.93
N LEU D 626 -12.29 -0.09 -18.73
CA LEU D 626 -13.31 0.87 -18.34
C LEU D 626 -12.73 2.28 -18.30
N LEU D 627 -11.53 2.44 -17.74
CA LEU D 627 -10.90 3.76 -17.70
C LEU D 627 -10.63 4.28 -19.10
N LEU D 628 -10.14 3.42 -19.99
CA LEU D 628 -9.90 3.85 -21.37
C LEU D 628 -11.19 4.27 -22.05
N SER D 629 -12.26 3.50 -21.86
CA SER D 629 -13.54 3.87 -22.46
C SER D 629 -14.04 5.20 -21.91
N LYS D 630 -13.90 5.42 -20.61
CA LYS D 630 -14.31 6.70 -20.03
C LYS D 630 -13.49 7.84 -20.61
N PHE D 631 -12.19 7.64 -20.78
CA PHE D 631 -11.33 8.66 -21.37
C PHE D 631 -11.56 8.86 -22.85
N GLY D 632 -12.34 7.98 -23.50
CA GLY D 632 -12.62 8.06 -24.91
C GLY D 632 -11.83 7.09 -25.77
N CYS D 633 -10.85 6.40 -25.20
CA CYS D 633 -10.05 5.44 -25.96
C CYS D 633 -10.65 4.04 -25.82
N CYS D 634 -11.89 3.91 -26.29
CA CYS D 634 -12.60 2.64 -26.23
C CYS D 634 -12.05 1.65 -27.26
N GLN E 29 77.76 8.65 24.65
CA GLN E 29 77.64 7.69 23.52
C GLN E 29 78.80 7.85 22.54
N ASP E 30 78.68 7.22 21.39
CA ASP E 30 79.72 7.27 20.35
C ASP E 30 79.40 8.28 19.26
N CYS E 31 78.36 9.10 19.45
CA CYS E 31 78.01 10.09 18.43
C CYS E 31 79.14 11.11 18.28
N PRO E 32 79.51 11.45 17.05
CA PRO E 32 80.60 12.41 16.86
C PRO E 32 80.26 13.78 17.40
N GLU E 33 81.29 14.50 17.83
CA GLU E 33 81.12 15.84 18.37
C GLU E 33 80.84 16.83 17.24
N CYS E 34 80.64 18.09 17.62
CA CYS E 34 80.35 19.14 16.65
C CYS E 34 81.60 19.52 15.87
N THR E 35 81.79 18.90 14.71
CA THR E 35 82.93 19.18 13.86
C THR E 35 82.59 18.85 12.42
N LEU E 36 83.37 19.41 11.50
CA LEU E 36 83.15 19.16 10.08
C LEU E 36 83.50 17.72 9.73
N GLN E 37 82.75 17.16 8.79
CA GLN E 37 82.98 15.80 8.33
C GLN E 37 82.78 15.74 6.82
N GLU E 38 83.41 14.73 6.20
CA GLU E 38 83.29 14.57 4.76
C GLU E 38 81.87 14.20 4.36
N ASN E 39 81.49 14.63 3.16
CA ASN E 39 80.15 14.33 2.66
C ASN E 39 80.04 12.84 2.34
N PRO E 40 79.06 12.13 2.90
CA PRO E 40 78.95 10.69 2.60
C PRO E 40 78.77 10.39 1.12
N PHE E 41 78.06 11.23 0.39
CA PHE E 41 77.81 11.00 -1.03
C PHE E 41 78.10 12.20 -1.92
N PHE E 42 78.38 13.37 -1.35
CA PHE E 42 78.66 14.58 -2.12
C PHE E 42 80.14 14.95 -2.10
N SER E 43 81.01 14.01 -1.75
CA SER E 43 82.45 14.25 -1.69
C SER E 43 83.07 13.78 -3.00
N GLN E 44 83.18 14.69 -3.95
CA GLN E 44 83.79 14.36 -5.23
C GLN E 44 85.29 14.14 -5.07
N PRO E 45 85.89 13.30 -5.90
CA PRO E 45 87.34 13.05 -5.78
C PRO E 45 88.14 14.34 -5.97
N GLY E 46 89.18 14.48 -5.17
CA GLY E 46 90.05 15.64 -5.23
C GLY E 46 89.52 16.86 -4.52
N ALA E 47 88.32 16.80 -3.93
CA ALA E 47 87.75 17.93 -3.21
C ALA E 47 86.63 17.43 -2.29
N PRO E 48 86.96 16.87 -1.14
CA PRO E 48 85.91 16.36 -0.25
C PRO E 48 84.97 17.46 0.20
N ILE E 49 83.68 17.15 0.24
CA ILE E 49 82.67 18.10 0.69
C ILE E 49 82.59 18.04 2.21
N LEU E 50 82.66 19.21 2.86
CA LEU E 50 82.62 19.30 4.31
C LEU E 50 81.19 19.54 4.76
N GLN E 51 80.71 18.72 5.69
CA GLN E 51 79.38 18.84 6.26
C GLN E 51 79.49 19.01 7.77
N CYS E 52 78.57 19.80 8.33
CA CYS E 52 78.59 20.12 9.75
C CYS E 52 77.56 19.28 10.48
N MET E 53 78.01 18.55 11.51
CA MET E 53 77.13 17.74 12.33
C MET E 53 77.79 17.56 13.69
N GLY E 54 76.99 17.16 14.66
CA GLY E 54 77.52 16.99 16.00
C GLY E 54 76.53 16.30 16.91
N CYS E 55 76.91 16.20 18.18
CA CYS E 55 76.11 15.57 19.23
C CYS E 55 75.98 16.50 20.42
N CYS E 56 75.69 17.77 20.13
CA CYS E 56 75.59 18.77 21.20
C CYS E 56 74.48 18.38 22.17
N PHE E 57 74.79 18.49 23.46
CA PHE E 57 73.84 18.11 24.50
C PHE E 57 72.78 19.19 24.69
N SER E 58 71.65 18.80 25.25
CA SER E 58 70.55 19.71 25.53
C SER E 58 70.02 19.41 26.93
N ARG E 59 69.41 20.44 27.54
CA ARG E 59 68.87 20.34 28.88
C ARG E 59 67.45 20.89 28.89
N ALA E 60 66.60 20.29 29.74
CA ALA E 60 65.22 20.73 29.88
C ALA E 60 64.79 20.52 31.32
N TYR E 61 63.80 21.30 31.74
CA TYR E 61 63.28 21.23 33.10
C TYR E 61 61.86 21.78 33.10
N PRO E 62 61.06 21.43 34.10
CA PRO E 62 59.69 21.95 34.15
C PRO E 62 59.68 23.47 34.30
N THR E 63 58.65 24.09 33.74
CA THR E 63 58.53 25.53 33.78
C THR E 63 58.21 25.98 35.20
N PRO E 64 58.99 26.89 35.78
CA PRO E 64 58.69 27.35 37.15
C PRO E 64 57.58 28.39 37.19
N LEU E 65 57.30 28.92 38.38
CA LEU E 65 56.26 29.93 38.50
C LEU E 65 56.60 31.18 37.69
N ARG E 66 57.85 31.63 37.76
CA ARG E 66 58.26 32.79 36.98
C ARG E 66 58.17 32.50 35.48
N SER E 67 58.60 31.31 35.06
CA SER E 67 58.52 30.95 33.65
C SER E 67 57.07 30.86 33.19
N LYS E 68 56.20 30.27 34.02
CA LYS E 68 54.80 30.14 33.64
C LYS E 68 54.14 31.50 33.44
N LYS E 69 54.43 32.45 34.33
CA LYS E 69 53.86 33.79 34.22
C LYS E 69 54.46 34.59 33.07
N THR E 70 55.58 34.15 32.50
CA THR E 70 56.22 34.84 31.39
C THR E 70 55.70 34.41 30.02
N MET E 71 54.80 33.43 29.98
CA MET E 71 54.24 32.93 28.73
C MET E 71 52.76 33.27 28.66
N LEU E 72 52.36 33.92 27.57
CA LEU E 72 50.95 34.27 27.40
C LEU E 72 50.08 33.02 27.33
N VAL E 73 50.53 32.00 26.61
CA VAL E 73 49.79 30.75 26.48
C VAL E 73 50.17 29.83 27.63
N GLN E 74 49.32 28.83 27.87
CA GLN E 74 49.55 27.87 28.95
C GLN E 74 50.56 26.83 28.48
N LYS E 75 51.73 26.81 29.12
CA LYS E 75 52.78 25.85 28.81
C LYS E 75 53.22 25.17 30.09
N ASN E 76 53.25 23.83 30.07
CA ASN E 76 53.62 23.05 31.24
C ASN E 76 54.99 22.39 31.10
N VAL E 77 55.76 22.77 30.09
CA VAL E 77 57.08 22.18 29.87
C VAL E 77 57.96 23.23 29.21
N THR E 78 59.21 23.31 29.66
CA THR E 78 60.21 24.21 29.09
C THR E 78 61.44 23.40 28.72
N SER E 79 61.92 23.59 27.49
CA SER E 79 63.08 22.86 26.99
C SER E 79 64.01 23.81 26.27
N GLU E 80 65.32 23.59 26.44
CA GLU E 80 66.35 24.36 25.77
C GLU E 80 67.04 23.45 24.76
N SER E 81 67.09 23.89 23.50
CA SER E 81 67.64 23.11 22.40
C SER E 81 68.90 23.77 21.87
N THR E 82 69.98 22.99 21.77
CA THR E 82 71.23 23.45 21.20
C THR E 82 71.64 22.47 20.10
N CYS E 83 72.00 23.00 18.94
CA CYS E 83 72.34 22.19 17.79
C CYS E 83 73.65 22.67 17.18
N CYS E 84 74.40 21.74 16.61
CA CYS E 84 75.65 22.05 15.93
C CYS E 84 75.34 22.54 14.51
N VAL E 85 75.71 23.79 14.22
CA VAL E 85 75.47 24.40 12.93
C VAL E 85 76.77 24.99 12.42
N ALA E 86 76.85 25.14 11.09
CA ALA E 86 78.05 25.66 10.45
C ALA E 86 78.14 27.17 10.67
N LYS E 87 79.28 27.62 11.19
CA LYS E 87 79.48 29.05 11.41
C LYS E 87 79.46 29.82 10.09
N SER E 88 80.11 29.28 9.07
CA SER E 88 80.15 29.92 7.76
C SER E 88 80.29 28.86 6.69
N TYR E 89 79.91 29.22 5.46
CA TYR E 89 79.99 28.32 4.32
C TYR E 89 80.54 29.07 3.12
N ASN E 90 81.16 28.32 2.21
CA ASN E 90 81.74 28.87 1.00
C ASN E 90 80.99 28.33 -0.22
N ARG E 91 81.33 28.88 -1.38
CA ARG E 91 80.71 28.47 -2.64
C ARG E 91 81.49 27.31 -3.24
N VAL E 92 80.78 26.22 -3.55
CA VAL E 92 81.39 25.03 -4.13
C VAL E 92 80.52 24.56 -5.29
N THR E 93 81.13 23.74 -6.15
CA THR E 93 80.47 23.19 -7.32
C THR E 93 80.37 21.68 -7.17
N VAL E 94 79.18 21.14 -7.39
CA VAL E 94 78.92 19.71 -7.27
C VAL E 94 78.71 19.13 -8.67
N MET E 95 78.78 17.80 -8.74
CA MET E 95 78.59 17.11 -10.01
C MET E 95 77.16 17.33 -10.53
N GLY E 96 77.04 17.43 -11.85
CA GLY E 96 75.75 17.64 -12.47
C GLY E 96 75.31 19.09 -12.54
N GLY E 97 76.16 20.03 -12.14
CA GLY E 97 75.81 21.43 -12.17
C GLY E 97 75.04 21.93 -10.97
N PHE E 98 74.76 21.07 -9.99
CA PHE E 98 74.04 21.51 -8.80
C PHE E 98 74.94 22.37 -7.93
N LYS E 99 74.40 23.49 -7.46
CA LYS E 99 75.15 24.41 -6.61
C LYS E 99 75.01 24.00 -5.16
N VAL E 100 76.14 23.80 -4.48
CA VAL E 100 76.16 23.41 -3.08
C VAL E 100 77.16 24.29 -2.34
N GLU E 101 77.00 24.33 -1.02
CA GLU E 101 77.86 25.12 -0.15
C GLU E 101 78.66 24.19 0.75
N ASN E 102 79.95 24.49 0.90
CA ASN E 102 80.86 23.70 1.73
C ASN E 102 81.10 24.43 3.03
N HIS E 103 80.85 23.75 4.15
CA HIS E 103 81.04 24.35 5.45
C HIS E 103 82.52 24.54 5.76
N THR E 104 82.83 25.61 6.48
CA THR E 104 84.19 25.92 6.88
C THR E 104 84.43 25.90 8.38
N ALA E 105 83.37 25.96 9.19
CA ALA E 105 83.51 25.91 10.64
C ALA E 105 82.26 25.29 11.23
N CYS E 106 82.38 24.79 12.45
CA CYS E 106 81.29 24.15 13.16
C CYS E 106 81.23 24.64 14.59
N HIS E 107 80.02 24.90 15.07
CA HIS E 107 79.82 25.35 16.44
C HIS E 107 78.40 25.04 16.86
N CYS E 108 78.18 24.98 18.17
CA CYS E 108 76.88 24.71 18.75
C CYS E 108 76.40 25.99 19.44
N SER E 109 75.57 26.76 18.73
CA SER E 109 75.04 28.02 19.24
C SER E 109 73.53 27.98 19.43
N THR E 110 72.79 27.60 18.40
CA THR E 110 71.32 27.55 18.47
C THR E 110 70.84 26.58 17.40
N CYS E 111 69.51 26.56 17.20
CA CYS E 111 68.89 25.70 16.21
C CYS E 111 67.94 26.53 15.35
N TYR E 112 67.79 26.10 14.09
CA TYR E 112 66.94 26.77 13.13
C TYR E 112 65.72 25.95 12.72
N TYR E 113 65.93 24.67 12.41
CA TYR E 113 64.86 23.78 11.98
C TYR E 113 64.37 22.88 13.10
N HIS E 114 64.75 23.17 14.35
CA HIS E 114 64.32 22.33 15.47
C HIS E 114 62.80 22.35 15.62
N LYS E 115 62.20 23.53 15.48
CA LYS E 115 60.75 23.66 15.62
C LYS E 115 60.05 22.92 14.48
N SER E 116 58.91 22.31 14.80
CA SER E 116 58.14 21.56 13.82
C SER E 116 56.64 21.81 14.01
N LYS F 22 74.08 4.56 31.15
CA LYS F 22 74.78 5.04 29.92
C LYS F 22 76.20 5.51 30.26
N GLU F 23 76.96 5.87 29.23
CA GLU F 23 78.32 6.33 29.45
C GLU F 23 78.32 7.68 30.17
N PRO F 24 79.34 7.94 30.98
CA PRO F 24 79.39 9.23 31.68
C PRO F 24 79.49 10.43 30.76
N LEU F 25 79.94 10.24 29.53
CA LEU F 25 80.10 11.33 28.57
C LEU F 25 79.07 11.19 27.46
N ARG F 26 78.47 12.31 27.08
CA ARG F 26 77.45 12.35 26.05
C ARG F 26 76.30 11.41 26.41
N PRO F 27 75.67 11.59 27.56
CA PRO F 27 74.54 10.74 27.93
C PRO F 27 73.37 10.93 26.98
N ARG F 28 72.59 9.86 26.82
CA ARG F 28 71.43 9.88 25.96
C ARG F 28 70.28 10.61 26.66
N CYS F 29 69.16 10.77 25.94
CA CYS F 29 67.99 11.45 26.49
C CYS F 29 67.24 10.53 27.44
N ARG F 30 67.58 10.60 28.73
CA ARG F 30 66.95 9.79 29.75
C ARG F 30 66.57 10.66 30.95
N PRO F 31 65.56 10.26 31.71
CA PRO F 31 65.16 11.06 32.87
C PRO F 31 66.26 11.11 33.92
N ILE F 32 66.31 12.23 34.64
CA ILE F 32 67.29 12.45 35.70
C ILE F 32 66.56 12.98 36.93
N ASN F 33 67.21 12.79 38.08
CA ASN F 33 66.65 13.22 39.36
C ASN F 33 67.00 14.69 39.57
N ALA F 34 66.32 15.55 38.83
CA ALA F 34 66.54 16.99 38.92
C ALA F 34 65.58 17.62 39.91
N THR F 35 65.84 18.88 40.23
CA THR F 35 65.03 19.66 41.16
C THR F 35 64.32 20.77 40.40
N LEU F 36 63.00 20.85 40.56
CA LEU F 36 62.18 21.85 39.87
C LEU F 36 61.36 22.61 40.90
N ALA F 37 61.25 23.92 40.70
CA ALA F 37 60.48 24.77 41.59
C ALA F 37 59.03 24.83 41.13
N VAL F 38 58.11 24.59 42.06
CA VAL F 38 56.67 24.60 41.78
C VAL F 38 56.05 25.72 42.60
N GLU F 39 55.34 26.61 41.94
CA GLU F 39 54.68 27.73 42.61
C GLU F 39 53.52 28.22 41.75
N LYS F 40 52.65 29.00 42.37
CA LYS F 40 51.47 29.54 41.72
C LYS F 40 51.47 31.06 41.83
N GLU F 41 50.79 31.70 40.89
CA GLU F 41 50.71 33.16 40.91
C GLU F 41 50.02 33.67 42.16
N GLY F 42 48.94 33.00 42.58
CA GLY F 42 48.23 33.39 43.78
C GLY F 42 48.90 33.00 45.08
N CYS F 43 49.89 32.12 45.03
CA CYS F 43 50.62 31.69 46.22
C CYS F 43 52.05 32.19 46.14
N PRO F 44 52.42 33.26 46.84
CA PRO F 44 53.81 33.75 46.76
C PRO F 44 54.84 32.75 47.26
N VAL F 45 54.44 31.78 48.10
CA VAL F 45 55.40 30.82 48.62
C VAL F 45 55.85 29.90 47.50
N CYS F 46 57.16 29.72 47.38
CA CYS F 46 57.77 28.85 46.38
C CYS F 46 58.26 27.58 47.04
N ILE F 47 57.87 26.43 46.49
CA ILE F 47 58.24 25.13 47.01
C ILE F 47 58.95 24.35 45.91
N THR F 48 60.13 23.82 46.23
CA THR F 48 60.92 23.03 45.29
C THR F 48 60.96 21.59 45.75
N VAL F 49 60.60 20.67 44.85
CA VAL F 49 60.58 19.25 45.14
C VAL F 49 61.27 18.51 44.01
N ASN F 50 61.71 17.29 44.32
CA ASN F 50 62.38 16.47 43.31
C ASN F 50 61.42 16.08 42.20
N THR F 51 61.91 16.12 40.96
CA THR F 51 61.10 15.79 39.81
C THR F 51 61.99 15.18 38.73
N THR F 52 61.36 14.46 37.81
CA THR F 52 62.07 13.81 36.71
C THR F 52 62.11 14.76 35.52
N ILE F 53 63.33 15.11 35.09
CA ILE F 53 63.54 16.02 33.97
C ILE F 53 64.23 15.24 32.85
N CYS F 54 63.68 15.31 31.65
CA CYS F 54 64.23 14.61 30.50
C CYS F 54 65.34 15.46 29.89
N ALA F 55 66.59 15.04 30.08
CA ALA F 55 67.74 15.75 29.54
C ALA F 55 68.71 14.74 28.95
N GLY F 56 69.49 15.21 27.98
CA GLY F 56 70.46 14.35 27.31
C GLY F 56 70.74 14.86 25.91
N TYR F 57 71.32 13.97 25.11
CA TYR F 57 71.69 14.28 23.74
C TYR F 57 71.15 13.21 22.81
N CYS F 58 70.68 13.64 21.64
CA CYS F 58 70.17 12.76 20.60
C CYS F 58 70.84 13.10 19.28
N PRO F 59 70.95 12.13 18.37
CA PRO F 59 71.62 12.40 17.09
C PRO F 59 70.90 13.49 16.31
N THR F 60 71.68 14.33 15.63
CA THR F 60 71.15 15.41 14.83
C THR F 60 72.06 15.64 13.64
N MET F 61 71.48 16.15 12.56
CA MET F 61 72.23 16.41 11.33
C MET F 61 71.51 17.48 10.53
N THR F 62 72.23 18.07 9.59
CA THR F 62 71.70 19.09 8.71
C THR F 62 71.80 18.63 7.26
N ARG F 63 70.81 19.00 6.47
CA ARG F 63 70.79 18.61 5.06
C ARG F 63 72.01 19.16 4.33
N VAL F 64 72.66 18.32 3.54
CA VAL F 64 73.84 18.74 2.78
C VAL F 64 73.48 19.51 1.53
N LEU F 65 72.21 19.51 1.13
CA LEU F 65 71.76 20.23 -0.06
C LEU F 65 70.53 21.06 0.28
N GLN F 66 70.40 22.20 -0.40
CA GLN F 66 69.29 23.11 -0.20
C GLN F 66 68.70 23.51 -1.55
N GLY F 67 67.41 23.85 -1.54
CA GLY F 67 66.72 24.25 -2.74
C GLY F 67 66.21 23.10 -3.60
N VAL F 68 66.42 21.86 -3.18
CA VAL F 68 65.97 20.68 -3.93
C VAL F 68 65.05 19.81 -3.09
N LEU F 69 65.51 19.39 -1.91
CA LEU F 69 64.73 18.54 -1.03
C LEU F 69 64.32 19.30 0.24
N PRO F 70 63.20 18.92 0.85
CA PRO F 70 62.78 19.60 2.07
C PRO F 70 63.77 19.39 3.21
N ALA F 71 63.84 20.39 4.09
CA ALA F 71 64.76 20.32 5.22
C ALA F 71 64.35 19.18 6.16
N LEU F 72 65.36 18.48 6.68
CA LEU F 72 65.13 17.35 7.56
C LEU F 72 64.95 17.85 8.99
N PRO F 73 63.82 17.55 9.65
CA PRO F 73 63.65 18.01 11.03
C PRO F 73 64.67 17.36 11.96
N GLN F 74 65.01 18.09 13.03
CA GLN F 74 65.97 17.64 14.01
C GLN F 74 65.26 17.22 15.28
N VAL F 75 65.57 16.02 15.77
CA VAL F 75 64.96 15.51 16.98
C VAL F 75 65.57 16.19 18.19
N VAL F 76 64.72 16.53 19.16
CA VAL F 76 65.14 17.21 20.39
C VAL F 76 64.67 16.39 21.57
N CYS F 77 65.56 16.18 22.54
CA CYS F 77 65.21 15.39 23.71
C CYS F 77 64.02 16.01 24.44
N ASN F 78 63.05 15.18 24.78
CA ASN F 78 61.84 15.63 25.46
C ASN F 78 61.21 14.44 26.17
N TYR F 79 60.12 14.71 26.88
CA TYR F 79 59.40 13.67 27.62
C TYR F 79 58.21 13.18 26.79
N ARG F 80 58.08 11.86 26.68
CA ARG F 80 56.99 11.24 25.94
C ARG F 80 55.79 10.94 26.82
N ASP F 81 56.01 10.31 27.98
CA ASP F 81 54.97 9.99 28.93
C ASP F 81 55.27 10.67 30.26
N VAL F 82 54.25 11.32 30.83
CA VAL F 82 54.40 12.05 32.08
C VAL F 82 53.28 11.64 33.03
N ARG F 83 53.52 11.86 34.32
CA ARG F 83 52.56 11.57 35.37
C ARG F 83 52.31 12.83 36.20
N PHE F 84 51.06 13.03 36.59
CA PHE F 84 50.67 14.22 37.34
C PHE F 84 50.79 13.95 38.83
N GLU F 85 51.49 14.83 39.53
CA GLU F 85 51.68 14.75 40.97
C GLU F 85 51.29 16.07 41.61
N SER F 86 50.71 15.98 42.81
CA SER F 86 50.25 17.15 43.55
C SER F 86 50.76 17.09 44.98
N ILE F 87 51.00 18.27 45.55
CA ILE F 87 51.47 18.40 46.93
C ILE F 87 50.64 19.47 47.63
N ARG F 88 50.61 19.39 48.95
CA ARG F 88 49.84 20.34 49.74
C ARG F 88 50.47 21.72 49.67
N LEU F 89 49.62 22.75 49.62
CA LEU F 89 50.08 24.12 49.56
C LEU F 89 50.02 24.72 50.97
N PRO F 90 51.15 25.05 51.57
CA PRO F 90 51.14 25.55 52.96
C PRO F 90 50.79 27.03 53.03
N GLY F 91 49.60 27.33 53.54
CA GLY F 91 49.22 28.70 53.81
C GLY F 91 49.26 29.62 52.61
N CYS F 92 48.76 29.16 51.46
CA CYS F 92 48.69 30.01 50.30
C CYS F 92 47.58 31.05 50.46
N PRO F 93 47.68 32.17 49.74
CA PRO F 93 46.66 33.21 49.88
C PRO F 93 45.28 32.70 49.49
N ARG F 94 44.27 33.22 50.19
CA ARG F 94 42.89 32.83 49.92
C ARG F 94 42.42 33.43 48.61
N GLY F 95 41.28 32.92 48.12
CA GLY F 95 40.71 33.37 46.87
C GLY F 95 41.09 32.54 45.66
N VAL F 96 42.09 31.67 45.78
CA VAL F 96 42.53 30.81 44.69
C VAL F 96 42.68 29.39 45.22
N ASN F 97 42.63 28.44 44.30
CA ASN F 97 42.76 27.03 44.67
C ASN F 97 44.19 26.73 45.09
N PRO F 98 44.44 26.22 46.29
CA PRO F 98 45.81 25.91 46.73
C PRO F 98 46.25 24.52 46.27
N VAL F 99 46.29 24.32 44.96
CA VAL F 99 46.68 23.06 44.35
C VAL F 99 47.80 23.32 43.36
N VAL F 100 48.87 22.53 43.45
CA VAL F 100 50.02 22.63 42.55
C VAL F 100 50.18 21.30 41.84
N SER F 101 50.27 21.35 40.51
CA SER F 101 50.40 20.16 39.68
C SER F 101 51.75 20.15 39.00
N TYR F 102 52.43 19.00 39.05
CA TYR F 102 53.74 18.83 38.43
C TYR F 102 53.73 17.56 37.59
N ALA F 103 54.54 17.58 36.53
CA ALA F 103 54.64 16.46 35.60
C ALA F 103 55.92 15.68 35.86
N VAL F 104 55.79 14.37 36.05
CA VAL F 104 56.91 13.48 36.27
C VAL F 104 56.95 12.48 35.12
N ALA F 105 58.08 12.41 34.43
CA ALA F 105 58.24 11.54 33.28
C ALA F 105 59.07 10.32 33.64
N LEU F 106 58.57 9.14 33.29
CA LEU F 106 59.28 7.89 33.53
C LEU F 106 60.13 7.48 32.34
N SER F 107 59.79 7.92 31.14
CA SER F 107 60.55 7.61 29.94
C SER F 107 60.76 8.89 29.15
N CYS F 108 61.91 8.98 28.48
CA CYS F 108 62.27 10.14 27.69
C CYS F 108 62.76 9.71 26.31
N GLN F 109 62.47 10.52 25.30
CA GLN F 109 62.89 10.24 23.94
C GLN F 109 63.05 11.56 23.20
N CYS F 110 63.84 11.52 22.12
CA CYS F 110 64.10 12.69 21.30
C CYS F 110 63.18 12.69 20.09
N ALA F 111 62.37 13.74 19.96
CA ALA F 111 61.41 13.85 18.88
C ALA F 111 61.03 15.32 18.71
N LEU F 112 60.38 15.62 17.60
CA LEU F 112 59.97 16.98 17.32
C LEU F 112 58.97 17.46 18.37
N CYS F 113 59.07 18.73 18.74
CA CYS F 113 58.21 19.33 19.76
C CYS F 113 57.07 20.07 19.07
N ARG F 114 55.84 19.78 19.51
CA ARG F 114 54.67 20.45 18.95
C ARG F 114 54.66 21.92 19.34
N ARG F 115 54.11 22.74 18.45
CA ARG F 115 54.06 24.17 18.71
C ARG F 115 53.20 24.47 19.94
N SER F 116 52.04 23.84 20.06
CA SER F 116 51.17 24.04 21.21
C SER F 116 51.56 23.18 22.40
N THR F 117 52.40 22.16 22.21
CA THR F 117 52.81 21.32 23.33
C THR F 117 53.64 22.10 24.33
N THR F 118 54.56 22.93 23.85
CA THR F 118 55.43 23.71 24.72
C THR F 118 55.94 24.92 23.93
N ASP F 119 56.95 25.59 24.48
CA ASP F 119 57.54 26.75 23.83
C ASP F 119 59.00 26.47 23.46
N CYS F 120 59.27 25.29 22.92
CA CYS F 120 60.63 24.92 22.57
C CYS F 120 61.23 25.94 21.61
N GLY F 121 62.46 26.34 21.89
CA GLY F 121 63.15 27.31 21.06
C GLY F 121 64.60 27.50 21.46
N GLY F 122 65.07 28.74 21.47
CA GLY F 122 66.44 29.03 21.84
C GLY F 122 66.71 28.73 23.29
N PRO F 123 67.94 28.33 23.59
CA PRO F 123 68.30 28.02 24.98
C PRO F 123 68.21 29.24 25.87
N LYS F 124 67.87 29.00 27.14
CA LYS F 124 67.76 30.05 28.14
C LYS F 124 68.66 29.83 29.34
N ASP F 125 68.89 28.59 29.75
CA ASP F 125 69.75 28.27 30.89
C ASP F 125 69.26 28.98 32.15
N HIS F 126 67.94 29.07 32.30
CA HIS F 126 67.35 29.70 33.47
C HIS F 126 67.49 28.79 34.69
N PRO F 127 67.67 29.36 35.88
CA PRO F 127 67.78 28.54 37.08
C PRO F 127 66.51 27.73 37.32
N LEU F 128 66.70 26.51 37.83
CA LEU F 128 65.59 25.62 38.12
C LEU F 128 65.05 25.78 39.54
N THR F 129 65.70 26.57 40.38
CA THR F 129 65.27 26.78 41.75
C THR F 129 64.36 28.01 41.81
N CYS F 130 64.02 28.44 43.03
CA CYS F 130 63.16 29.61 43.22
C CYS F 130 64.03 30.87 43.18
N ASP F 131 64.49 31.17 41.96
CA ASP F 131 65.33 32.34 41.72
C ASP F 131 66.67 32.21 42.43
#